data_8GHZ
#
_entry.id   8GHZ
#
_cell.length_a   1.00
_cell.length_b   1.00
_cell.length_c   1.00
_cell.angle_alpha   90.00
_cell.angle_beta   90.00
_cell.angle_gamma   90.00
#
_symmetry.space_group_name_H-M   'P 1'
#
loop_
_entity.id
_entity.type
_entity.pdbx_description
1 polymer 'Teleost immunoglobulin M protein'
2 branched beta-D-mannopyranose-(1-4)-2-acetamido-2-deoxy-beta-D-glucopyranose-(1-4)-2-acetamido-2-deoxy-beta-D-glucopyranose
#
_entity_poly.entity_id   1
_entity_poly.type   'polypeptide(L)'
_entity_poly.pdbx_seq_one_letter_code
;HHHHHHHGHLVVITIIEPSLEDMLMNKKAQLVCDVNELVPGFLSVKWENDNGKTLTSRKGVTDKIAILDITYEDWSNGTV
FYCAVDHMENLGDLVKKAYKRETGGVPQRPSVFLLAPAEQTSDNTVTLTCYVKDFYPKDVLVAWLVDDEPVERTSSSALY
QFNTTSQIQSGRTYSVYSQLTFSNDLWKNEEVVYSCVVYHESMIKSTNIIMRTIDRTSNQPNLVNLSLNVPQRCMAQ
;
_entity_poly.pdbx_strand_id   A,B,C,D,E,F,G,H
#
loop_
_chem_comp.id
_chem_comp.type
_chem_comp.name
_chem_comp.formula
BMA D-saccharide, beta linking beta-D-mannopyranose 'C6 H12 O6'
NAG D-saccharide, beta linking 2-acetamido-2-deoxy-beta-D-glucopyranose 'C8 H15 N O6'
#
# COMPACT_ATOMS: atom_id res chain seq x y z
N THR A 14 50.81 33.57 26.50
CA THR A 14 49.63 33.43 27.35
C THR A 14 48.49 32.77 26.57
N ILE A 15 47.45 32.37 27.30
CA ILE A 15 46.30 31.71 26.70
C ILE A 15 45.14 31.75 27.69
N ILE A 16 43.96 32.10 27.20
CA ILE A 16 42.77 32.24 28.05
C ILE A 16 41.76 31.19 27.64
N GLU A 17 40.84 30.88 28.56
CA GLU A 17 39.83 29.86 28.34
C GLU A 17 38.46 30.47 28.58
N PRO A 18 37.53 30.36 27.61
CA PRO A 18 36.20 30.96 27.82
C PRO A 18 35.46 30.30 28.97
N SER A 19 34.63 31.10 29.64
CA SER A 19 33.86 30.60 30.77
C SER A 19 32.91 29.49 30.33
N LEU A 20 32.72 28.50 31.20
CA LEU A 20 31.85 27.38 30.89
C LEU A 20 30.41 27.85 30.69
N GLU A 21 29.78 27.38 29.62
CA GLU A 21 28.39 27.76 29.35
C GLU A 21 27.44 27.12 30.36
N ASP A 22 27.67 25.84 30.68
CA ASP A 22 26.77 25.15 31.60
C ASP A 22 26.76 25.86 32.95
N MET A 23 27.95 26.20 33.46
CA MET A 23 28.04 26.93 34.72
C MET A 23 27.37 28.29 34.57
N LEU A 24 27.62 28.98 33.46
CA LEU A 24 27.05 30.29 33.21
C LEU A 24 25.53 30.26 33.08
N MET A 25 24.94 29.08 32.93
CA MET A 25 23.50 28.93 33.07
C MET A 25 23.05 28.99 34.53
N ASN A 26 23.95 29.32 35.46
CA ASN A 26 23.61 29.70 36.82
C ASN A 26 23.94 31.16 37.11
N LYS A 27 24.25 31.94 36.07
CA LYS A 27 24.57 33.37 36.17
C LYS A 27 25.90 33.64 36.85
N LYS A 28 26.80 32.65 36.90
CA LYS A 28 28.12 32.85 37.46
C LYS A 28 29.10 31.98 36.68
N ALA A 29 30.39 32.35 36.74
CA ALA A 29 31.42 31.52 36.12
C ALA A 29 32.79 32.11 36.46
N GLN A 30 33.82 31.44 35.97
CA GLN A 30 35.20 31.82 36.24
C GLN A 30 36.00 31.83 34.94
N LEU A 31 36.69 32.94 34.71
CA LEU A 31 37.55 33.14 33.55
C LEU A 31 39.00 32.98 33.99
N VAL A 32 39.63 31.89 33.56
CA VAL A 32 41.00 31.59 33.94
C VAL A 32 41.94 32.13 32.87
N CYS A 33 43.11 32.59 33.31
CA CYS A 33 44.14 33.16 32.45
C CYS A 33 45.43 32.39 32.69
N ASP A 34 45.88 31.66 31.68
CA ASP A 34 47.11 30.89 31.73
C ASP A 34 48.23 31.64 30.99
N VAL A 35 49.46 31.40 31.41
CA VAL A 35 50.64 32.08 30.88
C VAL A 35 51.46 31.06 30.10
N ASN A 36 51.87 31.43 28.88
CA ASN A 36 52.65 30.55 28.02
C ASN A 36 54.11 30.97 27.89
N GLU A 37 54.46 32.21 28.25
CA GLU A 37 55.85 32.65 28.14
C GLU A 37 56.65 32.04 29.27
N LEU A 38 56.83 30.71 29.22
CA LEU A 38 57.55 29.98 30.25
C LEU A 38 59.04 29.85 29.97
N VAL A 39 59.50 30.25 28.79
CA VAL A 39 60.94 30.15 28.49
C VAL A 39 61.76 30.97 29.48
N PRO A 40 61.44 32.25 29.73
CA PRO A 40 62.11 32.96 30.83
C PRO A 40 61.37 32.75 32.15
N GLY A 41 61.84 33.39 33.21
CA GLY A 41 61.17 33.30 34.49
C GLY A 41 59.83 34.02 34.45
N PHE A 42 59.13 33.96 35.59
CA PHE A 42 57.86 34.63 35.73
C PHE A 42 57.78 35.27 37.11
N LEU A 43 57.01 36.36 37.21
CA LEU A 43 56.89 37.11 38.46
C LEU A 43 55.46 37.07 39.01
N SER A 44 54.48 37.59 38.27
CA SER A 44 53.11 37.64 38.78
C SER A 44 52.14 37.89 37.64
N VAL A 45 50.90 37.44 37.85
CA VAL A 45 49.81 37.67 36.92
C VAL A 45 49.00 38.87 37.41
N LYS A 46 48.18 39.43 36.52
CA LYS A 46 47.34 40.56 36.90
C LYS A 46 46.08 40.54 36.05
N TRP A 47 44.96 40.91 36.66
CA TRP A 47 43.68 41.05 35.97
C TRP A 47 43.17 42.47 36.16
N GLU A 48 43.05 43.21 35.06
CA GLU A 48 42.68 44.61 35.06
C GLU A 48 41.43 44.82 34.22
N ASN A 49 40.99 46.09 34.19
CA ASN A 49 39.85 46.53 33.41
C ASN A 49 40.33 47.13 32.09
N ASP A 50 39.37 47.52 31.25
CA ASP A 50 39.72 48.20 30.00
C ASP A 50 40.46 49.50 30.27
N ASN A 51 40.02 50.27 31.26
CA ASN A 51 40.68 51.53 31.60
C ASN A 51 41.98 51.32 32.37
N GLY A 52 42.34 50.08 32.67
CA GLY A 52 43.52 49.80 33.47
C GLY A 52 43.32 49.87 34.97
N LYS A 53 42.09 50.08 35.43
CA LYS A 53 41.83 50.17 36.86
C LYS A 53 42.09 48.84 37.55
N THR A 54 42.29 48.91 38.87
CA THR A 54 42.58 47.73 39.66
C THR A 54 41.33 46.88 39.79
N LEU A 55 41.29 45.75 39.10
CA LEU A 55 40.16 44.84 39.12
C LEU A 55 40.49 43.66 40.02
N THR A 56 39.71 43.47 41.07
CA THR A 56 39.98 42.42 42.04
C THR A 56 39.95 41.05 41.36
N SER A 57 40.85 40.17 41.78
CA SER A 57 40.97 38.85 41.21
C SER A 57 41.35 37.87 42.31
N ARG A 58 41.65 36.63 41.92
CA ARG A 58 42.03 35.58 42.85
C ARG A 58 43.17 34.79 42.22
N LYS A 59 43.75 33.88 43.00
CA LYS A 59 44.86 33.05 42.56
C LYS A 59 44.47 31.59 42.59
N GLY A 60 44.87 30.85 41.56
CA GLY A 60 44.57 29.45 41.42
C GLY A 60 45.63 28.57 42.03
N VAL A 61 45.74 27.35 41.50
CA VAL A 61 46.71 26.39 42.03
C VAL A 61 48.12 26.90 41.86
N THR A 62 48.44 27.43 40.68
CA THR A 62 49.77 27.94 40.38
C THR A 62 49.74 29.45 40.21
N ASP A 63 50.89 30.09 40.48
CA ASP A 63 51.00 31.53 40.36
C ASP A 63 50.80 32.02 38.93
N LYS A 64 51.06 31.17 37.93
CA LYS A 64 50.89 31.54 36.54
C LYS A 64 49.43 31.49 36.08
N ILE A 65 48.50 31.16 36.97
CA ILE A 65 47.09 31.00 36.63
C ILE A 65 46.32 32.06 37.40
N ALA A 66 45.54 32.89 36.70
CA ALA A 66 44.72 33.92 37.32
C ALA A 66 43.25 33.60 37.09
N ILE A 67 42.48 33.52 38.16
CA ILE A 67 41.05 33.23 38.07
C ILE A 67 40.27 34.51 38.36
N LEU A 68 39.20 34.74 37.60
CA LEU A 68 38.36 35.92 37.80
C LEU A 68 36.90 35.50 37.75
N ASP A 69 36.14 35.81 38.79
CA ASP A 69 34.73 35.44 38.87
C ASP A 69 33.88 36.49 38.15
N ILE A 70 33.05 36.04 37.22
CA ILE A 70 32.21 36.92 36.40
C ILE A 70 30.76 36.47 36.46
N THR A 71 29.86 37.43 36.61
CA THR A 71 28.43 37.19 36.61
C THR A 71 27.89 37.31 35.18
N TYR A 72 26.63 36.87 35.01
CA TYR A 72 26.03 36.90 33.68
C TYR A 72 25.89 38.33 33.15
N GLU A 73 25.69 39.30 34.03
CA GLU A 73 25.52 40.68 33.59
C GLU A 73 26.66 41.13 32.70
N ASP A 74 27.89 41.08 33.23
CA ASP A 74 29.04 41.55 32.46
C ASP A 74 29.25 40.70 31.22
N TRP A 75 29.17 39.38 31.37
CA TRP A 75 29.43 38.48 30.25
C TRP A 75 28.50 38.78 29.07
N SER A 76 27.21 38.94 29.36
CA SER A 76 26.24 39.25 28.30
C SER A 76 26.43 40.66 27.77
N ASN A 77 26.75 41.62 28.65
CA ASN A 77 26.85 43.00 28.22
C ASN A 77 27.99 43.20 27.23
N GLY A 78 29.01 42.35 27.28
CA GLY A 78 30.14 42.46 26.40
C GLY A 78 31.34 43.17 26.99
N THR A 79 31.37 43.40 28.30
CA THR A 79 32.51 44.06 28.92
C THR A 79 33.78 43.25 28.68
N VAL A 80 34.88 43.95 28.44
CA VAL A 80 36.16 43.35 28.10
C VAL A 80 37.11 43.55 29.26
N PHE A 81 37.76 42.45 29.69
CA PHE A 81 38.75 42.46 30.75
C PHE A 81 40.13 42.22 30.14
N TYR A 82 41.16 42.54 30.92
CA TYR A 82 42.53 42.43 30.43
C TYR A 82 43.36 41.61 31.39
N CYS A 83 44.09 40.62 30.87
CA CYS A 83 45.01 39.83 31.66
C CYS A 83 46.44 40.16 31.24
N ALA A 84 47.28 40.49 32.22
CA ALA A 84 48.63 40.96 31.95
C ALA A 84 49.64 40.14 32.74
N VAL A 85 50.85 40.04 32.19
CA VAL A 85 51.98 39.35 32.80
C VAL A 85 53.03 40.41 33.14
N ASP A 86 53.59 40.31 34.34
CA ASP A 86 54.52 41.34 34.83
C ASP A 86 55.85 40.72 35.22
N HIS A 87 56.42 39.88 34.36
CA HIS A 87 57.70 39.27 34.65
C HIS A 87 58.78 40.34 34.81
N MET A 88 59.70 40.11 35.74
CA MET A 88 60.75 41.08 36.03
C MET A 88 61.60 41.37 34.81
N GLU A 89 61.75 40.41 33.90
CA GLU A 89 62.51 40.65 32.67
C GLU A 89 61.67 41.20 31.55
N ASN A 90 60.39 40.85 31.49
CA ASN A 90 59.49 41.30 30.45
C ASN A 90 58.79 42.62 30.78
N LEU A 91 59.14 43.26 31.90
CA LEU A 91 58.50 44.50 32.29
C LEU A 91 58.76 45.62 31.28
N GLY A 92 59.77 45.46 30.42
CA GLY A 92 60.01 46.47 29.39
C GLY A 92 58.79 46.68 28.51
N ASP A 93 58.10 45.60 28.17
CA ASP A 93 56.84 45.63 27.46
C ASP A 93 55.74 45.08 28.36
N LEU A 94 54.50 45.11 27.87
CA LEU A 94 53.37 44.58 28.61
C LEU A 94 52.46 43.82 27.66
N VAL A 95 52.34 42.52 27.85
CA VAL A 95 51.43 41.69 27.05
C VAL A 95 50.09 41.72 27.78
N LYS A 96 49.33 42.79 27.53
CA LYS A 96 48.03 42.99 28.17
C LYS A 96 46.91 42.42 27.30
N LYS A 97 46.90 41.09 27.23
CA LYS A 97 45.87 40.40 26.46
C LYS A 97 44.48 40.81 26.95
N ALA A 98 43.48 40.54 26.12
CA ALA A 98 42.10 40.92 26.43
C ALA A 98 41.15 39.80 26.06
N TYR A 99 39.92 39.92 26.54
CA TYR A 99 38.85 38.94 26.34
C TYR A 99 37.73 39.65 25.59
N LYS A 100 37.73 39.51 24.27
CA LYS A 100 36.75 40.17 23.41
C LYS A 100 35.70 39.17 22.97
N ARG A 101 34.44 39.45 23.28
CA ARG A 101 33.30 38.62 22.90
C ARG A 101 32.53 39.31 21.78
N GLU A 102 32.28 38.58 20.69
CA GLU A 102 31.49 39.10 19.58
C GLU A 102 30.03 39.16 19.99
N THR A 103 29.48 40.36 20.10
CA THR A 103 28.11 40.57 20.56
C THR A 103 27.38 41.45 19.56
N GLY A 104 26.20 41.00 19.13
CA GLY A 104 25.42 41.75 18.16
C GLY A 104 24.07 41.09 17.94
N GLY A 105 23.20 41.82 17.26
CA GLY A 105 21.89 41.28 16.93
C GLY A 105 21.17 40.72 18.13
N VAL A 106 20.48 39.60 17.92
CA VAL A 106 19.79 38.91 19.01
C VAL A 106 19.96 37.41 18.83
N PRO A 107 19.79 36.65 19.91
CA PRO A 107 19.88 35.19 19.80
C PRO A 107 18.84 34.65 18.82
N GLN A 108 19.25 33.64 18.04
CA GLN A 108 18.38 32.99 17.07
C GLN A 108 18.10 31.56 17.51
N ARG A 109 16.83 31.24 17.72
CA ARG A 109 16.40 29.92 18.19
C ARG A 109 16.95 28.83 17.27
N PRO A 110 17.92 28.03 17.70
CA PRO A 110 18.46 26.99 16.82
C PRO A 110 17.52 25.81 16.67
N SER A 111 17.50 25.25 15.46
CA SER A 111 16.78 24.02 15.16
C SER A 111 17.77 22.87 15.13
N VAL A 112 17.51 21.82 15.91
CA VAL A 112 18.42 20.69 16.06
C VAL A 112 17.75 19.45 15.49
N PHE A 113 18.47 18.71 14.65
CA PHE A 113 17.96 17.53 13.98
C PHE A 113 18.81 16.31 14.34
N LEU A 114 18.13 15.18 14.56
CA LEU A 114 18.80 13.90 14.75
C LEU A 114 18.78 13.15 13.42
N LEU A 115 19.95 13.00 12.81
CA LEU A 115 20.04 12.40 11.49
C LEU A 115 19.99 10.86 11.58
N ALA A 116 19.83 10.23 10.43
CA ALA A 116 19.67 8.79 10.39
C ALA A 116 20.93 8.09 10.90
N PRO A 117 20.79 6.97 11.61
CA PRO A 117 21.98 6.23 12.04
C PRO A 117 22.77 5.70 10.86
N ALA A 118 24.08 5.57 11.05
CA ALA A 118 25.00 5.07 10.03
C ALA A 118 25.58 3.75 10.53
N GLU A 119 24.88 2.66 10.24
CA GLU A 119 25.37 1.34 10.63
C GLU A 119 26.61 0.97 9.82
N GLN A 120 27.47 0.15 10.43
CA GLN A 120 28.66 -0.35 9.76
C GLN A 120 28.96 -1.74 10.34
N THR A 121 28.50 -2.77 9.65
CA THR A 121 28.69 -4.14 10.13
C THR A 121 30.14 -4.62 9.95
N SER A 122 30.97 -3.87 9.23
CA SER A 122 32.36 -4.28 9.05
C SER A 122 33.08 -4.38 10.39
N ASP A 123 32.91 -3.39 11.25
CA ASP A 123 33.49 -3.38 12.57
C ASP A 123 32.45 -3.47 13.69
N ASN A 124 31.18 -3.62 13.34
CA ASN A 124 30.11 -3.81 14.33
C ASN A 124 29.99 -2.58 15.24
N THR A 125 29.78 -1.43 14.61
CA THR A 125 29.60 -0.18 15.34
C THR A 125 28.54 0.67 14.64
N VAL A 126 27.94 1.58 15.40
CA VAL A 126 26.95 2.51 14.89
C VAL A 126 27.27 3.90 15.43
N THR A 127 26.83 4.91 14.67
CA THR A 127 27.07 6.32 14.97
C THR A 127 25.77 7.09 14.81
N LEU A 128 25.45 7.92 15.80
CA LEU A 128 24.31 8.81 15.76
C LEU A 128 24.80 10.25 15.68
N THR A 129 24.11 11.07 14.89
CA THR A 129 24.53 12.44 14.63
C THR A 129 23.47 13.42 15.10
N CYS A 130 23.93 14.53 15.69
CA CYS A 130 23.10 15.65 16.10
C CYS A 130 23.59 16.87 15.36
N TYR A 131 22.66 17.58 14.70
CA TYR A 131 23.01 18.68 13.80
C TYR A 131 22.26 19.93 14.20
N VAL A 132 22.98 20.94 14.69
CA VAL A 132 22.38 22.22 15.08
C VAL A 132 22.58 23.17 13.90
N LYS A 133 21.46 23.64 13.36
CA LYS A 133 21.45 24.33 12.06
C LYS A 133 21.87 25.79 12.15
N ASP A 134 21.11 26.63 12.85
CA ASP A 134 21.46 28.04 12.91
C ASP A 134 21.38 28.61 14.31
N PHE A 135 22.31 29.52 14.62
CA PHE A 135 22.41 30.17 15.92
C PHE A 135 23.42 31.29 15.79
N TYR A 136 23.04 32.54 16.07
CA TYR A 136 23.97 33.64 15.85
C TYR A 136 25.16 33.57 16.78
N PRO A 137 25.00 33.65 18.10
CA PRO A 137 26.18 33.71 18.97
C PRO A 137 26.99 32.43 18.90
N LYS A 138 28.32 32.59 18.85
CA LYS A 138 29.20 31.47 18.56
C LYS A 138 29.30 30.48 19.70
N ASP A 139 28.75 30.80 20.88
CA ASP A 139 28.85 29.92 22.04
C ASP A 139 27.69 28.93 22.02
N VAL A 140 28.02 27.64 22.12
CA VAL A 140 27.01 26.59 22.18
C VAL A 140 27.65 25.37 22.82
N LEU A 141 26.81 24.52 23.42
CA LEU A 141 27.27 23.29 24.06
C LEU A 141 26.27 22.19 23.76
N VAL A 142 26.77 20.97 23.64
CA VAL A 142 25.94 19.82 23.30
C VAL A 142 26.36 18.65 24.18
N ALA A 143 25.39 17.93 24.71
CA ALA A 143 25.63 16.76 25.53
C ALA A 143 24.68 15.65 25.13
N TRP A 144 25.11 14.41 25.36
CA TRP A 144 24.35 13.23 25.02
C TRP A 144 23.91 12.52 26.29
N LEU A 145 22.67 12.03 26.29
CA LEU A 145 22.08 11.35 27.43
C LEU A 145 21.59 9.98 27.01
N VAL A 146 21.81 8.98 27.86
CA VAL A 146 21.33 7.62 27.63
C VAL A 146 20.47 7.25 28.84
N ASP A 147 19.16 7.45 28.71
CA ASP A 147 18.24 7.28 29.83
C ASP A 147 18.61 8.20 30.99
N ASP A 148 19.00 9.43 30.67
CA ASP A 148 19.43 10.41 31.67
C ASP A 148 20.64 9.88 32.45
N GLU A 149 21.75 9.81 31.72
CA GLU A 149 23.02 9.27 32.22
C GLU A 149 24.16 9.85 31.39
N PRO A 150 24.32 11.18 31.38
CA PRO A 150 25.28 11.82 30.47
C PRO A 150 26.64 11.15 30.37
N VAL A 151 27.37 11.07 31.48
CA VAL A 151 28.72 10.52 31.47
C VAL A 151 29.09 10.12 32.90
N GLU A 152 29.94 9.09 33.01
CA GLU A 152 30.39 8.54 34.28
C GLU A 152 29.27 7.90 35.09
N ARG A 153 28.08 7.74 34.51
CA ARG A 153 26.95 7.14 35.21
C ARG A 153 26.87 5.63 34.90
N THR A 154 27.98 4.95 35.20
CA THR A 154 28.10 3.50 35.06
C THR A 154 28.01 3.03 33.61
N SER A 155 27.98 3.95 32.65
CA SER A 155 27.87 3.57 31.25
C SER A 155 28.97 4.15 30.37
N SER A 156 29.35 5.41 30.59
CA SER A 156 30.32 6.09 29.72
C SER A 156 31.75 5.83 30.21
N SER A 157 32.12 4.56 30.22
CA SER A 157 33.47 4.13 30.56
C SER A 157 34.20 3.52 29.37
N ALA A 158 33.61 2.51 28.74
CA ALA A 158 34.15 1.93 27.52
C ALA A 158 33.05 1.55 26.53
N LEU A 159 31.84 2.06 26.72
CA LEU A 159 30.68 1.66 25.95
C LEU A 159 30.29 2.72 24.92
N TYR A 160 30.23 3.98 25.32
CA TYR A 160 29.78 5.08 24.47
C TYR A 160 30.90 6.11 24.37
N GLN A 161 31.11 6.63 23.16
CA GLN A 161 32.08 7.70 22.92
C GLN A 161 31.40 8.81 22.17
N PHE A 162 31.77 10.06 22.44
CA PHE A 162 31.14 11.19 21.78
C PHE A 162 32.17 12.26 21.45
N ASN A 163 31.93 12.97 20.36
CA ASN A 163 32.80 14.07 19.99
C ASN A 163 31.99 15.13 19.29
N THR A 164 32.61 16.26 18.98
CA THR A 164 31.96 17.40 18.35
C THR A 164 32.90 18.03 17.34
N THR A 165 32.34 18.44 16.21
CA THR A 165 33.12 19.04 15.14
C THR A 165 33.30 20.54 15.41
N SER A 166 33.90 21.25 14.45
CA SER A 166 34.10 22.68 14.56
C SER A 166 32.86 23.41 14.05
N GLN A 167 32.95 24.74 13.96
CA GLN A 167 31.85 25.58 13.50
C GLN A 167 32.06 25.95 12.03
N ILE A 168 31.01 25.81 11.24
CA ILE A 168 30.99 26.25 9.85
C ILE A 168 30.05 27.46 9.78
N GLN A 169 30.57 28.59 9.29
CA GLN A 169 29.83 29.85 9.31
C GLN A 169 29.37 30.22 7.92
N SER A 170 28.12 30.67 7.84
CA SER A 170 27.53 31.18 6.60
C SER A 170 26.91 32.54 6.93
N GLY A 171 27.24 33.56 6.13
CA GLY A 171 26.74 34.88 6.44
C GLY A 171 27.11 35.25 7.86
N ARG A 172 26.11 35.42 8.72
CA ARG A 172 26.30 35.74 10.13
C ARG A 172 25.49 34.77 10.97
N THR A 173 25.70 33.48 10.73
CA THR A 173 25.09 32.42 11.50
C THR A 173 26.09 31.27 11.56
N TYR A 174 25.73 30.19 12.25
CA TYR A 174 26.66 29.09 12.46
C TYR A 174 25.90 27.78 12.39
N SER A 175 26.62 26.67 12.57
CA SER A 175 26.02 25.34 12.64
C SER A 175 27.13 24.37 13.03
N VAL A 176 26.73 23.23 13.60
CA VAL A 176 27.73 22.26 14.04
C VAL A 176 27.11 20.88 14.07
N TYR A 177 27.95 19.87 13.90
CA TYR A 177 27.59 18.47 14.06
C TYR A 177 28.26 17.91 15.30
N SER A 178 27.63 16.90 15.89
CA SER A 178 28.21 16.15 17.00
C SER A 178 27.81 14.69 16.83
N GLN A 179 28.68 13.79 17.26
CA GLN A 179 28.48 12.37 17.00
C GLN A 179 28.65 11.56 18.28
N LEU A 180 27.91 10.46 18.34
CA LEU A 180 27.99 9.49 19.42
C LEU A 180 28.10 8.11 18.81
N THR A 181 29.13 7.36 19.22
CA THR A 181 29.48 6.08 18.63
C THR A 181 29.43 5.00 19.70
N PHE A 182 28.93 3.83 19.32
CA PHE A 182 28.91 2.68 20.22
C PHE A 182 28.65 1.43 19.39
N SER A 183 28.88 0.28 20.01
CA SER A 183 28.73 -0.99 19.29
C SER A 183 27.27 -1.23 18.94
N ASN A 184 27.05 -1.97 17.85
CA ASN A 184 25.69 -2.25 17.39
C ASN A 184 24.98 -3.26 18.27
N ASP A 185 25.71 -3.99 19.12
CA ASP A 185 25.05 -4.92 20.03
C ASP A 185 24.07 -4.19 20.93
N LEU A 186 24.47 -3.03 21.46
CA LEU A 186 23.56 -2.19 22.22
C LEU A 186 22.48 -1.58 21.33
N TRP A 187 22.77 -1.42 20.03
CA TRP A 187 21.79 -0.88 19.10
C TRP A 187 20.66 -1.86 18.80
N LYS A 188 20.78 -3.11 19.23
CA LYS A 188 19.77 -4.13 18.99
C LYS A 188 18.94 -4.41 20.23
N ASN A 189 19.04 -3.58 21.27
CA ASN A 189 18.22 -3.76 22.46
C ASN A 189 16.77 -3.42 22.14
N GLU A 190 15.88 -3.86 23.04
CA GLU A 190 14.45 -3.69 22.80
C GLU A 190 14.09 -2.21 22.64
N GLU A 191 14.49 -1.38 23.61
CA GLU A 191 14.16 0.03 23.57
C GLU A 191 15.09 0.78 24.50
N VAL A 192 15.82 1.75 23.96
CA VAL A 192 16.68 2.63 24.75
C VAL A 192 16.48 4.05 24.25
N VAL A 193 16.50 5.01 25.17
CA VAL A 193 16.21 6.41 24.88
C VAL A 193 17.53 7.18 24.86
N TYR A 194 17.86 7.76 23.72
CA TYR A 194 19.02 8.63 23.58
C TYR A 194 18.57 10.06 23.33
N SER A 195 19.30 11.01 23.90
CA SER A 195 18.94 12.42 23.82
C SER A 195 20.16 13.25 23.49
N CYS A 196 19.92 14.41 22.88
CA CYS A 196 20.94 15.39 22.49
C CYS A 196 20.51 16.75 23.03
N VAL A 197 20.93 17.07 24.25
CA VAL A 197 20.60 18.37 24.84
C VAL A 197 21.58 19.41 24.33
N VAL A 198 21.07 20.61 24.05
CA VAL A 198 21.84 21.69 23.46
C VAL A 198 21.68 22.92 24.34
N TYR A 199 22.72 23.23 25.12
CA TYR A 199 22.76 24.45 25.93
C TYR A 199 23.25 25.60 25.07
N HIS A 200 22.36 26.56 24.81
CA HIS A 200 22.69 27.75 24.04
C HIS A 200 22.30 28.97 24.86
N GLU A 201 22.98 30.09 24.61
CA GLU A 201 22.77 31.29 25.43
C GLU A 201 21.36 31.83 25.29
N SER A 202 20.55 31.21 24.42
CA SER A 202 19.14 31.54 24.31
C SER A 202 18.28 30.68 25.23
N MET A 203 18.87 30.11 26.28
CA MET A 203 18.16 29.29 27.25
C MET A 203 17.30 28.24 26.53
N ILE A 204 17.92 27.52 25.61
CA ILE A 204 17.20 26.54 24.81
C ILE A 204 16.91 25.29 25.62
N LYS A 205 17.96 24.60 26.06
CA LYS A 205 17.83 23.37 26.82
C LYS A 205 16.80 22.45 26.16
N SER A 206 16.93 22.29 24.85
CA SER A 206 16.00 21.49 24.06
C SER A 206 16.53 20.07 23.94
N THR A 207 15.72 19.09 24.32
CA THR A 207 16.08 17.69 24.25
C THR A 207 15.31 17.02 23.10
N ASN A 208 16.04 16.33 22.24
CA ASN A 208 15.48 15.57 21.13
C ASN A 208 15.80 14.11 21.33
N ILE A 209 14.77 13.26 21.25
CA ILE A 209 14.89 11.85 21.59
C ILE A 209 14.83 11.02 20.32
N ILE A 210 15.65 9.98 20.24
CA ILE A 210 15.61 9.01 19.16
C ILE A 210 15.54 7.61 19.77
N MET A 211 14.66 6.77 19.23
CA MET A 211 14.47 5.44 19.77
C MET A 211 14.32 4.43 18.65
N ARG A 212 14.64 3.18 18.97
CA ARG A 212 14.48 2.03 18.09
C ARG A 212 13.37 1.16 18.67
N THR A 213 12.24 1.08 17.97
CA THR A 213 11.05 0.41 18.46
C THR A 213 10.65 -0.73 17.52
N ILE A 214 9.95 -1.71 18.07
CA ILE A 214 9.46 -2.85 17.31
C ILE A 214 7.94 -2.75 17.25
N ASP A 215 7.39 -2.81 16.03
CA ASP A 215 5.95 -2.80 15.86
C ASP A 215 5.32 -3.98 16.59
N ARG A 216 4.17 -3.73 17.22
CA ARG A 216 3.57 -4.73 18.11
C ARG A 216 2.74 -5.75 17.34
N THR A 217 1.76 -5.28 16.55
CA THR A 217 0.90 -6.21 15.82
C THR A 217 1.72 -7.07 14.86
N SER A 218 2.63 -6.44 14.14
CA SER A 218 3.52 -7.18 13.25
C SER A 218 4.90 -6.76 13.68
N ASN A 219 5.89 -7.62 13.48
CA ASN A 219 7.22 -7.30 13.95
C ASN A 219 8.03 -6.67 12.84
N GLN A 220 8.26 -5.37 12.93
CA GLN A 220 9.05 -4.68 11.93
C GLN A 220 9.83 -3.57 12.59
N PRO A 221 11.08 -3.37 12.16
CA PRO A 221 11.87 -2.37 12.89
C PRO A 221 11.43 -0.96 12.52
N ASN A 222 11.29 -0.11 13.53
CA ASN A 222 10.86 1.27 13.33
C ASN A 222 11.81 2.20 14.09
N LEU A 223 12.03 3.38 13.54
CA LEU A 223 12.89 4.39 14.12
C LEU A 223 12.01 5.59 14.46
N VAL A 224 11.93 5.94 15.73
CA VAL A 224 11.06 7.01 16.20
C VAL A 224 11.89 8.20 16.65
N ASN A 225 11.40 9.40 16.34
CA ASN A 225 12.04 10.64 16.76
C ASN A 225 11.01 11.44 17.52
N LEU A 226 11.42 12.09 18.61
CA LEU A 226 10.47 12.84 19.42
C LEU A 226 11.05 14.19 19.80
N SER A 227 10.21 15.06 20.33
CA SER A 227 10.64 16.39 20.71
C SER A 227 9.76 16.97 21.79
N LEU A 228 9.60 16.25 22.88
CA LEU A 228 8.69 16.72 23.93
C LEU A 228 9.12 18.04 24.48
N ASN A 229 8.24 19.03 24.41
CA ASN A 229 8.53 20.35 24.92
C ASN A 229 7.67 20.58 26.14
N VAL A 230 7.02 19.52 26.61
CA VAL A 230 6.15 19.66 27.76
C VAL A 230 6.91 20.27 28.91
N PRO A 231 6.44 21.40 29.43
CA PRO A 231 7.17 22.09 30.49
C PRO A 231 6.70 21.64 31.86
N GLN A 232 6.28 20.39 31.99
CA GLN A 232 5.75 19.90 33.25
C GLN A 232 6.85 19.70 34.28
N ARG A 233 6.70 20.34 35.44
CA ARG A 233 7.70 20.20 36.49
C ARG A 233 7.00 19.74 37.77
N CYS A 234 7.66 18.87 38.53
CA CYS A 234 7.07 18.38 39.76
C CYS A 234 6.47 19.53 40.54
N THR B 14 56.83 32.96 6.33
CA THR B 14 56.79 32.14 5.12
C THR B 14 55.79 31.01 5.27
N ILE B 15 54.89 30.88 4.30
CA ILE B 15 53.81 29.89 4.34
C ILE B 15 53.85 29.07 3.05
N ILE B 16 53.56 27.77 3.18
CA ILE B 16 53.55 26.86 2.06
C ILE B 16 52.15 26.30 1.91
N GLU B 17 51.85 25.79 0.70
CA GLU B 17 50.54 25.26 0.39
C GLU B 17 50.67 23.83 -0.12
N PRO B 18 49.95 22.87 0.46
CA PRO B 18 50.07 21.49 0.00
C PRO B 18 49.56 21.34 -1.42
N SER B 19 50.16 20.40 -2.15
CA SER B 19 49.76 20.17 -3.53
C SER B 19 48.31 19.72 -3.59
N LEU B 20 47.60 20.18 -4.62
CA LEU B 20 46.20 19.82 -4.77
C LEU B 20 46.05 18.33 -5.00
N GLU B 21 45.08 17.73 -4.30
CA GLU B 21 44.88 16.28 -4.38
C GLU B 21 44.39 15.86 -5.76
N ASP B 22 43.38 16.56 -6.29
CA ASP B 22 42.79 16.15 -7.57
C ASP B 22 43.85 16.06 -8.66
N MET B 23 44.84 16.94 -8.63
CA MET B 23 45.86 16.94 -9.68
C MET B 23 46.85 15.82 -9.47
N LEU B 24 47.25 15.60 -8.21
CA LEU B 24 48.11 14.47 -7.89
C LEU B 24 47.44 13.14 -8.20
N MET B 25 46.11 13.15 -8.39
CA MET B 25 45.42 12.01 -8.99
C MET B 25 45.64 11.92 -10.48
N ASN B 26 46.48 12.79 -11.04
CA ASN B 26 47.02 12.64 -12.40
C ASN B 26 48.52 12.37 -12.38
N LYS B 27 49.09 12.07 -11.21
CA LYS B 27 50.51 11.80 -11.02
C LYS B 27 51.38 13.04 -11.22
N LYS B 28 50.79 14.23 -11.14
CA LYS B 28 51.56 15.47 -11.23
C LYS B 28 50.91 16.51 -10.33
N ALA B 29 51.69 17.51 -9.95
CA ALA B 29 51.15 18.62 -9.16
C ALA B 29 52.20 19.70 -8.96
N GLN B 30 51.84 20.78 -8.27
CA GLN B 30 52.73 21.90 -8.03
C GLN B 30 52.70 22.27 -6.55
N LEU B 31 53.87 22.32 -5.94
CA LEU B 31 54.05 22.69 -4.54
C LEU B 31 54.61 24.10 -4.52
N VAL B 32 53.77 25.06 -4.16
CA VAL B 32 54.18 26.46 -4.11
C VAL B 32 54.51 26.83 -2.66
N CYS B 33 55.52 27.69 -2.49
CA CYS B 33 55.91 28.20 -1.19
C CYS B 33 55.90 29.72 -1.28
N ASP B 34 55.02 30.35 -0.50
CA ASP B 34 54.87 31.79 -0.45
C ASP B 34 55.60 32.33 0.78
N VAL B 35 56.02 33.60 0.68
CA VAL B 35 56.84 34.24 1.71
C VAL B 35 55.98 35.27 2.42
N ASN B 36 56.04 35.26 3.76
CA ASN B 36 55.27 36.17 4.59
C ASN B 36 56.10 37.25 5.26
N GLU B 37 57.42 37.09 5.31
CA GLU B 37 58.29 38.08 5.94
C GLU B 37 58.40 39.30 5.03
N LEU B 38 57.30 40.02 4.87
CA LEU B 38 57.24 41.19 3.99
C LEU B 38 57.59 42.49 4.71
N VAL B 39 57.74 42.47 6.04
CA VAL B 39 58.07 43.70 6.76
C VAL B 39 59.40 44.26 6.29
N PRO B 40 60.49 43.49 6.19
CA PRO B 40 61.70 43.99 5.54
C PRO B 40 61.67 43.72 4.04
N GLY B 41 62.73 44.08 3.33
CA GLY B 41 62.81 43.80 1.91
C GLY B 41 62.92 42.32 1.65
N PHE B 42 62.98 41.98 0.35
CA PHE B 42 63.12 40.59 -0.06
C PHE B 42 64.07 40.53 -1.26
N LEU B 43 64.78 39.39 -1.38
CA LEU B 43 65.75 39.21 -2.45
C LEU B 43 65.35 38.11 -3.41
N SER B 44 65.23 36.86 -2.95
CA SER B 44 64.92 35.75 -3.84
C SER B 44 64.45 34.55 -3.04
N VAL B 45 63.67 33.70 -3.70
CA VAL B 45 63.20 32.44 -3.14
C VAL B 45 64.12 31.33 -3.63
N LYS B 46 64.08 30.19 -2.95
CA LYS B 46 64.90 29.05 -3.36
C LYS B 46 64.22 27.77 -2.94
N TRP B 47 64.35 26.73 -3.77
CA TRP B 47 63.85 25.39 -3.49
C TRP B 47 65.00 24.41 -3.51
N GLU B 48 65.28 23.77 -2.37
CA GLU B 48 66.43 22.92 -2.18
C GLU B 48 65.99 21.51 -1.77
N ASN B 49 66.98 20.63 -1.65
CA ASN B 49 66.79 19.25 -1.21
C ASN B 49 67.08 19.10 0.27
N ASP B 50 66.84 17.90 0.79
CA ASP B 50 67.20 17.59 2.16
C ASP B 50 68.70 17.72 2.39
N ASN B 51 69.49 17.20 1.45
CA ASN B 51 70.95 17.28 1.54
C ASN B 51 71.51 18.63 1.18
N GLY B 52 70.68 19.61 0.80
CA GLY B 52 71.18 20.89 0.36
C GLY B 52 71.56 20.97 -1.09
N LYS B 53 71.32 19.91 -1.88
CA LYS B 53 71.66 19.93 -3.30
C LYS B 53 70.78 20.92 -4.06
N THR B 54 71.26 21.31 -5.24
CA THR B 54 70.56 22.27 -6.10
C THR B 54 69.34 21.62 -6.72
N LEU B 55 68.15 22.01 -6.26
CA LEU B 55 66.89 21.48 -6.78
C LEU B 55 66.28 22.47 -7.75
N THR B 56 66.10 22.04 -9.01
CA THR B 56 65.55 22.92 -10.02
C THR B 56 64.15 23.37 -9.63
N SER B 57 63.82 24.62 -9.92
CA SER B 57 62.53 25.18 -9.52
C SER B 57 62.04 26.13 -10.61
N ARG B 58 60.96 26.84 -10.31
CA ARG B 58 60.37 27.80 -11.24
C ARG B 58 59.91 29.02 -10.45
N LYS B 59 59.51 30.05 -11.18
CA LYS B 59 59.11 31.32 -10.61
C LYS B 59 57.63 31.56 -10.89
N GLY B 60 56.92 32.05 -9.89
CA GLY B 60 55.49 32.30 -9.98
C GLY B 60 55.17 33.71 -10.44
N VAL B 61 53.97 34.17 -10.06
CA VAL B 61 53.55 35.50 -10.46
C VAL B 61 54.47 36.55 -9.83
N THR B 62 54.76 36.40 -8.54
CA THR B 62 55.59 37.32 -7.79
C THR B 62 56.90 36.64 -7.39
N ASP B 63 57.94 37.45 -7.20
CA ASP B 63 59.24 36.91 -6.81
C ASP B 63 59.21 36.23 -5.46
N LYS B 64 58.27 36.59 -4.59
CA LYS B 64 58.16 35.97 -3.27
C LYS B 64 57.48 34.62 -3.30
N ILE B 65 57.09 34.12 -4.48
CA ILE B 65 56.38 32.85 -4.62
C ILE B 65 57.25 31.92 -5.44
N ALA B 66 57.57 30.74 -4.89
CA ALA B 66 58.36 29.75 -5.60
C ALA B 66 57.51 28.51 -5.86
N ILE B 67 57.44 28.10 -7.12
CA ILE B 67 56.67 26.93 -7.54
C ILE B 67 57.63 25.79 -7.87
N LEU B 68 57.25 24.57 -7.46
CA LEU B 68 58.08 23.39 -7.72
C LEU B 68 57.17 22.27 -8.20
N ASP B 69 57.47 21.69 -9.36
CA ASP B 69 56.63 20.62 -9.90
C ASP B 69 57.01 19.31 -9.25
N ILE B 70 56.02 18.60 -8.71
CA ILE B 70 56.25 17.36 -7.98
C ILE B 70 55.38 16.26 -8.57
N THR B 71 55.98 15.08 -8.76
CA THR B 71 55.29 13.91 -9.25
C THR B 71 54.78 13.08 -8.08
N TYR B 72 53.90 12.11 -8.39
CA TYR B 72 53.35 11.26 -7.34
C TYR B 72 54.41 10.41 -6.68
N GLU B 73 55.46 10.02 -7.42
CA GLU B 73 56.50 9.17 -6.85
C GLU B 73 57.07 9.79 -5.58
N ASP B 74 57.62 11.00 -5.69
CA ASP B 74 58.26 11.64 -4.54
C ASP B 74 57.24 11.91 -3.44
N TRP B 75 56.07 12.44 -3.81
CA TRP B 75 55.06 12.80 -2.82
C TRP B 75 54.65 11.60 -1.98
N SER B 76 54.42 10.46 -2.63
CA SER B 76 54.04 9.25 -1.91
C SER B 76 55.22 8.69 -1.13
N ASN B 77 56.42 8.76 -1.69
CA ASN B 77 57.58 8.17 -1.03
C ASN B 77 57.89 8.86 0.28
N GLY B 78 57.49 10.12 0.43
CA GLY B 78 57.76 10.88 1.64
C GLY B 78 58.96 11.79 1.58
N THR B 79 59.54 12.01 0.40
CA THR B 79 60.68 12.90 0.29
C THR B 79 60.31 14.30 0.77
N VAL B 80 61.23 14.96 1.46
CA VAL B 80 61.01 16.26 2.06
C VAL B 80 61.84 17.30 1.30
N PHE B 81 61.19 18.38 0.90
CA PHE B 81 61.82 19.48 0.20
C PHE B 81 61.93 20.68 1.13
N TYR B 82 62.79 21.64 0.77
CA TYR B 82 63.04 22.80 1.60
C TYR B 82 62.85 24.07 0.76
N CYS B 83 62.07 25.02 1.28
CA CYS B 83 61.95 26.32 0.64
C CYS B 83 62.60 27.37 1.54
N ALA B 84 63.50 28.16 0.96
CA ALA B 84 64.29 29.11 1.73
C ALA B 84 64.19 30.51 1.15
N VAL B 85 64.37 31.49 2.03
CA VAL B 85 64.36 32.91 1.68
C VAL B 85 65.76 33.46 1.93
N ASP B 86 66.25 34.26 0.99
CA ASP B 86 67.63 34.75 1.05
C ASP B 86 67.69 36.27 0.98
N HIS B 87 66.88 36.94 1.79
CA HIS B 87 66.89 38.40 1.81
C HIS B 87 68.26 38.94 2.21
N MET B 88 68.67 40.04 1.57
CA MET B 88 69.96 40.64 1.86
C MET B 88 70.13 40.93 3.35
N GLU B 89 69.07 41.37 4.02
CA GLU B 89 69.18 41.70 5.44
C GLU B 89 69.04 40.47 6.32
N ASN B 90 68.27 39.48 5.88
CA ASN B 90 68.05 38.27 6.66
C ASN B 90 69.07 37.17 6.38
N LEU B 91 70.08 37.44 5.55
CA LEU B 91 71.07 36.41 5.23
C LEU B 91 71.85 35.96 6.47
N GLY B 92 71.83 36.74 7.54
CA GLY B 92 72.48 36.30 8.77
C GLY B 92 71.95 34.96 9.25
N ASP B 93 70.64 34.77 9.14
CA ASP B 93 69.99 33.50 9.42
C ASP B 93 69.36 32.98 8.12
N LEU B 94 68.78 31.78 8.20
CA LEU B 94 68.12 31.17 7.05
C LEU B 94 66.83 30.53 7.52
N VAL B 95 65.70 31.05 7.04
CA VAL B 95 64.38 30.45 7.35
C VAL B 95 64.15 29.40 6.27
N LYS B 96 64.71 28.22 6.49
CA LYS B 96 64.68 27.13 5.52
C LYS B 96 63.49 26.22 5.85
N LYS B 97 62.29 26.70 5.50
CA LYS B 97 61.09 25.92 5.79
C LYS B 97 61.17 24.57 5.09
N ALA B 98 60.29 23.66 5.51
CA ALA B 98 60.30 22.29 5.04
C ALA B 98 58.89 21.84 4.69
N TYR B 99 58.79 20.89 3.78
CA TYR B 99 57.52 20.26 3.44
C TYR B 99 57.57 18.81 3.89
N LYS B 100 57.07 18.57 5.10
CA LYS B 100 57.09 17.24 5.72
C LYS B 100 55.70 16.63 5.63
N ARG B 101 55.61 15.43 5.06
CA ARG B 101 54.36 14.72 4.91
C ARG B 101 54.34 13.50 5.81
N GLU B 102 53.31 13.40 6.64
CA GLU B 102 53.18 12.27 7.56
C GLU B 102 52.88 11.00 6.77
N THR B 103 53.75 10.00 6.90
CA THR B 103 53.62 8.76 6.14
C THR B 103 53.56 7.57 7.10
N GLY B 104 53.65 6.38 6.53
CA GLY B 104 53.58 5.15 7.29
C GLY B 104 52.20 4.54 7.22
N GLY B 105 52.03 3.41 7.90
CA GLY B 105 50.75 2.75 7.91
C GLY B 105 50.33 2.30 6.54
N VAL B 106 49.20 1.60 6.45
CA VAL B 106 48.64 1.14 5.18
C VAL B 106 47.27 1.79 5.03
N PRO B 107 46.99 2.47 3.92
CA PRO B 107 45.73 3.21 3.80
C PRO B 107 44.53 2.37 4.22
N GLN B 108 43.56 3.05 4.83
CA GLN B 108 42.27 2.46 5.15
C GLN B 108 41.19 3.12 4.30
N ARG B 109 40.29 2.32 3.76
CA ARG B 109 39.25 2.83 2.89
C ARG B 109 38.15 3.47 3.72
N PRO B 110 37.78 4.72 3.44
CA PRO B 110 36.70 5.35 4.22
C PRO B 110 35.35 4.69 4.00
N SER B 111 34.49 4.81 5.00
CA SER B 111 33.09 4.39 4.89
C SER B 111 32.24 5.64 4.74
N VAL B 112 31.63 5.80 3.56
CA VAL B 112 30.85 6.97 3.19
C VAL B 112 29.37 6.67 3.43
N PHE B 113 28.66 7.64 4.01
CA PHE B 113 27.22 7.57 4.25
C PHE B 113 26.60 8.89 3.81
N LEU B 114 25.62 8.82 2.92
CA LEU B 114 24.90 10.01 2.47
C LEU B 114 23.53 10.04 3.16
N LEU B 115 23.31 11.06 3.99
CA LEU B 115 22.12 11.12 4.82
C LEU B 115 21.11 12.09 4.22
N ALA B 116 19.85 11.66 4.15
CA ALA B 116 18.79 12.48 3.60
C ALA B 116 18.46 13.62 4.57
N PRO B 117 17.87 14.70 4.06
CA PRO B 117 17.57 15.85 4.93
C PRO B 117 16.42 15.55 5.87
N ALA B 118 16.52 16.08 7.09
CA ALA B 118 15.50 15.92 8.11
C ALA B 118 14.59 17.14 8.23
N GLU B 119 14.77 18.14 7.37
CA GLU B 119 13.95 19.34 7.44
C GLU B 119 12.51 19.03 7.08
N GLN B 120 11.57 19.61 7.82
CA GLN B 120 10.16 19.43 7.55
C GLN B 120 9.68 20.34 6.43
N THR B 121 8.43 20.14 6.03
CA THR B 121 7.88 20.94 4.92
C THR B 121 7.88 22.43 5.27
N SER B 122 7.52 22.77 6.50
CA SER B 122 7.46 24.17 6.90
C SER B 122 8.82 24.85 6.84
N ASP B 123 9.91 24.09 6.91
CA ASP B 123 11.24 24.67 6.90
C ASP B 123 11.47 25.43 5.59
N ASN B 124 12.53 26.24 5.58
CA ASN B 124 12.84 27.12 4.47
C ASN B 124 13.87 26.54 3.51
N THR B 125 14.90 25.88 4.03
CA THR B 125 15.97 25.33 3.22
C THR B 125 16.20 23.87 3.58
N VAL B 126 17.01 23.20 2.76
CA VAL B 126 17.31 21.78 2.91
C VAL B 126 18.81 21.60 2.79
N THR B 127 19.34 20.65 3.57
CA THR B 127 20.77 20.35 3.58
C THR B 127 20.99 18.85 3.41
N LEU B 128 21.97 18.50 2.58
CA LEU B 128 22.42 17.13 2.38
C LEU B 128 23.81 16.99 2.97
N THR B 129 24.03 15.90 3.69
CA THR B 129 25.29 15.68 4.40
C THR B 129 25.91 14.34 3.97
N CYS B 130 27.16 14.41 3.52
CA CYS B 130 27.95 13.22 3.21
C CYS B 130 28.99 13.05 4.31
N TYR B 131 28.92 11.93 5.02
CA TYR B 131 29.74 11.68 6.20
C TYR B 131 30.70 10.54 5.91
N VAL B 132 31.99 10.75 6.13
CA VAL B 132 32.99 9.73 5.85
C VAL B 132 33.76 9.44 7.12
N LYS B 133 34.00 8.15 7.39
CA LYS B 133 34.59 7.73 8.64
C LYS B 133 35.66 6.67 8.41
N ASP B 134 36.65 6.66 9.31
CA ASP B 134 37.66 5.60 9.41
C ASP B 134 38.48 5.47 8.11
N PHE B 135 39.21 6.53 7.81
CA PHE B 135 40.24 6.50 6.78
C PHE B 135 41.54 7.03 7.36
N TYR B 136 42.63 6.27 7.20
CA TYR B 136 43.88 6.63 7.87
C TYR B 136 44.54 7.84 7.23
N PRO B 137 44.86 7.83 5.94
CA PRO B 137 45.54 8.99 5.35
C PRO B 137 44.76 10.28 5.58
N LYS B 138 45.45 11.28 6.11
CA LYS B 138 44.76 12.49 6.54
C LYS B 138 44.13 13.22 5.36
N ASP B 139 44.84 13.30 4.24
CA ASP B 139 44.35 14.09 3.11
C ASP B 139 43.18 13.40 2.44
N VAL B 140 42.11 14.17 2.20
CA VAL B 140 40.89 13.70 1.54
C VAL B 140 40.26 14.91 0.87
N LEU B 141 39.27 14.67 0.01
CA LEU B 141 38.59 15.78 -0.63
C LEU B 141 37.16 15.36 -0.95
N VAL B 142 36.20 16.24 -0.66
CA VAL B 142 34.79 15.97 -0.92
C VAL B 142 34.25 17.05 -1.85
N ALA B 143 33.64 16.62 -2.95
CA ALA B 143 33.02 17.49 -3.94
C ALA B 143 31.59 17.03 -4.13
N TRP B 144 30.82 17.82 -4.89
CA TRP B 144 29.41 17.55 -5.07
C TRP B 144 29.03 17.70 -6.54
N LEU B 145 28.01 16.94 -6.95
CA LEU B 145 27.44 17.04 -8.28
C LEU B 145 25.93 17.22 -8.14
N VAL B 146 25.35 18.03 -9.02
CA VAL B 146 23.94 18.37 -8.97
C VAL B 146 23.13 17.29 -9.68
N ASP B 147 23.31 17.17 -10.99
CA ASP B 147 22.76 16.05 -11.74
C ASP B 147 23.87 15.17 -12.29
N ASP B 148 24.77 15.73 -13.09
CA ASP B 148 26.05 15.06 -13.36
C ASP B 148 27.17 16.07 -13.55
N GLU B 149 27.00 17.32 -13.10
CA GLU B 149 28.01 18.35 -13.25
C GLU B 149 28.36 18.94 -11.89
N PRO B 150 29.60 19.38 -11.70
CA PRO B 150 29.98 19.94 -10.39
C PRO B 150 29.16 21.17 -10.06
N VAL B 151 28.84 21.31 -8.76
CA VAL B 151 28.03 22.45 -8.32
C VAL B 151 28.76 23.76 -8.61
N GLU B 152 30.08 23.77 -8.51
CA GLU B 152 30.85 24.97 -8.76
C GLU B 152 30.81 25.42 -10.22
N ARG B 153 30.31 24.59 -11.13
CA ARG B 153 30.23 24.95 -12.53
C ARG B 153 28.85 24.75 -13.16
N THR B 154 27.89 24.20 -12.43
CA THR B 154 26.57 23.99 -12.99
C THR B 154 25.90 25.34 -13.27
N SER B 155 24.99 25.35 -14.26
CA SER B 155 24.26 26.58 -14.57
C SER B 155 23.58 27.16 -13.33
N SER B 156 22.79 26.34 -12.65
CA SER B 156 22.19 26.74 -11.36
C SER B 156 23.26 26.65 -10.28
N SER B 157 23.94 27.76 -10.02
CA SER B 157 25.01 27.81 -9.03
C SER B 157 24.88 28.98 -8.07
N ALA B 158 23.78 29.74 -8.15
CA ALA B 158 23.56 30.86 -7.25
C ALA B 158 22.75 30.49 -6.02
N LEU B 159 22.36 29.23 -5.87
CA LEU B 159 21.51 28.81 -4.76
C LEU B 159 22.02 27.56 -4.05
N TYR B 160 23.25 27.14 -4.32
CA TYR B 160 23.84 25.96 -3.72
C TYR B 160 25.05 26.40 -2.90
N GLN B 161 25.17 25.88 -1.67
CA GLN B 161 26.29 26.24 -0.81
C GLN B 161 26.84 24.97 -0.17
N PHE B 162 28.01 24.54 -0.60
CA PHE B 162 28.67 23.35 -0.07
C PHE B 162 29.81 23.74 0.86
N ASN B 163 30.00 22.95 1.90
CA ASN B 163 31.09 23.21 2.85
C ASN B 163 31.57 21.92 3.49
N THR B 164 32.74 21.97 4.11
CA THR B 164 33.36 20.82 4.76
C THR B 164 33.86 21.23 6.13
N THR B 165 33.61 20.40 7.13
CA THR B 165 34.00 20.68 8.50
C THR B 165 35.44 20.25 8.75
N SER B 166 35.88 20.34 9.99
CA SER B 166 37.21 19.88 10.39
C SER B 166 37.21 18.36 10.58
N GLN B 167 38.42 17.81 10.73
CA GLN B 167 38.59 16.38 10.90
C GLN B 167 38.67 16.03 12.38
N ILE B 168 37.87 15.05 12.79
CA ILE B 168 37.88 14.54 14.16
C ILE B 168 38.57 13.19 14.15
N GLN B 169 39.60 13.04 14.97
CA GLN B 169 40.42 11.83 15.03
C GLN B 169 40.12 11.09 16.31
N SER B 170 39.72 9.82 16.19
CA SER B 170 39.47 8.98 17.36
C SER B 170 40.70 8.17 17.72
N GLY B 171 41.15 7.30 16.81
CA GLY B 171 42.36 6.53 17.03
C GLY B 171 43.41 6.87 15.99
N ARG B 172 43.74 5.89 15.13
CA ARG B 172 44.67 6.10 14.04
C ARG B 172 43.99 6.67 12.79
N THR B 173 42.67 6.71 12.75
CA THR B 173 41.91 7.10 11.57
C THR B 173 41.30 8.48 11.77
N TYR B 174 40.51 8.90 10.77
CA TYR B 174 39.93 10.24 10.74
C TYR B 174 38.50 10.16 10.23
N SER B 175 37.76 11.25 10.37
CA SER B 175 36.41 11.31 9.85
C SER B 175 36.04 12.77 9.63
N VAL B 176 35.17 13.01 8.63
CA VAL B 176 34.70 14.36 8.34
C VAL B 176 33.25 14.32 7.89
N TYR B 177 32.63 15.51 7.94
CA TYR B 177 31.25 15.72 7.51
C TYR B 177 31.25 16.80 6.44
N SER B 178 30.70 16.50 5.27
CA SER B 178 30.52 17.48 4.21
C SER B 178 29.05 17.82 4.11
N GLN B 179 28.76 18.96 3.49
CA GLN B 179 27.43 19.55 3.55
C GLN B 179 27.15 20.29 2.25
N LEU B 180 25.86 20.41 1.94
CA LEU B 180 25.42 21.17 0.78
C LEU B 180 23.98 21.59 1.01
N THR B 181 23.71 22.89 0.89
CA THR B 181 22.43 23.48 1.27
C THR B 181 21.85 24.24 0.10
N PHE B 182 20.52 24.17 -0.03
CA PHE B 182 19.80 24.87 -1.08
C PHE B 182 18.35 25.07 -0.62
N SER B 183 17.57 25.78 -1.43
CA SER B 183 16.22 26.12 -1.05
C SER B 183 15.32 24.89 -1.03
N ASN B 184 14.35 24.89 -0.10
CA ASN B 184 13.43 23.76 0.03
C ASN B 184 12.52 23.65 -1.19
N ASP B 185 12.12 24.77 -1.77
CA ASP B 185 11.20 24.74 -2.91
C ASP B 185 11.80 23.95 -4.07
N LEU B 186 13.08 24.18 -4.36
CA LEU B 186 13.72 23.40 -5.42
C LEU B 186 13.85 21.93 -5.03
N TRP B 187 14.06 21.66 -3.76
CA TRP B 187 14.11 20.27 -3.31
C TRP B 187 12.80 19.54 -3.60
N LYS B 188 11.67 20.19 -3.34
CA LYS B 188 10.38 19.55 -3.49
C LYS B 188 9.72 19.79 -4.84
N ASN B 189 10.35 20.57 -5.73
CA ASN B 189 9.74 20.89 -7.03
C ASN B 189 10.28 20.02 -8.16
N GLU B 190 11.59 20.07 -8.40
CA GLU B 190 12.16 19.38 -9.54
C GLU B 190 12.64 17.98 -9.14
N GLU B 191 13.21 17.26 -10.11
CA GLU B 191 13.67 15.89 -9.90
C GLU B 191 15.05 15.73 -10.52
N VAL B 192 16.06 15.59 -9.67
CA VAL B 192 17.44 15.37 -10.08
C VAL B 192 18.11 14.51 -9.02
N VAL B 193 19.32 14.03 -9.34
CA VAL B 193 20.07 13.16 -8.45
C VAL B 193 21.36 13.88 -8.07
N TYR B 194 21.58 14.03 -6.77
CA TYR B 194 22.78 14.67 -6.24
C TYR B 194 23.76 13.61 -5.79
N SER B 195 25.05 13.89 -5.96
CA SER B 195 26.08 12.91 -5.62
C SER B 195 27.24 13.56 -4.88
N CYS B 196 27.66 12.93 -3.78
CA CYS B 196 28.86 13.34 -3.05
C CYS B 196 30.02 12.46 -3.50
N VAL B 197 31.07 13.10 -3.98
CA VAL B 197 32.25 12.47 -4.57
C VAL B 197 33.42 12.63 -3.61
N VAL B 198 34.03 11.53 -3.22
CA VAL B 198 35.13 11.51 -2.27
C VAL B 198 36.40 11.06 -2.99
N TYR B 199 37.44 11.90 -2.91
CA TYR B 199 38.75 11.59 -3.44
C TYR B 199 39.64 11.22 -2.26
N HIS B 200 40.22 10.02 -2.32
CA HIS B 200 41.09 9.51 -1.26
C HIS B 200 42.17 8.64 -1.88
N GLU B 201 43.26 8.47 -1.12
CA GLU B 201 44.42 7.74 -1.61
C GLU B 201 44.18 6.24 -1.64
N SER B 202 43.33 5.72 -0.75
CA SER B 202 43.08 4.28 -0.72
C SER B 202 42.58 3.74 -2.05
N MET B 203 42.00 4.58 -2.90
CA MET B 203 41.38 4.15 -4.14
C MET B 203 42.23 4.56 -5.34
N ILE B 204 43.54 4.45 -5.26
CA ILE B 204 44.38 4.93 -6.35
C ILE B 204 44.48 3.88 -7.43
N LYS B 205 44.34 2.62 -7.06
CA LYS B 205 44.50 1.55 -8.02
C LYS B 205 43.39 1.53 -9.05
N SER B 206 42.18 1.90 -8.65
CA SER B 206 41.05 1.91 -9.56
C SER B 206 40.07 3.01 -9.24
N THR B 207 39.54 3.66 -10.26
CA THR B 207 38.52 4.70 -10.08
C THR B 207 39.10 6.00 -9.56
N ASN B 208 39.85 5.95 -8.48
CA ASN B 208 40.44 7.15 -7.89
C ASN B 208 39.35 7.95 -7.21
N ILE B 209 38.14 7.40 -7.15
CA ILE B 209 37.02 8.14 -6.60
C ILE B 209 35.96 7.24 -6.01
N ILE B 210 35.15 7.77 -5.11
CA ILE B 210 34.04 7.07 -4.48
C ILE B 210 32.85 8.01 -4.54
N MET B 211 31.66 7.48 -4.78
CA MET B 211 30.50 8.35 -4.94
C MET B 211 29.28 7.75 -4.28
N ARG B 212 28.37 8.64 -3.87
CA ARG B 212 27.09 8.23 -3.31
C ARG B 212 26.02 9.18 -3.82
N THR B 213 24.90 8.63 -4.27
CA THR B 213 23.85 9.39 -4.93
C THR B 213 22.55 9.34 -4.13
N ILE B 214 21.70 10.34 -4.35
CA ILE B 214 20.42 10.42 -3.66
C ILE B 214 19.49 11.30 -4.49
N ASP B 215 18.18 11.07 -4.32
CA ASP B 215 17.15 11.92 -4.91
C ASP B 215 15.89 11.75 -4.09
N ARG B 216 15.02 12.76 -4.16
CA ARG B 216 13.83 12.77 -3.30
C ARG B 216 12.88 11.63 -3.64
N THR B 217 12.50 11.51 -4.92
CA THR B 217 11.44 10.59 -5.31
C THR B 217 11.84 9.11 -5.25
N SER B 218 13.13 8.79 -5.11
CA SER B 218 13.57 7.40 -5.15
C SER B 218 14.02 6.89 -3.79
N ASN B 219 13.60 7.54 -2.70
CA ASN B 219 13.91 7.07 -1.35
C ASN B 219 12.74 6.34 -0.71
N GLN B 220 11.52 6.78 -0.98
CA GLN B 220 10.27 6.21 -0.52
C GLN B 220 10.35 5.59 0.87
N PRO B 221 10.80 6.32 1.89
CA PRO B 221 10.74 5.80 3.27
C PRO B 221 9.34 5.98 3.84
N ASN B 222 8.66 4.89 4.16
CA ASN B 222 7.34 5.02 4.79
C ASN B 222 7.47 5.93 6.00
N LEU B 223 6.57 6.91 6.10
CA LEU B 223 6.68 7.90 7.16
C LEU B 223 5.30 8.30 7.68
N VAL B 224 5.29 8.75 8.93
CA VAL B 224 4.09 9.27 9.58
C VAL B 224 4.55 10.48 10.38
N ASN B 225 3.93 11.63 10.18
CA ASN B 225 4.28 12.83 10.94
C ASN B 225 3.09 13.37 11.71
N LEU B 226 3.26 13.61 12.99
CA LEU B 226 2.17 14.11 13.81
C LEU B 226 2.65 15.14 14.80
N SER B 227 1.97 16.27 14.88
CA SER B 227 2.32 17.31 15.82
C SER B 227 1.12 17.67 16.65
N LEU B 228 1.27 17.67 17.96
CA LEU B 228 0.16 18.00 18.84
C LEU B 228 0.50 19.17 19.72
N ASN B 229 -0.26 20.23 19.59
CA ASN B 229 -0.08 21.39 20.44
C ASN B 229 -1.28 21.55 21.31
N VAL B 230 -1.09 21.53 22.62
CA VAL B 230 -2.19 21.77 23.55
C VAL B 230 -1.92 23.11 24.22
N PRO B 231 -2.48 24.20 23.67
CA PRO B 231 -2.23 25.54 24.21
C PRO B 231 -2.33 25.67 25.72
N GLN B 232 -3.20 24.91 26.36
CA GLN B 232 -3.40 25.08 27.80
C GLN B 232 -3.69 26.54 28.09
N ARG B 233 -4.12 27.27 27.08
CA ARG B 233 -4.40 28.67 27.28
C ARG B 233 -5.72 28.84 27.99
N CYS B 234 -5.66 29.21 29.27
CA CYS B 234 -6.87 29.43 30.04
C CYS B 234 -7.79 28.22 29.98
N THR C 14 44.06 -9.52 -41.89
CA THR C 14 44.56 -8.60 -40.87
C THR C 14 43.42 -7.91 -40.15
N ILE C 15 43.45 -7.97 -38.81
CA ILE C 15 42.38 -7.44 -37.97
C ILE C 15 42.99 -6.51 -36.93
N ILE C 16 42.28 -5.42 -36.64
CA ILE C 16 42.73 -4.43 -35.67
C ILE C 16 41.71 -4.39 -34.53
N GLU C 17 42.17 -3.92 -33.36
CA GLU C 17 41.34 -3.84 -32.17
C GLU C 17 41.36 -2.43 -31.61
N PRO C 18 40.20 -1.80 -31.38
CA PRO C 18 40.19 -0.43 -30.88
C PRO C 18 40.82 -0.34 -29.50
N SER C 19 41.44 0.81 -29.23
CA SER C 19 42.09 1.01 -27.94
C SER C 19 41.07 0.91 -26.81
N LEU C 20 41.55 0.52 -25.63
CA LEU C 20 40.70 0.37 -24.46
C LEU C 20 40.34 1.73 -23.87
N GLU C 21 39.04 2.05 -23.86
CA GLU C 21 38.59 3.36 -23.40
C GLU C 21 39.10 3.64 -21.99
N ASP C 22 39.08 2.63 -21.12
CA ASP C 22 39.40 2.81 -19.71
C ASP C 22 40.76 3.51 -19.57
N MET C 23 41.76 3.05 -20.31
CA MET C 23 43.09 3.60 -20.18
C MET C 23 43.31 4.79 -21.08
N LEU C 24 42.49 4.94 -22.12
CA LEU C 24 42.56 6.14 -22.96
C LEU C 24 42.03 7.34 -22.21
N MET C 25 41.23 7.12 -21.17
CA MET C 25 40.80 8.23 -20.31
C MET C 25 41.97 8.85 -19.56
N ASN C 26 43.07 8.12 -19.40
CA ASN C 26 44.32 8.67 -18.89
C ASN C 26 45.17 9.30 -19.98
N LYS C 27 44.58 9.55 -21.16
CA LYS C 27 45.20 10.23 -22.30
C LYS C 27 46.24 9.40 -23.04
N LYS C 28 46.35 8.10 -22.75
CA LYS C 28 47.29 7.24 -23.46
C LYS C 28 46.63 5.90 -23.74
N ALA C 29 47.15 5.19 -24.74
CA ALA C 29 46.67 3.85 -25.03
C ALA C 29 47.53 3.25 -26.13
N GLN C 30 47.23 2.00 -26.48
CA GLN C 30 47.97 1.22 -27.47
C GLN C 30 47.01 0.62 -28.47
N LEU C 31 47.29 0.85 -29.76
CA LEU C 31 46.53 0.30 -30.86
C LEU C 31 47.34 -0.83 -31.47
N VAL C 32 46.89 -2.06 -31.24
CA VAL C 32 47.60 -3.24 -31.71
C VAL C 32 46.98 -3.67 -33.04
N CYS C 33 47.82 -4.20 -33.91
CA CYS C 33 47.43 -4.65 -35.25
C CYS C 33 47.83 -6.11 -35.40
N ASP C 34 46.83 -6.97 -35.54
CA ASP C 34 47.02 -8.40 -35.73
C ASP C 34 46.85 -8.75 -37.20
N VAL C 35 47.54 -9.82 -37.62
CA VAL C 35 47.56 -10.26 -39.01
C VAL C 35 46.82 -11.58 -39.10
N ASN C 36 45.92 -11.69 -40.07
CA ASN C 36 45.12 -12.89 -40.27
C ASN C 36 45.51 -13.69 -41.51
N GLU C 37 46.24 -13.10 -42.45
CA GLU C 37 46.64 -13.81 -43.65
C GLU C 37 47.76 -14.78 -43.31
N LEU C 38 47.44 -15.81 -42.52
CA LEU C 38 48.42 -16.79 -42.09
C LEU C 38 48.53 -17.99 -43.02
N VAL C 39 47.65 -18.11 -44.03
CA VAL C 39 47.74 -19.25 -44.95
C VAL C 39 49.08 -19.26 -45.67
N PRO C 40 49.54 -18.16 -46.28
CA PRO C 40 50.91 -18.14 -46.80
C PRO C 40 51.89 -17.68 -45.73
N GLY C 41 53.17 -17.56 -46.09
CA GLY C 41 54.15 -17.06 -45.15
C GLY C 41 53.92 -15.60 -44.85
N PHE C 42 54.78 -15.06 -43.97
CA PHE C 42 54.71 -13.66 -43.60
C PHE C 42 56.12 -13.10 -43.50
N LEU C 43 56.25 -11.80 -43.76
CA LEU C 43 57.55 -11.14 -43.74
C LEU C 43 57.64 -10.08 -42.65
N SER C 44 56.81 -9.04 -42.69
CA SER C 44 56.89 -7.97 -41.69
C SER C 44 55.62 -7.14 -41.71
N VAL C 45 55.35 -6.52 -40.57
CA VAL C 45 54.22 -5.60 -40.41
C VAL C 45 54.74 -4.18 -40.57
N LYS C 46 53.82 -3.25 -40.80
CA LYS C 46 54.20 -1.85 -40.93
C LYS C 46 53.04 -0.96 -40.48
N TRP C 47 53.39 0.14 -39.82
CA TRP C 47 52.41 1.15 -39.39
C TRP C 47 52.79 2.48 -40.02
N GLU C 48 51.90 3.01 -40.86
CA GLU C 48 52.15 4.23 -41.63
C GLU C 48 51.08 5.26 -41.33
N ASN C 49 51.22 6.42 -41.96
CA ASN C 49 50.29 7.53 -41.86
C ASN C 49 49.34 7.50 -43.05
N ASP C 50 48.37 8.43 -43.05
CA ASP C 50 47.46 8.56 -44.18
C ASP C 50 48.23 8.87 -45.47
N ASN C 51 49.20 9.76 -45.40
CA ASN C 51 50.01 10.11 -46.57
C ASN C 51 51.03 9.04 -46.91
N GLY C 52 51.12 7.96 -46.13
CA GLY C 52 52.13 6.94 -46.36
C GLY C 52 53.47 7.21 -45.73
N LYS C 53 53.62 8.28 -44.95
CA LYS C 53 54.90 8.58 -44.33
C LYS C 53 55.33 7.42 -43.43
N THR C 54 56.58 7.52 -42.95
CA THR C 54 57.12 6.52 -42.03
C THR C 54 56.67 6.88 -40.62
N LEU C 55 55.75 6.08 -40.07
CA LEU C 55 55.20 6.31 -38.75
C LEU C 55 55.85 5.33 -37.77
N THR C 56 56.51 5.85 -36.76
CA THR C 56 57.21 5.01 -35.80
C THR C 56 56.23 4.07 -35.11
N SER C 57 56.68 2.84 -34.86
CA SER C 57 55.83 1.81 -34.28
C SER C 57 56.69 0.96 -33.35
N ARG C 58 56.11 -0.15 -32.89
CA ARG C 58 56.80 -1.09 -32.02
C ARG C 58 56.42 -2.51 -32.42
N LYS C 59 57.02 -3.48 -31.74
CA LYS C 59 56.82 -4.89 -32.03
C LYS C 59 56.26 -5.60 -30.80
N GLY C 60 55.30 -6.48 -31.01
CA GLY C 60 54.64 -7.20 -29.94
C GLY C 60 55.31 -8.52 -29.63
N VAL C 61 54.54 -9.45 -29.10
CA VAL C 61 55.09 -10.76 -28.74
C VAL C 61 55.58 -11.47 -30.00
N THR C 62 54.76 -11.45 -31.04
CA THR C 62 55.07 -12.09 -32.32
C THR C 62 55.27 -11.02 -33.39
N ASP C 63 56.03 -11.39 -34.42
CA ASP C 63 56.31 -10.45 -35.50
C ASP C 63 55.04 -10.03 -36.24
N LYS C 64 53.98 -10.84 -36.17
CA LYS C 64 52.72 -10.53 -36.83
C LYS C 64 51.88 -9.53 -36.03
N ILE C 65 52.38 -9.03 -34.90
CA ILE C 65 51.65 -8.14 -34.02
C ILE C 65 52.41 -6.81 -33.98
N ALA C 66 51.72 -5.71 -34.32
CA ALA C 66 52.32 -4.38 -34.31
C ALA C 66 51.63 -3.50 -33.27
N ILE C 67 52.41 -2.90 -32.37
CA ILE C 67 51.87 -2.03 -31.33
C ILE C 67 52.19 -0.58 -31.70
N LEU C 68 51.22 0.31 -31.47
CA LEU C 68 51.41 1.74 -31.73
C LEU C 68 50.84 2.53 -30.56
N ASP C 69 51.64 3.40 -29.96
CA ASP C 69 51.19 4.20 -28.83
C ASP C 69 50.48 5.45 -29.31
N ILE C 70 49.26 5.69 -28.83
CA ILE C 70 48.45 6.82 -29.24
C ILE C 70 47.98 7.60 -28.03
N THR C 71 48.08 8.93 -28.11
CA THR C 71 47.57 9.83 -27.10
C THR C 71 46.13 10.23 -27.41
N TYR C 72 45.47 10.84 -26.44
CA TYR C 72 44.08 11.25 -26.63
C TYR C 72 43.94 12.28 -27.74
N GLU C 73 44.96 13.12 -27.95
CA GLU C 73 44.87 14.15 -28.98
C GLU C 73 44.51 13.55 -30.33
N ASP C 74 45.34 12.63 -30.81
CA ASP C 74 45.11 12.06 -32.14
C ASP C 74 43.78 11.29 -32.18
N TRP C 75 43.52 10.48 -31.16
CA TRP C 75 42.32 9.65 -31.16
C TRP C 75 41.06 10.50 -31.24
N SER C 76 41.00 11.57 -30.46
CA SER C 76 39.83 12.44 -30.49
C SER C 76 39.78 13.26 -31.78
N ASN C 77 40.93 13.70 -32.27
CA ASN C 77 40.95 14.55 -33.46
C ASN C 77 40.44 13.81 -34.70
N GLY C 78 40.56 12.49 -34.71
CA GLY C 78 40.14 11.70 -35.85
C GLY C 78 41.25 11.32 -36.81
N THR C 79 42.52 11.52 -36.45
CA THR C 79 43.60 11.14 -37.34
C THR C 79 43.54 9.65 -37.65
N VAL C 80 43.82 9.30 -38.90
CA VAL C 80 43.72 7.92 -39.39
C VAL C 80 45.12 7.37 -39.64
N PHE C 81 45.39 6.19 -39.09
CA PHE C 81 46.64 5.48 -39.29
C PHE C 81 46.37 4.27 -40.16
N TYR C 82 47.44 3.70 -40.74
CA TYR C 82 47.30 2.57 -41.65
C TYR C 82 48.24 1.45 -41.21
N CYS C 83 47.70 0.23 -41.13
CA CYS C 83 48.50 -0.95 -40.84
C CYS C 83 48.56 -1.82 -42.09
N ALA C 84 49.78 -2.17 -42.51
CA ALA C 84 50.00 -2.89 -43.75
C ALA C 84 50.85 -4.12 -43.51
N VAL C 85 50.65 -5.11 -44.37
CA VAL C 85 51.40 -6.36 -44.36
C VAL C 85 52.24 -6.42 -45.62
N ASP C 86 53.51 -6.82 -45.47
CA ASP C 86 54.45 -6.80 -46.59
C ASP C 86 55.07 -8.16 -46.83
N HIS C 87 54.24 -9.20 -46.88
CA HIS C 87 54.75 -10.54 -47.14
C HIS C 87 55.46 -10.59 -48.50
N MET C 88 56.54 -11.37 -48.56
CA MET C 88 57.33 -11.47 -49.78
C MET C 88 56.51 -11.97 -50.96
N GLU C 89 55.48 -12.79 -50.69
CA GLU C 89 54.62 -13.28 -51.76
C GLU C 89 53.45 -12.35 -52.05
N ASN C 90 52.96 -11.63 -51.03
CA ASN C 90 51.84 -10.73 -51.18
C ASN C 90 52.27 -9.31 -51.55
N LEU C 91 53.55 -9.08 -51.79
CA LEU C 91 54.02 -7.73 -52.13
C LEU C 91 53.41 -7.23 -53.44
N GLY C 92 52.87 -8.12 -54.27
CA GLY C 92 52.22 -7.66 -55.48
C GLY C 92 51.10 -6.68 -55.21
N ASP C 93 50.34 -6.93 -54.14
CA ASP C 93 49.33 -6.01 -53.64
C ASP C 93 49.73 -5.54 -52.25
N LEU C 94 48.93 -4.62 -51.69
CA LEU C 94 49.17 -4.11 -50.34
C LEU C 94 47.83 -3.99 -49.63
N VAL C 95 47.64 -4.76 -48.57
CA VAL C 95 46.42 -4.67 -47.76
C VAL C 95 46.70 -3.60 -46.71
N LYS C 96 46.50 -2.34 -47.11
CA LYS C 96 46.80 -1.20 -46.26
C LYS C 96 45.53 -0.78 -45.53
N LYS C 97 45.19 -1.55 -44.49
CA LYS C 97 43.98 -1.27 -43.73
C LYS C 97 44.05 0.11 -43.08
N ALA C 98 42.91 0.56 -42.58
CA ALA C 98 42.75 1.88 -42.00
C ALA C 98 41.98 1.78 -40.70
N TYR C 99 42.21 2.74 -39.80
CA TYR C 99 41.49 2.84 -38.55
C TYR C 99 40.62 4.10 -38.60
N LYS C 100 39.36 3.93 -38.99
CA LYS C 100 38.42 5.03 -39.14
C LYS C 100 37.49 5.07 -37.92
N ARG C 101 37.53 6.18 -37.19
CA ARG C 101 36.68 6.38 -36.02
C ARG C 101 35.81 7.61 -36.25
N GLU C 102 34.50 7.39 -36.39
CA GLU C 102 33.58 8.50 -36.65
C GLU C 102 33.77 9.58 -35.59
N THR C 103 33.82 10.84 -36.05
CA THR C 103 34.08 11.97 -35.17
C THR C 103 32.82 12.74 -34.82
N GLY C 104 32.02 13.13 -35.82
CA GLY C 104 30.76 13.78 -35.53
C GLY C 104 30.93 15.09 -34.77
N GLY C 105 29.85 15.47 -34.08
CA GLY C 105 29.79 16.74 -33.41
C GLY C 105 29.78 16.64 -31.89
N VAL C 106 29.17 17.63 -31.24
CA VAL C 106 29.12 17.74 -29.79
C VAL C 106 28.66 16.41 -29.17
N PRO C 107 29.29 15.94 -28.11
CA PRO C 107 28.82 14.73 -27.43
C PRO C 107 27.57 15.01 -26.60
N GLN C 108 26.99 13.94 -26.07
CA GLN C 108 25.85 14.03 -25.18
C GLN C 108 26.08 13.20 -23.93
N ARG C 109 25.62 13.71 -22.79
CA ARG C 109 25.83 13.06 -21.51
C ARG C 109 24.75 12.01 -21.28
N PRO C 110 25.10 10.75 -21.06
CA PRO C 110 24.06 9.74 -20.79
C PRO C 110 23.35 9.99 -19.47
N SER C 111 22.12 9.49 -19.40
CA SER C 111 21.36 9.48 -18.15
C SER C 111 21.27 8.05 -17.64
N VAL C 112 22.02 7.74 -16.58
CA VAL C 112 22.11 6.38 -16.07
C VAL C 112 20.94 6.10 -15.13
N PHE C 113 20.42 4.88 -15.17
CA PHE C 113 19.41 4.40 -14.25
C PHE C 113 19.86 3.04 -13.73
N LEU C 114 19.87 2.88 -12.41
CA LEU C 114 20.20 1.60 -11.78
C LEU C 114 18.92 0.91 -11.32
N LEU C 115 18.49 -0.10 -12.07
CA LEU C 115 17.25 -0.80 -11.79
C LEU C 115 17.56 -1.99 -10.88
N ALA C 116 16.72 -2.16 -9.87
CA ALA C 116 16.93 -3.15 -8.83
C ALA C 116 16.28 -4.47 -9.22
N PRO C 117 16.53 -5.53 -8.45
CA PRO C 117 16.03 -6.84 -8.84
C PRO C 117 14.52 -6.91 -8.76
N ALA C 118 13.96 -7.84 -9.52
CA ALA C 118 12.52 -8.03 -9.54
C ALA C 118 12.13 -9.47 -9.23
N GLU C 119 13.09 -10.33 -8.93
CA GLU C 119 12.77 -11.73 -8.67
C GLU C 119 12.20 -11.83 -7.26
N GLN C 120 11.80 -13.03 -6.86
CA GLN C 120 11.14 -13.23 -5.57
C GLN C 120 11.97 -14.13 -4.68
N THR C 121 11.51 -14.25 -3.43
CA THR C 121 12.24 -14.97 -2.40
C THR C 121 12.70 -16.35 -2.85
N SER C 122 12.03 -16.94 -3.84
CA SER C 122 12.33 -18.30 -4.26
C SER C 122 13.51 -18.38 -5.22
N ASP C 123 13.48 -17.59 -6.30
CA ASP C 123 14.50 -17.69 -7.35
C ASP C 123 15.89 -17.89 -6.76
N ASN C 124 16.66 -18.78 -7.38
CA ASN C 124 18.03 -19.03 -6.97
C ASN C 124 18.96 -17.84 -7.21
N THR C 125 18.69 -17.03 -8.22
CA THR C 125 19.61 -15.97 -8.62
C THR C 125 18.89 -14.62 -8.65
N VAL C 126 19.70 -13.58 -8.56
CA VAL C 126 19.24 -12.19 -8.59
C VAL C 126 20.09 -11.45 -9.60
N THR C 127 19.52 -10.36 -10.13
CA THR C 127 20.11 -9.59 -11.23
C THR C 127 19.90 -8.10 -11.02
N LEU C 128 20.99 -7.35 -10.99
CA LEU C 128 20.97 -5.89 -10.99
C LEU C 128 21.17 -5.39 -12.41
N THR C 129 20.35 -4.42 -12.84
CA THR C 129 20.42 -3.90 -14.19
C THR C 129 20.86 -2.43 -14.18
N CYS C 130 21.76 -2.07 -15.09
CA CYS C 130 22.28 -0.72 -15.20
C CYS C 130 22.02 -0.24 -16.62
N TYR C 131 20.93 0.51 -16.82
CA TYR C 131 20.54 1.03 -18.13
C TYR C 131 21.16 2.40 -18.34
N VAL C 132 21.95 2.56 -19.40
CA VAL C 132 22.58 3.85 -19.71
C VAL C 132 22.13 4.29 -21.09
N LYS C 133 21.50 5.48 -21.14
CA LYS C 133 20.78 5.93 -22.32
C LYS C 133 21.28 7.29 -22.80
N ASP C 134 21.14 7.51 -24.11
CA ASP C 134 21.35 8.79 -24.77
C ASP C 134 22.77 9.33 -24.56
N PHE C 135 23.74 8.53 -24.96
CA PHE C 135 25.13 8.94 -25.09
C PHE C 135 25.47 8.90 -26.56
N TYR C 136 25.72 10.07 -27.16
CA TYR C 136 25.95 10.09 -28.60
C TYR C 136 27.18 9.31 -29.02
N PRO C 137 28.38 9.58 -28.49
CA PRO C 137 29.55 8.79 -28.89
C PRO C 137 29.32 7.31 -28.59
N LYS C 138 29.75 6.45 -29.51
CA LYS C 138 29.43 5.03 -29.41
C LYS C 138 30.38 4.28 -28.50
N ASP C 139 31.40 4.94 -27.95
CA ASP C 139 32.37 4.31 -27.08
C ASP C 139 31.94 4.51 -25.63
N VAL C 140 31.62 3.42 -24.94
CA VAL C 140 31.19 3.45 -23.55
C VAL C 140 31.60 2.16 -22.89
N LEU C 141 31.86 2.22 -21.59
CA LEU C 141 32.20 1.02 -20.82
C LEU C 141 31.43 1.04 -19.50
N VAL C 142 31.09 -0.15 -19.03
CA VAL C 142 30.34 -0.31 -17.78
C VAL C 142 31.06 -1.32 -16.91
N ALA C 143 31.29 -0.95 -15.65
CA ALA C 143 31.84 -1.84 -14.64
C ALA C 143 30.90 -1.90 -13.45
N TRP C 144 31.25 -2.74 -12.48
CA TRP C 144 30.49 -2.87 -11.26
C TRP C 144 31.44 -2.97 -10.08
N LEU C 145 31.00 -2.45 -8.94
CA LEU C 145 31.73 -2.55 -7.68
C LEU C 145 30.81 -3.20 -6.65
N VAL C 146 31.34 -4.20 -5.96
CA VAL C 146 30.54 -4.96 -5.00
C VAL C 146 30.33 -4.15 -3.73
N ASP C 147 31.41 -3.79 -3.04
CA ASP C 147 31.31 -2.89 -1.89
C ASP C 147 32.02 -1.57 -2.16
N ASP C 148 33.31 -1.61 -2.49
CA ASP C 148 34.00 -0.41 -2.95
C ASP C 148 35.08 -0.73 -3.98
N GLU C 149 35.31 -2.01 -4.24
CA GLU C 149 36.36 -2.46 -5.14
C GLU C 149 35.79 -3.22 -6.32
N PRO C 150 36.54 -3.32 -7.42
CA PRO C 150 35.99 -3.96 -8.62
C PRO C 150 35.54 -5.39 -8.35
N VAL C 151 34.38 -5.74 -8.92
CA VAL C 151 33.83 -7.07 -8.71
C VAL C 151 34.73 -8.14 -9.33
N GLU C 152 35.51 -7.76 -10.35
CA GLU C 152 36.37 -8.74 -11.02
C GLU C 152 37.37 -9.34 -10.05
N ARG C 153 37.97 -8.53 -9.18
CA ARG C 153 38.94 -8.99 -8.20
C ARG C 153 38.45 -8.62 -6.80
N THR C 154 38.07 -9.63 -6.03
CA THR C 154 37.62 -9.44 -4.66
C THR C 154 37.53 -10.82 -4.01
N SER C 155 36.99 -10.87 -2.79
CA SER C 155 36.84 -12.14 -2.09
C SER C 155 35.92 -13.10 -2.83
N SER C 156 35.05 -12.60 -3.70
CA SER C 156 34.11 -13.46 -4.41
C SER C 156 34.84 -14.33 -5.43
N SER C 157 34.82 -15.64 -5.22
CA SER C 157 35.46 -16.59 -6.12
C SER C 157 34.46 -16.95 -7.22
N ALA C 158 34.32 -16.02 -8.17
CA ALA C 158 33.40 -16.16 -9.30
C ALA C 158 31.94 -16.20 -8.87
N LEU C 159 31.63 -15.79 -7.64
CA LEU C 159 30.25 -15.75 -7.20
C LEU C 159 29.46 -14.66 -7.92
N TYR C 160 30.15 -13.69 -8.52
CA TYR C 160 29.53 -12.57 -9.23
C TYR C 160 29.88 -12.66 -10.69
N GLN C 161 28.87 -12.54 -11.56
CA GLN C 161 29.09 -12.55 -13.00
C GLN C 161 28.37 -11.36 -13.63
N PHE C 162 28.90 -10.86 -14.74
CA PHE C 162 28.32 -9.68 -15.34
C PHE C 162 28.50 -9.71 -16.84
N ASN C 163 27.55 -9.15 -17.57
CA ASN C 163 27.63 -9.09 -19.02
C ASN C 163 26.89 -7.87 -19.54
N THR C 164 27.33 -7.34 -20.66
CA THR C 164 26.75 -6.17 -21.30
C THR C 164 26.12 -6.57 -22.62
N THR C 165 25.02 -5.90 -22.95
CA THR C 165 24.27 -6.21 -24.16
C THR C 165 24.85 -5.40 -25.32
N SER C 166 24.18 -5.43 -26.47
CA SER C 166 24.60 -4.64 -27.60
C SER C 166 23.92 -3.29 -27.56
N GLN C 167 24.33 -2.40 -28.45
CA GLN C 167 23.85 -1.03 -28.41
C GLN C 167 22.61 -0.85 -29.29
N ILE C 168 21.74 0.05 -28.85
CA ILE C 168 20.53 0.39 -29.55
C ILE C 168 20.77 1.78 -30.12
N GLN C 169 20.12 2.09 -31.24
CA GLN C 169 20.20 3.41 -31.84
C GLN C 169 18.83 4.03 -32.03
N SER C 170 18.83 5.36 -32.03
CA SER C 170 17.66 6.19 -32.29
C SER C 170 18.19 7.60 -32.48
N GLY C 171 17.63 8.33 -33.45
CA GLY C 171 18.22 9.64 -33.67
C GLY C 171 19.68 9.42 -33.99
N ARG C 172 20.53 10.29 -33.46
CA ARG C 172 21.97 10.10 -33.58
C ARG C 172 22.56 9.58 -32.27
N THR C 173 21.71 9.23 -31.30
CA THR C 173 22.15 8.81 -29.99
C THR C 173 22.28 7.29 -29.96
N TYR C 174 22.48 6.73 -28.76
CA TYR C 174 22.48 5.28 -28.59
C TYR C 174 21.96 4.97 -27.19
N SER C 175 22.05 3.69 -26.82
CA SER C 175 21.66 3.24 -25.49
C SER C 175 22.14 1.81 -25.30
N VAL C 176 22.23 1.38 -24.05
CA VAL C 176 22.73 0.03 -23.75
C VAL C 176 22.34 -0.34 -22.33
N TYR C 177 22.32 -1.64 -22.06
CA TYR C 177 22.06 -2.20 -20.74
C TYR C 177 23.29 -2.94 -20.25
N SER C 178 23.34 -3.19 -18.94
CA SER C 178 24.38 -4.02 -18.35
C SER C 178 23.76 -4.78 -17.19
N GLN C 179 24.22 -6.02 -16.96
CA GLN C 179 23.61 -6.86 -15.94
C GLN C 179 24.68 -7.49 -15.08
N LEU C 180 24.38 -7.58 -13.77
CA LEU C 180 25.20 -8.29 -12.80
C LEU C 180 24.33 -9.32 -12.09
N THR C 181 24.77 -10.57 -12.11
CA THR C 181 24.01 -11.70 -11.61
C THR C 181 24.79 -12.39 -10.50
N PHE C 182 24.07 -12.85 -9.49
CA PHE C 182 24.65 -13.60 -8.39
C PHE C 182 23.53 -14.25 -7.60
N SER C 183 23.89 -15.23 -6.76
CA SER C 183 22.87 -15.94 -6.00
C SER C 183 22.21 -15.00 -5.00
N ASN C 184 20.90 -15.20 -4.79
CA ASN C 184 20.16 -14.36 -3.86
C ASN C 184 20.52 -14.61 -2.40
N ASP C 185 21.21 -15.71 -2.10
CA ASP C 185 21.69 -15.92 -0.73
C ASP C 185 22.61 -14.77 -0.31
N LEU C 186 23.53 -14.38 -1.19
CA LEU C 186 24.35 -13.21 -0.94
C LEU C 186 23.50 -11.95 -0.89
N TRP C 187 22.48 -11.86 -1.74
CA TRP C 187 21.68 -10.65 -1.82
C TRP C 187 21.03 -10.30 -0.49
N LYS C 188 20.50 -11.29 0.21
CA LYS C 188 19.72 -11.06 1.42
C LYS C 188 20.53 -11.30 2.70
N ASN C 189 21.82 -11.58 2.59
CA ASN C 189 22.65 -11.83 3.77
C ASN C 189 24.02 -11.18 3.62
N GLU C 190 24.08 -9.98 3.07
CA GLU C 190 25.37 -9.32 2.83
C GLU C 190 25.49 -7.99 3.54
N GLU C 191 24.50 -7.10 3.41
CA GLU C 191 24.58 -5.76 3.98
C GLU C 191 25.78 -5.00 3.41
N VAL C 192 25.79 -4.84 2.09
CA VAL C 192 26.82 -4.12 1.38
C VAL C 192 26.17 -3.09 0.45
N VAL C 193 26.99 -2.39 -0.32
CA VAL C 193 26.54 -1.37 -1.24
C VAL C 193 27.14 -1.67 -2.60
N TYR C 194 26.28 -1.91 -3.59
CA TYR C 194 26.72 -2.16 -4.96
C TYR C 194 26.64 -0.88 -5.78
N SER C 195 27.44 -0.84 -6.84
CA SER C 195 27.45 0.36 -7.68
C SER C 195 27.78 0.01 -9.13
N CYS C 196 27.17 0.73 -10.05
CA CYS C 196 27.40 0.62 -11.48
C CYS C 196 28.19 1.84 -11.93
N VAL C 197 29.38 1.59 -12.47
CA VAL C 197 30.30 2.63 -12.96
C VAL C 197 30.18 2.71 -14.46
N VAL C 198 30.05 3.93 -14.99
CA VAL C 198 29.81 4.17 -16.41
C VAL C 198 30.93 5.08 -16.90
N TYR C 199 31.94 4.47 -17.51
CA TYR C 199 33.02 5.17 -18.19
C TYR C 199 32.53 5.69 -19.53
N HIS C 200 32.63 7.00 -19.73
CA HIS C 200 32.26 7.61 -20.99
C HIS C 200 33.08 8.88 -21.17
N GLU C 201 33.05 9.43 -22.37
CA GLU C 201 33.88 10.58 -22.69
C GLU C 201 33.07 11.86 -22.64
N SER C 202 31.83 11.82 -22.13
CA SER C 202 31.09 13.06 -21.99
C SER C 202 31.54 13.89 -20.77
N MET C 203 32.25 13.25 -19.84
CA MET C 203 32.69 13.92 -18.62
C MET C 203 34.20 13.90 -18.51
N ILE C 204 34.88 14.14 -19.62
CA ILE C 204 36.34 14.11 -19.63
C ILE C 204 36.91 15.29 -18.89
N LYS C 205 36.09 16.29 -18.56
CA LYS C 205 36.55 17.45 -17.83
C LYS C 205 36.57 17.23 -16.32
N SER C 206 35.91 16.18 -15.83
CA SER C 206 35.89 15.92 -14.39
C SER C 206 35.42 14.51 -14.10
N THR C 207 36.19 13.77 -13.31
CA THR C 207 35.87 12.43 -12.85
C THR C 207 35.92 11.38 -13.95
N ASN C 208 35.34 11.66 -15.12
CA ASN C 208 35.34 10.72 -16.23
C ASN C 208 34.55 9.48 -15.91
N ILE C 209 33.58 9.59 -15.00
CA ILE C 209 32.84 8.43 -14.54
C ILE C 209 31.49 8.86 -14.02
N ILE C 210 30.46 8.05 -14.28
CA ILE C 210 29.13 8.29 -13.75
C ILE C 210 28.77 7.06 -12.93
N MET C 211 28.34 7.27 -11.69
CA MET C 211 28.05 6.15 -10.79
C MET C 211 26.60 6.17 -10.32
N ARG C 212 26.04 4.98 -10.17
CA ARG C 212 24.76 4.81 -9.48
C ARG C 212 24.87 3.67 -8.48
N THR C 213 24.36 3.87 -7.28
CA THR C 213 24.59 2.94 -6.18
C THR C 213 23.28 2.48 -5.55
N ILE C 214 23.30 1.26 -5.02
CA ILE C 214 22.25 0.72 -4.19
C ILE C 214 22.89 0.33 -2.86
N ASP C 215 22.37 0.88 -1.77
CA ASP C 215 22.92 0.70 -0.44
C ASP C 215 22.05 -0.25 0.37
N ARG C 216 22.68 -1.26 0.98
CA ARG C 216 21.99 -2.26 1.79
C ARG C 216 22.52 -2.32 3.21
N THR C 217 23.42 -1.41 3.60
CA THR C 217 24.07 -1.49 4.90
C THR C 217 23.09 -1.36 6.07
N SER C 218 21.87 -0.93 5.83
CA SER C 218 20.88 -0.83 6.89
C SER C 218 19.51 -1.17 6.29
N ASN C 219 18.51 -1.31 7.18
CA ASN C 219 17.16 -1.61 6.70
C ASN C 219 16.15 -1.03 7.69
N GLN C 220 15.93 0.28 7.61
CA GLN C 220 14.90 0.92 8.42
C GLN C 220 13.78 1.34 7.49
N PRO C 221 12.86 0.43 7.14
CA PRO C 221 11.83 0.79 6.16
C PRO C 221 10.78 1.75 6.67
N ASN C 222 10.65 1.89 7.98
CA ASN C 222 9.61 2.73 8.55
C ASN C 222 10.16 3.81 9.43
N LEU C 223 9.60 5.01 9.33
CA LEU C 223 10.04 6.13 10.13
C LEU C 223 8.84 6.85 10.68
N VAL C 224 8.97 7.45 11.86
CA VAL C 224 7.87 8.20 12.45
C VAL C 224 8.44 9.39 13.20
N ASN C 225 7.86 10.57 12.99
CA ASN C 225 8.25 11.78 13.67
C ASN C 225 7.12 12.24 14.56
N LEU C 226 7.45 12.83 15.71
CA LEU C 226 6.43 13.24 16.66
C LEU C 226 6.92 14.46 17.41
N SER C 227 5.99 15.37 17.70
CA SER C 227 6.29 16.59 18.45
C SER C 227 5.10 16.85 19.37
N LEU C 228 5.39 17.38 20.56
CA LEU C 228 4.33 17.59 21.55
C LEU C 228 4.70 18.76 22.45
N ASN C 229 4.20 19.94 22.14
CA ASN C 229 4.38 21.12 22.98
C ASN C 229 3.10 21.30 23.80
N VAL C 230 3.23 21.33 25.13
CA VAL C 230 2.07 21.57 25.98
C VAL C 230 2.36 22.81 26.83
N PRO C 231 2.51 23.97 26.16
CA PRO C 231 2.89 25.15 26.93
C PRO C 231 2.01 25.27 28.14
N GLN C 232 2.60 25.27 29.32
CA GLN C 232 1.82 25.37 30.54
C GLN C 232 1.64 26.84 30.93
N ARG C 233 2.03 27.75 30.04
CA ARG C 233 1.79 29.17 30.27
C ARG C 233 1.16 29.74 29.02
N CYS C 234 0.00 30.36 29.15
CA CYS C 234 -0.72 30.86 27.99
C CYS C 234 0.21 31.61 27.06
N THR D 14 25.91 -13.85 -50.98
CA THR D 14 24.60 -14.43 -50.74
C THR D 14 24.26 -14.42 -49.25
N ILE D 15 23.08 -13.90 -48.92
CA ILE D 15 22.64 -13.75 -47.54
C ILE D 15 21.28 -14.41 -47.39
N ILE D 16 21.06 -15.05 -46.24
CA ILE D 16 19.82 -15.75 -45.96
C ILE D 16 19.15 -15.08 -44.76
N GLU D 17 17.83 -15.27 -44.66
CA GLU D 17 17.04 -14.69 -43.59
C GLU D 17 16.27 -15.79 -42.89
N PRO D 18 16.37 -15.93 -41.57
CA PRO D 18 15.63 -16.99 -40.89
C PRO D 18 14.13 -16.79 -41.00
N SER D 19 13.39 -17.88 -41.03
CA SER D 19 11.94 -17.81 -41.13
C SER D 19 11.37 -17.09 -39.92
N LEU D 20 10.31 -16.33 -40.14
CA LEU D 20 9.68 -15.58 -39.06
C LEU D 20 9.10 -16.53 -38.03
N GLU D 21 9.37 -16.24 -36.76
CA GLU D 21 8.84 -17.07 -35.69
C GLU D 21 7.33 -16.94 -35.57
N ASP D 22 6.82 -15.70 -35.71
CA ASP D 22 5.38 -15.49 -35.56
C ASP D 22 4.61 -16.29 -36.59
N MET D 23 5.05 -16.26 -37.85
CA MET D 23 4.40 -17.06 -38.87
C MET D 23 4.51 -18.54 -38.55
N LEU D 24 5.69 -18.98 -38.13
CA LEU D 24 5.90 -20.38 -37.82
C LEU D 24 5.07 -20.85 -36.63
N MET D 25 4.52 -19.92 -35.85
CA MET D 25 3.48 -20.30 -34.89
C MET D 25 2.14 -20.61 -35.57
N ASN D 26 2.11 -20.63 -36.91
CA ASN D 26 1.02 -21.20 -37.69
C ASN D 26 1.47 -22.44 -38.46
N LYS D 27 2.66 -22.96 -38.17
CA LYS D 27 3.24 -24.13 -38.83
C LYS D 27 3.60 -23.86 -40.28
N LYS D 28 3.77 -22.59 -40.67
CA LYS D 28 4.19 -22.24 -42.02
C LYS D 28 5.07 -21.01 -41.95
N ALA D 29 5.88 -20.82 -42.98
CA ALA D 29 6.73 -19.64 -43.12
C ALA D 29 7.39 -19.71 -44.50
N GLN D 30 8.28 -18.77 -44.77
CA GLN D 30 8.99 -18.71 -46.04
C GLN D 30 10.44 -18.35 -45.81
N LEU D 31 11.34 -19.22 -46.24
CA LEU D 31 12.78 -18.99 -46.16
C LEU D 31 13.24 -18.35 -47.46
N VAL D 32 13.67 -17.09 -47.39
CA VAL D 32 14.09 -16.33 -48.57
C VAL D 32 15.61 -16.36 -48.66
N CYS D 33 16.12 -16.42 -49.89
CA CYS D 33 17.54 -16.47 -50.18
C CYS D 33 17.86 -15.31 -51.11
N ASP D 34 18.64 -14.36 -50.60
CA ASP D 34 19.08 -13.19 -51.35
C ASP D 34 20.52 -13.39 -51.80
N VAL D 35 20.86 -12.76 -52.91
CA VAL D 35 22.18 -12.90 -53.53
C VAL D 35 22.92 -11.57 -53.38
N ASN D 36 24.18 -11.66 -52.95
CA ASN D 36 25.01 -10.47 -52.74
C ASN D 36 26.11 -10.31 -53.77
N GLU D 37 26.45 -11.36 -54.52
CA GLU D 37 27.49 -11.27 -55.53
C GLU D 37 26.94 -10.51 -56.74
N LEU D 38 26.66 -9.22 -56.55
CA LEU D 38 26.10 -8.39 -57.61
C LEU D 38 27.16 -7.70 -58.46
N VAL D 39 28.44 -7.76 -58.07
CA VAL D 39 29.47 -7.12 -58.87
C VAL D 39 29.52 -7.68 -60.29
N PRO D 40 29.55 -9.01 -60.49
CA PRO D 40 29.40 -9.54 -61.85
C PRO D 40 27.93 -9.76 -62.18
N GLY D 41 27.65 -10.30 -63.37
CA GLY D 41 26.28 -10.61 -63.74
C GLY D 41 25.73 -11.75 -62.90
N PHE D 42 24.47 -12.07 -63.17
CA PHE D 42 23.80 -13.18 -62.48
C PHE D 42 22.95 -13.95 -63.48
N LEU D 43 22.77 -15.24 -63.21
CA LEU D 43 22.01 -16.11 -64.10
C LEU D 43 20.74 -16.65 -63.44
N SER D 44 20.85 -17.39 -62.34
CA SER D 44 19.67 -17.98 -61.72
C SER D 44 20.01 -18.45 -60.31
N VAL D 45 18.98 -18.51 -59.47
CA VAL D 45 19.10 -19.01 -58.11
C VAL D 45 18.63 -20.47 -58.10
N LYS D 46 18.99 -21.20 -57.05
CA LYS D 46 18.56 -22.59 -56.94
C LYS D 46 18.46 -22.94 -55.47
N TRP D 47 17.45 -23.75 -55.13
CA TRP D 47 17.25 -24.27 -53.78
C TRP D 47 17.26 -25.79 -53.84
N GLU D 48 18.24 -26.40 -53.18
CA GLU D 48 18.48 -27.84 -53.22
C GLU D 48 18.43 -28.42 -51.81
N ASN D 49 18.60 -29.73 -51.75
CA ASN D 49 18.65 -30.49 -50.51
C ASN D 49 20.11 -30.73 -50.11
N ASP D 50 20.30 -31.36 -48.95
CA ASP D 50 21.64 -31.73 -48.52
C ASP D 50 22.31 -32.65 -49.53
N ASN D 51 21.57 -33.64 -50.03
CA ASN D 51 22.13 -34.56 -51.01
C ASN D 51 22.25 -33.95 -52.41
N GLY D 52 21.84 -32.70 -52.59
CA GLY D 52 21.85 -32.08 -53.90
C GLY D 52 20.64 -32.36 -54.75
N LYS D 53 19.64 -33.08 -54.23
CA LYS D 53 18.47 -33.42 -55.01
C LYS D 53 17.67 -32.17 -55.37
N THR D 54 16.85 -32.30 -56.40
CA THR D 54 16.03 -31.18 -56.89
C THR D 54 14.93 -30.89 -55.87
N LEU D 55 15.07 -29.79 -55.14
CA LEU D 55 14.10 -29.38 -54.14
C LEU D 55 13.23 -28.26 -54.72
N THR D 56 11.93 -28.49 -54.79
CA THR D 56 11.03 -27.52 -55.38
C THR D 56 11.09 -26.20 -54.62
N SER D 57 11.01 -25.10 -55.35
CA SER D 57 11.11 -23.76 -54.77
C SER D 57 10.19 -22.83 -55.54
N ARG D 58 10.24 -21.55 -55.17
CA ARG D 58 9.43 -20.52 -55.80
C ARG D 58 10.33 -19.32 -56.12
N LYS D 59 9.77 -18.35 -56.84
CA LYS D 59 10.50 -17.16 -57.25
C LYS D 59 9.84 -15.92 -56.71
N GLY D 60 10.66 -14.98 -56.24
CA GLY D 60 10.19 -13.76 -55.61
C GLY D 60 10.03 -12.63 -56.61
N VAL D 61 10.12 -11.40 -56.11
CA VAL D 61 9.95 -10.23 -56.97
C VAL D 61 11.05 -10.18 -58.02
N THR D 62 12.29 -10.40 -57.61
CA THR D 62 13.45 -10.34 -58.49
C THR D 62 14.06 -11.72 -58.67
N ASP D 63 14.75 -11.90 -59.80
CA ASP D 63 15.38 -13.18 -60.10
C ASP D 63 16.44 -13.56 -59.07
N LYS D 64 17.02 -12.57 -58.39
CA LYS D 64 18.04 -12.84 -57.38
C LYS D 64 17.46 -13.28 -56.04
N ILE D 65 16.14 -13.45 -55.94
CA ILE D 65 15.48 -13.80 -54.69
C ILE D 65 14.82 -15.16 -54.88
N ALA D 66 15.16 -16.11 -54.01
CA ALA D 66 14.58 -17.45 -54.04
C ALA D 66 13.74 -17.68 -52.79
N ILE D 67 12.48 -18.07 -52.97
CA ILE D 67 11.58 -18.33 -51.86
C ILE D 67 11.42 -19.84 -51.73
N LEU D 68 11.41 -20.32 -50.49
CA LEU D 68 11.23 -21.75 -50.22
C LEU D 68 10.28 -21.93 -49.05
N ASP D 69 9.22 -22.68 -49.26
CA ASP D 69 8.23 -22.90 -48.21
C ASP D 69 8.68 -24.07 -47.32
N ILE D 70 8.72 -23.83 -46.01
CA ILE D 70 9.18 -24.81 -45.04
C ILE D 70 8.10 -24.98 -43.97
N THR D 71 7.80 -26.23 -43.63
CA THR D 71 6.84 -26.55 -42.59
C THR D 71 7.55 -26.68 -41.25
N TYR D 72 6.75 -26.70 -40.17
CA TYR D 72 7.34 -26.81 -38.83
C TYR D 72 8.08 -28.13 -38.63
N GLU D 73 7.62 -29.20 -39.29
CA GLU D 73 8.27 -30.49 -39.13
C GLU D 73 9.76 -30.40 -39.46
N ASP D 74 10.09 -29.96 -40.68
CA ASP D 74 11.48 -29.90 -41.09
C ASP D 74 12.26 -28.90 -40.24
N TRP D 75 11.69 -27.72 -40.00
CA TRP D 75 12.39 -26.69 -39.27
C TRP D 75 12.79 -27.17 -37.87
N SER D 76 11.85 -27.83 -37.17
CA SER D 76 12.17 -28.33 -35.84
C SER D 76 13.11 -29.53 -35.91
N ASN D 77 12.94 -30.38 -36.92
CA ASN D 77 13.76 -31.59 -37.01
C ASN D 77 15.23 -31.27 -37.23
N GLY D 78 15.53 -30.10 -37.79
CA GLY D 78 16.91 -29.73 -38.08
C GLY D 78 17.37 -29.97 -39.49
N THR D 79 16.46 -30.27 -40.42
CA THR D 79 16.85 -30.50 -41.80
C THR D 79 17.55 -29.27 -42.36
N VAL D 80 18.59 -29.50 -43.17
CA VAL D 80 19.42 -28.44 -43.72
C VAL D 80 19.14 -28.34 -45.22
N PHE D 81 18.89 -27.12 -45.68
CA PHE D 81 18.65 -26.82 -47.08
C PHE D 81 19.86 -26.06 -47.63
N TYR D 82 19.98 -26.04 -48.95
CA TYR D 82 21.12 -25.40 -49.59
C TYR D 82 20.63 -24.42 -50.67
N CYS D 83 21.13 -23.19 -50.63
CA CYS D 83 20.84 -22.21 -51.68
C CYS D 83 22.11 -21.94 -52.48
N ALA D 84 22.00 -22.05 -53.81
CA ALA D 84 23.14 -21.95 -54.70
C ALA D 84 22.89 -20.91 -55.78
N VAL D 85 23.99 -20.31 -56.26
CA VAL D 85 23.99 -19.34 -57.34
C VAL D 85 24.72 -19.94 -58.53
N ASP D 86 24.15 -19.78 -59.72
CA ASP D 86 24.70 -20.42 -60.91
C ASP D 86 25.00 -19.41 -62.01
N HIS D 87 25.69 -18.32 -61.67
CA HIS D 87 26.05 -17.31 -62.66
C HIS D 87 26.93 -17.92 -63.75
N MET D 88 26.70 -17.46 -64.99
CA MET D 88 27.48 -17.95 -66.13
C MET D 88 28.97 -17.83 -65.88
N GLU D 89 29.41 -16.73 -65.26
CA GLU D 89 30.84 -16.54 -65.03
C GLU D 89 31.32 -17.25 -63.78
N ASN D 90 30.46 -17.40 -62.78
CA ASN D 90 30.82 -18.04 -61.53
C ASN D 90 30.57 -19.54 -61.54
N LEU D 91 30.15 -20.12 -62.67
CA LEU D 91 29.87 -21.55 -62.70
C LEU D 91 31.11 -22.39 -62.45
N GLY D 92 32.31 -21.80 -62.56
CA GLY D 92 33.51 -22.55 -62.24
C GLY D 92 33.49 -23.09 -60.82
N ASP D 93 32.98 -22.30 -59.88
CA ASP D 93 32.75 -22.72 -58.51
C ASP D 93 31.26 -22.67 -58.22
N LEU D 94 30.88 -23.11 -57.02
CA LEU D 94 29.49 -23.07 -56.60
C LEU D 94 29.43 -22.63 -55.15
N VAL D 95 28.84 -21.46 -54.89
CA VAL D 95 28.66 -20.97 -53.52
C VAL D 95 27.31 -21.52 -53.07
N LYS D 96 27.32 -22.80 -52.68
CA LYS D 96 26.10 -23.52 -52.30
C LYS D 96 25.89 -23.31 -50.80
N LYS D 97 25.22 -22.22 -50.44
CA LYS D 97 25.03 -21.88 -49.03
C LYS D 97 24.27 -22.99 -48.32
N ALA D 98 24.26 -22.91 -46.99
CA ALA D 98 23.49 -23.85 -46.18
C ALA D 98 22.75 -23.11 -45.07
N TYR D 99 21.62 -23.68 -44.67
CA TYR D 99 20.83 -23.22 -43.52
C TYR D 99 20.86 -24.33 -42.47
N LYS D 100 21.62 -24.12 -41.40
CA LYS D 100 21.68 -25.06 -40.29
C LYS D 100 21.21 -24.40 -39.00
N ARG D 101 20.15 -24.94 -38.42
CA ARG D 101 19.62 -24.50 -37.14
C ARG D 101 20.01 -25.52 -36.08
N GLU D 102 20.74 -25.08 -35.06
CA GLU D 102 21.12 -25.98 -33.99
C GLU D 102 19.89 -26.40 -33.18
N THR D 103 19.93 -27.64 -32.67
CA THR D 103 18.80 -28.18 -31.93
C THR D 103 19.24 -29.13 -30.81
N GLY D 104 20.44 -28.92 -30.27
CA GLY D 104 20.97 -29.83 -29.27
C GLY D 104 20.53 -29.52 -27.85
N GLY D 105 19.34 -29.98 -27.48
CA GLY D 105 18.88 -29.83 -26.12
C GLY D 105 17.37 -29.92 -26.04
N VAL D 106 16.86 -29.64 -24.85
CA VAL D 106 15.42 -29.57 -24.59
C VAL D 106 15.10 -28.12 -24.24
N PRO D 107 13.95 -27.58 -24.66
CA PRO D 107 13.69 -26.16 -24.43
C PRO D 107 13.66 -25.83 -22.95
N GLN D 108 13.58 -24.53 -22.67
CA GLN D 108 13.42 -24.02 -21.31
C GLN D 108 12.47 -22.83 -21.33
N ARG D 109 11.60 -22.75 -20.34
CA ARG D 109 10.64 -21.66 -20.29
C ARG D 109 11.31 -20.41 -19.72
N PRO D 110 11.35 -19.30 -20.47
CA PRO D 110 11.90 -18.07 -19.90
C PRO D 110 11.05 -17.55 -18.75
N SER D 111 11.72 -16.88 -17.82
CA SER D 111 11.05 -16.18 -16.72
C SER D 111 11.06 -14.69 -17.03
N VAL D 112 9.94 -14.17 -17.52
CA VAL D 112 9.83 -12.79 -17.94
C VAL D 112 9.60 -11.90 -16.73
N PHE D 113 10.28 -10.76 -16.70
CA PHE D 113 10.18 -9.78 -15.62
C PHE D 113 9.93 -8.41 -16.21
N LEU D 114 9.13 -7.60 -15.52
CA LEU D 114 8.80 -6.25 -15.96
C LEU D 114 9.36 -5.28 -14.93
N LEU D 115 10.49 -4.66 -15.27
CA LEU D 115 11.26 -3.87 -14.32
C LEU D 115 10.63 -2.50 -14.12
N ALA D 116 11.24 -1.70 -13.23
CA ALA D 116 10.69 -0.42 -12.86
C ALA D 116 10.76 0.56 -14.02
N PRO D 117 9.83 1.51 -14.09
CA PRO D 117 9.88 2.52 -15.14
C PRO D 117 11.08 3.46 -14.97
N ALA D 118 11.58 3.94 -16.10
CA ALA D 118 12.72 4.84 -16.14
C ALA D 118 12.26 6.19 -16.70
N GLU D 119 11.81 7.05 -15.80
CA GLU D 119 11.31 8.39 -16.14
C GLU D 119 12.45 9.39 -16.16
N GLN D 120 12.31 10.41 -17.01
CA GLN D 120 13.26 11.52 -17.02
C GLN D 120 12.50 12.78 -17.44
N THR D 121 12.11 13.57 -16.44
CA THR D 121 11.43 14.84 -16.68
C THR D 121 12.31 15.86 -17.37
N SER D 122 13.63 15.66 -17.37
CA SER D 122 14.52 16.59 -18.05
C SER D 122 14.17 16.69 -19.53
N ASP D 123 13.76 15.58 -20.13
CA ASP D 123 13.33 15.53 -21.51
C ASP D 123 11.88 15.10 -21.63
N ASN D 124 11.22 14.84 -20.49
CA ASN D 124 9.82 14.45 -20.48
C ASN D 124 9.61 13.15 -21.25
N THR D 125 10.26 12.10 -20.78
CA THR D 125 10.16 10.81 -21.47
C THR D 125 10.28 9.68 -20.46
N VAL D 126 9.55 8.59 -20.69
CA VAL D 126 9.60 7.40 -19.85
C VAL D 126 9.83 6.18 -20.72
N THR D 127 10.61 5.23 -20.20
CA THR D 127 10.90 3.98 -20.89
C THR D 127 10.69 2.81 -19.94
N LEU D 128 9.95 1.81 -20.43
CA LEU D 128 9.62 0.59 -19.69
C LEU D 128 10.40 -0.58 -20.28
N THR D 129 11.02 -1.38 -19.40
CA THR D 129 11.89 -2.48 -19.78
C THR D 129 11.26 -3.83 -19.46
N CYS D 130 11.18 -4.70 -20.45
CA CYS D 130 10.72 -6.08 -20.29
C CYS D 130 11.92 -7.01 -20.51
N TYR D 131 12.30 -7.74 -19.46
CA TYR D 131 13.50 -8.54 -19.40
C TYR D 131 13.16 -10.02 -19.49
N VAL D 132 13.83 -10.74 -20.38
CA VAL D 132 13.61 -12.17 -20.58
C VAL D 132 14.85 -12.90 -20.07
N LYS D 133 14.64 -13.83 -19.15
CA LYS D 133 15.70 -14.56 -18.48
C LYS D 133 16.04 -15.83 -19.26
N ASP D 134 16.75 -16.75 -18.61
CA ASP D 134 17.29 -17.94 -19.27
C ASP D 134 16.23 -18.71 -20.04
N PHE D 135 16.48 -18.91 -21.33
CA PHE D 135 15.70 -19.81 -22.17
C PHE D 135 16.63 -20.40 -23.22
N TYR D 136 16.49 -21.70 -23.48
CA TYR D 136 17.49 -22.38 -24.29
C TYR D 136 17.42 -21.98 -25.76
N PRO D 137 16.36 -22.30 -26.49
CA PRO D 137 16.37 -22.01 -27.93
C PRO D 137 16.38 -20.51 -28.19
N LYS D 138 17.19 -20.11 -29.17
CA LYS D 138 17.39 -18.68 -29.43
C LYS D 138 16.10 -18.01 -29.86
N ASP D 139 15.36 -18.64 -30.77
CA ASP D 139 14.21 -17.99 -31.39
C ASP D 139 13.22 -17.49 -30.35
N VAL D 140 13.05 -16.18 -30.31
CA VAL D 140 12.12 -15.52 -29.39
C VAL D 140 11.67 -14.23 -30.05
N LEU D 141 10.56 -13.67 -29.58
CA LEU D 141 10.06 -12.43 -30.16
C LEU D 141 9.26 -11.68 -29.10
N VAL D 142 9.50 -10.38 -28.96
CA VAL D 142 8.83 -9.57 -27.95
C VAL D 142 8.04 -8.46 -28.62
N ALA D 143 6.75 -8.39 -28.29
CA ALA D 143 5.86 -7.35 -28.79
C ALA D 143 5.17 -6.68 -27.60
N TRP D 144 4.59 -5.52 -27.86
CA TRP D 144 4.00 -4.72 -26.79
C TRP D 144 2.53 -4.43 -27.09
N LEU D 145 1.75 -4.34 -26.01
CA LEU D 145 0.35 -3.98 -26.09
C LEU D 145 0.11 -2.77 -25.19
N VAL D 146 -0.69 -1.83 -25.70
CA VAL D 146 -0.98 -0.60 -24.97
C VAL D 146 -2.08 -0.84 -23.94
N ASP D 147 -3.28 -1.18 -24.39
CA ASP D 147 -4.35 -1.62 -23.49
C ASP D 147 -4.74 -3.07 -23.77
N ASP D 148 -5.15 -3.38 -24.99
CA ASP D 148 -5.37 -4.77 -25.38
C ASP D 148 -5.02 -5.04 -26.84
N GLU D 149 -4.50 -4.06 -27.57
CA GLU D 149 -4.14 -4.19 -28.96
C GLU D 149 -2.70 -3.75 -29.16
N PRO D 150 -2.01 -4.29 -30.18
CA PRO D 150 -0.58 -4.00 -30.31
C PRO D 150 -0.34 -2.50 -30.47
N VAL D 151 0.77 -2.03 -29.91
CA VAL D 151 1.08 -0.61 -29.92
C VAL D 151 1.16 -0.09 -31.35
N GLU D 152 1.50 -0.94 -32.31
CA GLU D 152 1.67 -0.53 -33.69
C GLU D 152 0.36 -0.29 -34.42
N ARG D 153 -0.77 -0.20 -33.71
CA ARG D 153 -2.06 0.08 -34.34
C ARG D 153 -2.68 1.40 -33.93
N THR D 154 -2.58 1.78 -32.65
CA THR D 154 -3.33 2.95 -32.18
C THR D 154 -2.61 4.26 -32.51
N SER D 155 -1.45 4.49 -31.88
CA SER D 155 -0.75 5.77 -32.03
C SER D 155 0.76 5.61 -32.19
N SER D 156 1.24 4.45 -32.62
CA SER D 156 2.67 4.24 -32.71
C SER D 156 3.35 5.26 -33.62
N SER D 157 2.62 5.79 -34.61
CA SER D 157 3.24 6.67 -35.58
C SER D 157 3.97 7.84 -34.93
N ALA D 158 3.45 8.32 -33.81
CA ALA D 158 4.02 9.49 -33.15
C ALA D 158 4.42 9.26 -31.70
N LEU D 159 3.63 8.49 -30.95
CA LEU D 159 3.79 8.47 -29.49
C LEU D 159 4.77 7.40 -29.01
N TYR D 160 4.62 6.16 -29.49
CA TYR D 160 5.29 5.01 -28.91
C TYR D 160 6.40 4.52 -29.82
N GLN D 161 7.54 4.14 -29.23
CA GLN D 161 8.59 3.48 -29.99
C GLN D 161 9.15 2.33 -29.17
N PHE D 162 9.32 1.17 -29.80
CA PHE D 162 9.74 -0.03 -29.09
C PHE D 162 10.93 -0.66 -29.80
N ASN D 163 11.73 -1.40 -29.04
CA ASN D 163 12.87 -2.08 -29.62
C ASN D 163 13.31 -3.23 -28.76
N THR D 164 14.18 -4.08 -29.29
CA THR D 164 14.71 -5.24 -28.58
C THR D 164 16.19 -5.40 -28.93
N THR D 165 16.98 -5.82 -27.93
CA THR D 165 18.40 -6.01 -28.12
C THR D 165 18.69 -7.41 -28.64
N SER D 166 19.96 -7.80 -28.67
CA SER D 166 20.37 -9.13 -29.06
C SER D 166 20.55 -9.99 -27.83
N GLN D 167 20.87 -11.27 -28.05
CA GLN D 167 20.94 -12.24 -26.97
C GLN D 167 22.32 -12.26 -26.34
N ILE D 168 22.35 -12.55 -25.03
CA ILE D 168 23.58 -12.78 -24.30
C ILE D 168 23.50 -14.18 -23.70
N GLN D 169 24.52 -14.99 -23.99
CA GLN D 169 24.52 -16.40 -23.60
C GLN D 169 25.42 -16.59 -22.38
N SER D 170 24.82 -16.97 -21.26
CA SER D 170 25.61 -17.27 -20.06
C SER D 170 26.19 -18.68 -20.14
N GLY D 171 25.31 -19.68 -20.11
CA GLY D 171 25.71 -21.06 -20.31
C GLY D 171 25.08 -21.63 -21.56
N ARG D 172 24.11 -22.52 -21.39
CA ARG D 172 23.32 -23.04 -22.50
C ARG D 172 22.11 -22.18 -22.83
N THR D 173 21.74 -21.25 -21.94
CA THR D 173 20.50 -20.51 -22.06
C THR D 173 20.77 -19.09 -22.56
N TYR D 174 19.70 -18.33 -22.75
CA TYR D 174 19.79 -17.00 -23.34
C TYR D 174 18.91 -16.03 -22.56
N SER D 175 19.26 -14.75 -22.65
CA SER D 175 18.48 -13.67 -22.05
C SER D 175 18.47 -12.50 -23.02
N VAL D 176 17.46 -11.64 -22.90
CA VAL D 176 17.35 -10.49 -23.80
C VAL D 176 16.54 -9.39 -23.12
N TYR D 177 16.82 -8.15 -23.50
CA TYR D 177 16.13 -6.99 -22.98
C TYR D 177 15.32 -6.34 -24.09
N SER D 178 14.14 -5.83 -23.75
CA SER D 178 13.31 -5.13 -24.72
C SER D 178 12.72 -3.90 -24.03
N GLN D 179 12.47 -2.85 -24.80
CA GLN D 179 12.06 -1.59 -24.21
C GLN D 179 10.96 -0.95 -25.03
N LEU D 180 10.21 -0.07 -24.36
CA LEU D 180 9.20 0.76 -24.99
C LEU D 180 9.33 2.17 -24.40
N THR D 181 9.32 3.18 -25.25
CA THR D 181 9.57 4.56 -24.85
C THR D 181 8.47 5.45 -25.37
N PHE D 182 8.00 6.37 -24.53
CA PHE D 182 7.02 7.35 -24.93
C PHE D 182 7.14 8.57 -24.02
N SER D 183 6.29 9.55 -24.25
CA SER D 183 6.36 10.81 -23.52
C SER D 183 5.88 10.63 -22.08
N ASN D 184 6.44 11.43 -21.17
CA ASN D 184 6.04 11.36 -19.78
C ASN D 184 4.64 11.95 -19.58
N ASP D 185 4.25 12.88 -20.45
CA ASP D 185 2.91 13.44 -20.37
C ASP D 185 1.88 12.34 -20.54
N LEU D 186 2.10 11.42 -21.47
CA LEU D 186 1.20 10.28 -21.57
C LEU D 186 1.33 9.41 -20.32
N TRP D 187 2.51 9.40 -19.70
CA TRP D 187 2.69 8.62 -18.48
C TRP D 187 1.68 9.07 -17.44
N LYS D 188 1.43 10.39 -17.37
CA LYS D 188 0.53 10.93 -16.36
C LYS D 188 -0.94 10.65 -16.62
N ASN D 189 -1.31 10.19 -17.81
CA ASN D 189 -2.68 9.77 -18.04
C ASN D 189 -3.14 8.85 -16.91
N GLU D 190 -2.30 7.89 -16.54
CA GLU D 190 -2.54 7.01 -15.40
C GLU D 190 -3.81 6.19 -15.59
N GLU D 191 -4.19 5.92 -16.83
CA GLU D 191 -5.39 5.16 -17.14
C GLU D 191 -5.11 4.10 -18.19
N VAL D 192 -3.90 3.55 -18.18
CA VAL D 192 -3.46 2.65 -19.24
C VAL D 192 -2.52 1.60 -18.63
N VAL D 193 -2.92 0.34 -18.68
CA VAL D 193 -2.04 -0.76 -18.31
C VAL D 193 -1.35 -1.24 -19.57
N TYR D 194 -0.02 -1.30 -19.55
CA TYR D 194 0.75 -1.81 -20.68
C TYR D 194 1.10 -3.26 -20.44
N SER D 195 1.63 -3.92 -21.48
CA SER D 195 1.97 -5.33 -21.30
C SER D 195 2.90 -5.81 -22.41
N CYS D 196 3.96 -6.51 -22.02
CA CYS D 196 4.88 -7.13 -22.98
C CYS D 196 4.52 -8.60 -23.15
N VAL D 197 4.43 -9.03 -24.41
CA VAL D 197 4.08 -10.38 -24.79
C VAL D 197 5.26 -11.01 -25.49
N VAL D 198 5.62 -12.23 -25.08
CA VAL D 198 6.80 -12.93 -25.55
C VAL D 198 6.38 -14.20 -26.26
N TYR D 199 6.86 -14.38 -27.48
CA TYR D 199 6.69 -15.59 -28.27
C TYR D 199 7.95 -16.42 -28.13
N HIS D 200 7.77 -17.73 -27.96
CA HIS D 200 8.88 -18.65 -27.78
C HIS D 200 8.39 -20.05 -28.12
N GLU D 201 9.34 -20.93 -28.45
CA GLU D 201 8.99 -22.27 -28.92
C GLU D 201 8.61 -23.21 -27.79
N SER D 202 8.85 -22.84 -26.54
CA SER D 202 8.56 -23.72 -25.41
C SER D 202 7.12 -23.62 -24.94
N MET D 203 6.26 -22.93 -25.69
CA MET D 203 4.85 -22.77 -25.34
C MET D 203 3.95 -23.22 -26.48
N ILE D 204 4.46 -24.04 -27.40
CA ILE D 204 3.67 -24.47 -28.56
C ILE D 204 2.46 -25.28 -28.16
N LYS D 205 2.53 -26.03 -27.06
CA LYS D 205 1.41 -26.89 -26.69
C LYS D 205 0.18 -26.08 -26.30
N SER D 206 0.37 -25.00 -25.54
CA SER D 206 -0.69 -24.13 -25.10
C SER D 206 -0.61 -22.84 -25.92
N THR D 207 -1.17 -21.76 -25.40
CA THR D 207 -1.02 -20.48 -26.08
C THR D 207 0.46 -20.23 -26.34
N ASN D 208 0.78 -19.77 -27.53
CA ASN D 208 2.18 -19.63 -27.91
C ASN D 208 2.86 -18.41 -27.32
N ILE D 209 2.23 -17.70 -26.39
CA ILE D 209 2.80 -16.47 -25.85
C ILE D 209 2.80 -16.49 -24.32
N ILE D 210 3.55 -15.55 -23.76
CA ILE D 210 3.59 -15.30 -22.32
C ILE D 210 3.37 -13.80 -22.16
N MET D 211 2.56 -13.40 -21.19
CA MET D 211 2.25 -11.99 -21.02
C MET D 211 2.63 -11.47 -19.64
N ARG D 212 3.07 -10.22 -19.59
CA ARG D 212 3.27 -9.52 -18.33
C ARG D 212 2.74 -8.10 -18.52
N THR D 213 2.31 -7.47 -17.42
CA THR D 213 1.69 -6.16 -17.50
C THR D 213 2.18 -5.25 -16.39
N ILE D 214 2.05 -3.94 -16.64
CA ILE D 214 2.42 -2.91 -15.68
C ILE D 214 1.35 -1.82 -15.71
N ASP D 215 1.28 -1.07 -14.61
CA ASP D 215 0.42 0.11 -14.51
C ASP D 215 1.16 1.23 -13.82
N ARG D 216 0.79 2.47 -14.18
CA ARG D 216 1.45 3.65 -13.61
C ARG D 216 1.42 3.65 -12.09
N THR D 217 0.40 3.08 -11.47
CA THR D 217 0.24 3.11 -10.03
C THR D 217 0.62 1.75 -9.42
N SER D 218 1.76 1.73 -8.73
CA SER D 218 2.23 0.49 -8.10
C SER D 218 3.51 0.75 -7.31
N ASN D 219 3.74 -0.04 -6.27
CA ASN D 219 4.95 0.09 -5.50
C ASN D 219 5.14 1.53 -5.04
N GLN D 220 4.10 2.12 -4.48
CA GLN D 220 4.19 3.48 -3.99
C GLN D 220 4.17 3.47 -2.47
N PRO D 221 4.98 4.34 -1.84
CA PRO D 221 5.07 4.33 -0.38
C PRO D 221 3.81 4.86 0.29
N ASN D 222 3.76 4.83 1.62
CA ASN D 222 2.61 5.32 2.36
C ASN D 222 3.05 6.45 3.27
N LEU D 223 2.38 7.59 3.17
CA LEU D 223 2.74 8.77 3.96
C LEU D 223 1.48 9.37 4.57
N VAL D 224 1.60 9.78 5.84
CA VAL D 224 0.50 10.40 6.55
C VAL D 224 1.00 11.59 7.34
N ASN D 225 0.46 12.77 7.08
CA ASN D 225 0.89 13.98 7.78
C ASN D 225 -0.29 14.64 8.45
N LEU D 226 -0.14 15.01 9.72
CA LEU D 226 -1.23 15.64 10.45
C LEU D 226 -0.74 16.64 11.47
N SER D 227 -1.58 17.62 11.78
CA SER D 227 -1.23 18.63 12.77
C SER D 227 -2.47 18.93 13.55
N LEU D 228 -2.38 18.94 14.87
CA LEU D 228 -3.56 19.12 15.69
C LEU D 228 -3.32 20.08 16.81
N ASN D 229 -4.30 20.94 17.09
CA ASN D 229 -4.17 21.91 18.17
C ASN D 229 -5.36 21.90 19.09
N VAL D 230 -5.28 21.12 20.15
CA VAL D 230 -6.39 21.01 21.08
C VAL D 230 -6.24 22.03 22.19
N PRO D 231 -7.08 23.07 22.19
CA PRO D 231 -6.86 24.09 23.22
C PRO D 231 -7.51 23.74 24.55
N GLN D 232 -6.77 23.10 25.43
CA GLN D 232 -7.31 22.76 26.74
C GLN D 232 -7.48 23.99 27.59
N ARG D 233 -8.18 23.84 28.71
CA ARG D 233 -8.44 24.97 29.59
C ARG D 233 -8.33 24.56 31.04
N CYS D 234 -7.13 24.58 31.59
CA CYS D 234 -6.98 24.25 33.00
C CYS D 234 -8.10 24.88 33.79
N THR E 14 -32.27 -35.54 -33.87
CA THR E 14 -30.94 -35.23 -34.38
C THR E 14 -30.46 -33.89 -33.83
N ILE E 15 -29.25 -33.89 -33.26
CA ILE E 15 -28.66 -32.73 -32.62
C ILE E 15 -27.28 -32.48 -33.21
N ILE E 16 -26.91 -31.20 -33.34
CA ILE E 16 -25.65 -30.79 -33.93
C ILE E 16 -24.81 -30.12 -32.86
N GLU E 17 -23.50 -30.08 -33.08
CA GLU E 17 -22.56 -29.52 -32.14
C GLU E 17 -21.74 -28.42 -32.82
N PRO E 18 -21.69 -27.22 -32.25
CA PRO E 18 -20.93 -26.15 -32.90
C PRO E 18 -19.44 -26.46 -32.93
N SER E 19 -18.78 -25.97 -33.97
CA SER E 19 -17.34 -26.19 -34.12
C SER E 19 -16.59 -25.56 -32.95
N LEU E 20 -15.53 -26.21 -32.52
CA LEU E 20 -14.74 -25.70 -31.40
C LEU E 20 -14.09 -24.37 -31.79
N GLU E 21 -14.21 -23.39 -30.90
CA GLU E 21 -13.62 -22.07 -31.16
C GLU E 21 -12.10 -22.14 -31.14
N ASP E 22 -11.53 -22.89 -30.20
CA ASP E 22 -10.07 -22.95 -30.09
C ASP E 22 -9.46 -23.49 -31.39
N MET E 23 -10.04 -24.57 -31.92
CA MET E 23 -9.55 -25.10 -33.19
C MET E 23 -9.70 -24.08 -34.30
N LEU E 24 -10.85 -23.42 -34.36
CA LEU E 24 -11.10 -22.43 -35.40
C LEU E 24 -10.17 -21.22 -35.28
N MET E 25 -9.50 -21.06 -34.16
CA MET E 25 -8.37 -20.12 -34.12
C MET E 25 -7.14 -20.65 -34.85
N ASN E 26 -7.26 -21.79 -35.51
CA ASN E 26 -6.31 -22.25 -36.51
C ASN E 26 -6.91 -22.30 -37.90
N LYS E 27 -8.09 -21.70 -38.09
CA LYS E 27 -8.80 -21.67 -39.37
C LYS E 27 -9.29 -23.04 -39.80
N LYS E 28 -9.42 -23.98 -38.86
CA LYS E 28 -9.95 -25.30 -39.17
C LYS E 28 -10.76 -25.80 -37.98
N ALA E 29 -11.64 -26.74 -38.24
CA ALA E 29 -12.44 -27.40 -37.21
C ALA E 29 -13.23 -28.52 -37.88
N GLN E 30 -14.09 -29.17 -37.09
CA GLN E 30 -14.91 -30.27 -37.59
C GLN E 30 -16.31 -30.17 -37.00
N LEU E 31 -17.31 -30.08 -37.88
CA LEU E 31 -18.71 -30.04 -37.48
C LEU E 31 -19.27 -31.45 -37.50
N VAL E 32 -19.56 -31.98 -36.31
CA VAL E 32 -20.10 -33.33 -36.17
C VAL E 32 -21.61 -33.28 -36.17
N CYS E 33 -22.23 -34.30 -36.75
CA CYS E 33 -23.68 -34.46 -36.78
C CYS E 33 -24.01 -35.83 -36.21
N ASP E 34 -24.64 -35.84 -35.04
CA ASP E 34 -25.09 -37.05 -34.38
C ASP E 34 -26.60 -37.20 -34.57
N VAL E 35 -27.06 -38.45 -34.55
CA VAL E 35 -28.46 -38.79 -34.81
C VAL E 35 -29.09 -39.27 -33.50
N ASN E 36 -30.27 -38.74 -33.20
CA ASN E 36 -30.98 -39.08 -31.98
C ASN E 36 -32.20 -39.97 -32.20
N GLU E 37 -32.69 -40.06 -33.43
CA GLU E 37 -33.85 -40.90 -33.73
C GLU E 37 -33.41 -42.36 -33.71
N LEU E 38 -33.03 -42.86 -32.54
CA LEU E 38 -32.56 -44.23 -32.40
C LEU E 38 -33.65 -45.23 -32.09
N VAL E 39 -34.89 -44.77 -31.82
CA VAL E 39 -35.98 -45.71 -31.54
C VAL E 39 -36.21 -46.64 -32.72
N PRO E 40 -36.34 -46.18 -33.96
CA PRO E 40 -36.36 -47.11 -35.10
C PRO E 40 -34.95 -47.39 -35.60
N GLY E 41 -34.84 -48.18 -36.67
CA GLY E 41 -33.55 -48.44 -37.27
C GLY E 41 -32.97 -47.19 -37.91
N PHE E 42 -31.77 -47.36 -38.46
CA PHE E 42 -31.10 -46.27 -39.16
C PHE E 42 -30.42 -46.82 -40.41
N LEU E 43 -30.29 -45.96 -41.43
CA LEU E 43 -29.69 -46.37 -42.70
C LEU E 43 -28.40 -45.63 -42.99
N SER E 44 -28.44 -44.30 -43.11
CA SER E 44 -27.24 -43.55 -43.46
C SER E 44 -27.44 -42.07 -43.15
N VAL E 45 -26.33 -41.39 -42.91
CA VAL E 45 -26.31 -39.95 -42.69
C VAL E 45 -25.93 -39.27 -44.00
N LYS E 46 -26.21 -37.96 -44.07
CA LYS E 46 -25.86 -37.20 -45.26
C LYS E 46 -25.61 -35.75 -44.86
N TRP E 47 -24.63 -35.13 -45.51
CA TRP E 47 -24.32 -33.72 -45.31
C TRP E 47 -24.42 -33.00 -46.66
N GLU E 48 -25.37 -32.07 -46.75
CA GLU E 48 -25.69 -31.37 -47.98
C GLU E 48 -25.53 -29.87 -47.79
N ASN E 49 -25.77 -29.13 -48.87
CA ASN E 49 -25.75 -27.68 -48.91
C ASN E 49 -27.16 -27.13 -48.76
N ASP E 50 -27.27 -25.80 -48.72
CA ASP E 50 -28.58 -25.16 -48.67
C ASP E 50 -29.41 -25.53 -49.89
N ASN E 51 -28.80 -25.53 -51.07
CA ASN E 51 -29.51 -25.88 -52.29
C ASN E 51 -29.74 -27.38 -52.44
N GLY E 52 -29.26 -28.19 -51.49
CA GLY E 52 -29.37 -29.62 -51.59
C GLY E 52 -28.29 -30.30 -52.41
N LYS E 53 -27.29 -29.56 -52.88
CA LYS E 53 -26.24 -30.13 -53.70
C LYS E 53 -25.40 -31.12 -52.88
N THR E 54 -24.71 -31.99 -53.59
CA THR E 54 -23.87 -33.01 -52.95
C THR E 54 -22.64 -32.35 -52.34
N LEU E 55 -22.61 -32.24 -51.02
CA LEU E 55 -21.51 -31.65 -50.29
C LEU E 55 -20.65 -32.76 -49.71
N THR E 56 -19.38 -32.81 -50.09
CA THR E 56 -18.50 -33.87 -49.65
C THR E 56 -18.38 -33.85 -48.12
N SER E 57 -18.27 -35.04 -47.54
CA SER E 57 -18.17 -35.18 -46.09
C SER E 57 -17.35 -36.44 -45.80
N ARG E 58 -17.46 -36.92 -44.56
CA ARG E 58 -16.83 -38.16 -44.15
C ARG E 58 -17.60 -38.69 -42.95
N LYS E 59 -17.14 -39.82 -42.41
CA LYS E 59 -17.86 -40.51 -41.34
C LYS E 59 -16.90 -40.78 -40.18
N GLY E 60 -17.47 -40.90 -39.00
CA GLY E 60 -16.70 -41.06 -37.77
C GLY E 60 -16.63 -42.50 -37.30
N VAL E 61 -16.64 -42.67 -35.98
CA VAL E 61 -16.52 -44.01 -35.39
C VAL E 61 -17.73 -44.86 -35.73
N THR E 62 -18.93 -44.30 -35.59
CA THR E 62 -20.17 -45.01 -35.84
C THR E 62 -20.87 -44.46 -37.08
N ASP E 63 -21.69 -45.30 -37.68
CA ASP E 63 -22.41 -44.90 -38.89
C ASP E 63 -23.36 -43.74 -38.64
N LYS E 64 -23.81 -43.56 -37.39
CA LYS E 64 -24.71 -42.47 -37.04
C LYS E 64 -24.01 -41.13 -36.86
N ILE E 65 -22.70 -41.06 -37.09
CA ILE E 65 -21.92 -39.84 -36.87
C ILE E 65 -21.39 -39.38 -38.23
N ALA E 66 -21.69 -38.13 -38.58
CA ALA E 66 -21.22 -37.53 -39.83
C ALA E 66 -20.28 -36.38 -39.50
N ILE E 67 -19.07 -36.41 -40.07
CA ILE E 67 -18.08 -35.36 -39.85
C ILE E 67 -18.01 -34.50 -41.10
N LEU E 68 -17.92 -33.18 -40.91
CA LEU E 68 -17.83 -32.25 -42.02
C LEU E 68 -16.76 -31.22 -41.70
N ASP E 69 -15.77 -31.08 -42.57
CA ASP E 69 -14.69 -30.13 -42.36
C ASP E 69 -15.11 -28.76 -42.89
N ILE E 70 -14.99 -27.74 -42.03
CA ILE E 70 -15.38 -26.38 -42.37
C ILE E 70 -14.20 -25.45 -42.10
N THR E 71 -13.96 -24.51 -43.01
CA THR E 71 -12.87 -23.57 -42.88
C THR E 71 -13.38 -22.29 -42.20
N TYR E 72 -12.48 -21.32 -42.04
CA TYR E 72 -12.84 -20.09 -41.34
C TYR E 72 -13.77 -19.23 -42.18
N GLU E 73 -13.46 -19.08 -43.48
CA GLU E 73 -14.24 -18.20 -44.35
C GLU E 73 -15.72 -18.56 -44.29
N ASP E 74 -16.08 -19.77 -44.69
CA ASP E 74 -17.49 -20.17 -44.70
C ASP E 74 -18.14 -19.92 -43.35
N TRP E 75 -17.46 -20.32 -42.27
CA TRP E 75 -18.02 -20.19 -40.93
C TRP E 75 -18.35 -18.74 -40.60
N SER E 76 -17.43 -17.82 -40.89
CA SER E 76 -17.68 -16.42 -40.61
C SER E 76 -18.73 -15.82 -41.53
N ASN E 77 -18.74 -16.24 -42.79
CA ASN E 77 -19.67 -15.66 -43.76
C ASN E 77 -21.12 -15.95 -43.40
N GLY E 78 -21.37 -17.03 -42.65
CA GLY E 78 -22.72 -17.40 -42.30
C GLY E 78 -23.35 -18.47 -43.16
N THR E 79 -22.57 -19.15 -43.99
CA THR E 79 -23.13 -20.21 -44.83
C THR E 79 -23.76 -21.28 -43.96
N VAL E 80 -24.89 -21.81 -44.43
CA VAL E 80 -25.68 -22.78 -43.68
C VAL E 80 -25.57 -24.14 -44.36
N PHE E 81 -25.26 -25.16 -43.58
CA PHE E 81 -25.16 -26.53 -44.07
C PHE E 81 -26.35 -27.33 -43.54
N TYR E 82 -26.61 -28.47 -44.16
CA TYR E 82 -27.76 -29.29 -43.79
C TYR E 82 -27.33 -30.73 -43.53
N CYS E 83 -27.74 -31.29 -42.40
CA CYS E 83 -27.50 -32.69 -42.10
C CYS E 83 -28.83 -33.43 -42.13
N ALA E 84 -28.87 -34.53 -42.88
CA ALA E 84 -30.11 -35.27 -43.12
C ALA E 84 -29.92 -36.73 -42.77
N VAL E 85 -31.02 -37.36 -42.37
CA VAL E 85 -31.08 -38.79 -42.04
C VAL E 85 -31.98 -39.46 -43.07
N ASP E 86 -31.54 -40.62 -43.57
CA ASP E 86 -32.25 -41.30 -44.64
C ASP E 86 -32.60 -42.74 -44.25
N HIS E 87 -33.19 -42.92 -43.07
CA HIS E 87 -33.59 -44.24 -42.63
C HIS E 87 -34.61 -44.83 -43.61
N MET E 88 -34.50 -46.14 -43.85
CA MET E 88 -35.41 -46.82 -44.77
C MET E 88 -36.86 -46.61 -44.38
N GLU E 89 -37.16 -46.51 -43.08
CA GLU E 89 -38.53 -46.35 -42.62
C GLU E 89 -38.96 -44.89 -42.59
N ASN E 90 -38.04 -43.99 -42.28
CA ASN E 90 -38.34 -42.57 -42.16
C ASN E 90 -38.19 -41.82 -43.48
N LEU E 91 -37.92 -42.54 -44.58
CA LEU E 91 -37.74 -41.87 -45.87
C LEU E 91 -39.01 -41.16 -46.33
N GLY E 92 -40.16 -41.49 -45.75
CA GLY E 92 -41.38 -40.78 -46.10
C GLY E 92 -41.26 -39.30 -45.87
N ASP E 93 -40.61 -38.90 -44.79
CA ASP E 93 -40.27 -37.51 -44.50
C ASP E 93 -38.75 -37.37 -44.48
N LEU E 94 -38.27 -36.14 -44.33
CA LEU E 94 -36.85 -35.86 -44.26
C LEU E 94 -36.59 -34.83 -43.18
N VAL E 95 -35.87 -35.23 -42.13
CA VAL E 95 -35.48 -34.30 -41.06
C VAL E 95 -34.16 -33.69 -41.50
N LYS E 96 -34.25 -32.66 -42.34
CA LYS E 96 -33.08 -31.98 -42.88
C LYS E 96 -32.65 -30.90 -41.90
N LYS E 97 -31.79 -31.27 -40.95
CA LYS E 97 -31.27 -30.32 -39.98
C LYS E 97 -30.55 -29.19 -40.68
N ALA E 98 -30.35 -28.09 -39.95
CA ALA E 98 -29.67 -26.93 -40.47
C ALA E 98 -28.78 -26.32 -39.39
N TYR E 99 -27.64 -25.77 -39.82
CA TYR E 99 -26.67 -25.12 -38.94
C TYR E 99 -26.68 -23.63 -39.25
N LYS E 100 -27.48 -22.88 -38.48
CA LYS E 100 -27.64 -21.45 -38.67
C LYS E 100 -26.82 -20.72 -37.60
N ARG E 101 -25.89 -19.88 -38.04
CA ARG E 101 -25.04 -19.09 -37.14
C ARG E 101 -25.34 -17.61 -37.34
N GLU E 102 -25.95 -16.99 -36.34
CA GLU E 102 -26.25 -15.57 -36.40
C GLU E 102 -25.02 -14.76 -36.76
N THR E 103 -25.19 -13.83 -37.69
CA THR E 103 -24.09 -13.01 -38.20
C THR E 103 -24.12 -11.59 -37.65
N GLY E 104 -25.21 -10.86 -37.90
CA GLY E 104 -25.38 -9.51 -37.40
C GLY E 104 -24.30 -8.56 -37.89
N GLY E 105 -24.08 -7.51 -37.10
CA GLY E 105 -23.20 -6.43 -37.50
C GLY E 105 -21.72 -6.66 -37.25
N VAL E 106 -21.05 -5.66 -36.67
CA VAL E 106 -19.61 -5.70 -36.43
C VAL E 106 -19.38 -6.19 -35.01
N PRO E 107 -18.31 -6.93 -34.72
CA PRO E 107 -18.13 -7.46 -33.37
C PRO E 107 -17.91 -6.37 -32.32
N GLN E 108 -17.70 -6.80 -31.09
CA GLN E 108 -17.33 -5.92 -29.99
C GLN E 108 -16.27 -6.60 -29.15
N ARG E 109 -15.45 -5.81 -28.47
CA ARG E 109 -14.48 -6.45 -27.60
C ARG E 109 -15.02 -6.54 -26.17
N PRO E 110 -14.62 -7.54 -25.40
CA PRO E 110 -15.00 -7.59 -23.98
C PRO E 110 -14.02 -6.87 -23.09
N SER E 111 -14.53 -6.43 -21.95
CA SER E 111 -13.71 -5.88 -20.87
C SER E 111 -13.68 -6.92 -19.75
N VAL E 112 -12.55 -7.60 -19.59
CA VAL E 112 -12.40 -8.68 -18.63
C VAL E 112 -11.98 -8.10 -17.29
N PHE E 113 -12.58 -8.62 -16.22
CA PHE E 113 -12.26 -8.19 -14.86
C PHE E 113 -12.03 -9.41 -13.98
N LEU E 114 -11.13 -9.24 -13.00
CA LEU E 114 -10.77 -10.29 -12.06
C LEU E 114 -11.21 -9.82 -10.67
N LEU E 115 -12.33 -10.36 -10.19
CA LEU E 115 -12.97 -9.85 -8.98
C LEU E 115 -12.26 -10.40 -7.75
N ALA E 116 -12.76 -10.00 -6.58
CA ALA E 116 -12.10 -10.35 -5.33
C ALA E 116 -12.26 -11.84 -5.02
N PRO E 117 -11.33 -12.43 -4.28
CA PRO E 117 -11.47 -13.83 -3.88
C PRO E 117 -12.54 -13.99 -2.81
N ALA E 118 -13.06 -15.22 -2.72
CA ALA E 118 -14.11 -15.58 -1.76
C ALA E 118 -13.64 -16.80 -0.98
N GLU E 119 -13.15 -16.58 0.23
CA GLU E 119 -12.60 -17.64 1.07
C GLU E 119 -13.64 -18.15 2.06
N GLN E 120 -13.41 -19.37 2.53
CA GLN E 120 -14.24 -19.97 3.59
C GLN E 120 -13.33 -20.77 4.51
N THR E 121 -13.08 -20.24 5.70
CA THR E 121 -12.35 -21.01 6.71
C THR E 121 -13.16 -22.21 7.18
N SER E 122 -14.49 -22.10 7.18
CA SER E 122 -15.33 -23.22 7.58
C SER E 122 -15.12 -24.43 6.67
N ASP E 123 -15.05 -24.19 5.37
CA ASP E 123 -14.86 -25.27 4.39
C ASP E 123 -13.43 -25.35 3.89
N ASN E 124 -12.59 -24.37 4.18
CA ASN E 124 -11.19 -24.37 3.77
C ASN E 124 -11.08 -24.46 2.24
N THR E 125 -11.60 -23.43 1.58
CA THR E 125 -11.55 -23.35 0.12
C THR E 125 -11.63 -21.90 -0.31
N VAL E 126 -11.14 -21.64 -1.52
CA VAL E 126 -11.16 -20.32 -2.13
C VAL E 126 -11.62 -20.45 -3.57
N THR E 127 -12.10 -19.34 -4.13
CA THR E 127 -12.57 -19.34 -5.51
C THR E 127 -12.29 -17.99 -6.14
N LEU E 128 -11.71 -18.01 -7.35
CA LEU E 128 -11.37 -16.81 -8.10
C LEU E 128 -12.29 -16.70 -9.31
N THR E 129 -12.78 -15.49 -9.56
CA THR E 129 -13.75 -15.22 -10.61
C THR E 129 -13.13 -14.34 -11.69
N CYS E 130 -13.41 -14.67 -12.95
CA CYS E 130 -13.00 -13.88 -14.11
C CYS E 130 -14.28 -13.52 -14.85
N TYR E 131 -14.61 -12.24 -14.87
CA TYR E 131 -15.84 -11.72 -15.46
C TYR E 131 -15.56 -11.06 -16.81
N VAL E 132 -16.27 -11.50 -17.85
CA VAL E 132 -16.19 -10.90 -19.18
C VAL E 132 -17.45 -10.07 -19.38
N LYS E 133 -17.30 -8.90 -20.00
CA LYS E 133 -18.37 -7.91 -20.05
C LYS E 133 -18.61 -7.44 -21.47
N ASP E 134 -19.83 -7.62 -21.96
CA ASP E 134 -20.35 -6.92 -23.14
C ASP E 134 -19.48 -7.16 -24.38
N PHE E 135 -19.49 -8.42 -24.83
CA PHE E 135 -18.96 -8.78 -26.13
C PHE E 135 -20.09 -9.28 -27.02
N TYR E 136 -20.10 -8.86 -28.29
CA TYR E 136 -21.24 -9.15 -29.14
C TYR E 136 -21.26 -10.61 -29.60
N PRO E 137 -20.26 -11.10 -30.32
CA PRO E 137 -20.32 -12.48 -30.79
C PRO E 137 -20.46 -13.45 -29.63
N LYS E 138 -21.32 -14.44 -29.81
CA LYS E 138 -21.65 -15.35 -28.70
C LYS E 138 -20.55 -16.37 -28.44
N ASP E 139 -19.57 -16.49 -29.32
CA ASP E 139 -18.53 -17.49 -29.19
C ASP E 139 -17.37 -16.93 -28.39
N VAL E 140 -17.06 -17.57 -27.26
CA VAL E 140 -15.98 -17.14 -26.39
C VAL E 140 -15.56 -18.36 -25.59
N LEU E 141 -14.27 -18.40 -25.22
CA LEU E 141 -13.76 -19.50 -24.42
C LEU E 141 -12.90 -18.95 -23.29
N VAL E 142 -13.01 -19.57 -22.11
CA VAL E 142 -12.27 -19.13 -20.93
C VAL E 142 -11.45 -20.30 -20.41
N ALA E 143 -10.16 -20.07 -20.24
CA ALA E 143 -9.22 -21.08 -19.76
C ALA E 143 -8.35 -20.48 -18.67
N TRP E 144 -7.83 -21.32 -17.79
CA TRP E 144 -7.06 -20.84 -16.65
C TRP E 144 -5.62 -21.33 -16.72
N LEU E 145 -4.72 -20.52 -16.18
CA LEU E 145 -3.32 -20.89 -16.04
C LEU E 145 -2.88 -20.66 -14.60
N VAL E 146 -2.00 -21.54 -14.12
CA VAL E 146 -1.51 -21.50 -12.75
C VAL E 146 -0.34 -20.54 -12.65
N ASP E 147 0.77 -20.88 -13.30
CA ASP E 147 1.91 -19.98 -13.43
C ASP E 147 2.12 -19.54 -14.87
N ASP E 148 2.29 -20.50 -15.78
CA ASP E 148 2.30 -20.17 -17.20
C ASP E 148 1.73 -21.29 -18.05
N GLU E 149 1.21 -22.36 -17.46
CA GLU E 149 0.72 -23.52 -18.18
C GLU E 149 -0.74 -23.79 -17.82
N PRO E 150 -1.50 -24.42 -18.70
CA PRO E 150 -2.93 -24.62 -18.42
C PRO E 150 -3.13 -25.42 -17.14
N VAL E 151 -4.20 -25.07 -16.42
CA VAL E 151 -4.47 -25.71 -15.14
C VAL E 151 -4.75 -27.18 -15.33
N GLU E 152 -5.41 -27.55 -16.43
CA GLU E 152 -5.79 -28.94 -16.64
C GLU E 152 -4.59 -29.86 -16.78
N ARG E 153 -3.41 -29.31 -17.05
CA ARG E 153 -2.19 -30.09 -17.26
C ARG E 153 -1.14 -29.63 -16.26
N THR E 154 -1.21 -30.17 -15.04
CA THR E 154 -0.24 -29.89 -14.00
C THR E 154 -0.18 -31.08 -13.06
N SER E 155 0.89 -31.13 -12.27
CA SER E 155 0.97 -32.15 -11.22
C SER E 155 -0.14 -31.97 -10.18
N SER E 156 -0.63 -30.74 -10.03
CA SER E 156 -1.70 -30.44 -9.08
C SER E 156 -3.07 -30.32 -9.75
N SER E 157 -3.17 -30.72 -11.03
CA SER E 157 -4.43 -30.60 -11.75
C SER E 157 -5.56 -31.37 -11.08
N ALA E 158 -5.24 -32.38 -10.26
CA ALA E 158 -6.28 -33.13 -9.57
C ALA E 158 -7.06 -32.23 -8.61
N LEU E 159 -6.38 -31.28 -7.96
CA LEU E 159 -6.99 -30.42 -6.96
C LEU E 159 -7.25 -29.01 -7.48
N TYR E 160 -7.60 -28.89 -8.76
CA TYR E 160 -8.00 -27.62 -9.37
C TYR E 160 -9.29 -27.86 -10.14
N GLN E 161 -10.33 -27.08 -9.83
CA GLN E 161 -11.60 -27.20 -10.53
C GLN E 161 -11.97 -25.86 -11.14
N PHE E 162 -12.45 -25.86 -12.38
CA PHE E 162 -12.79 -24.62 -13.05
C PHE E 162 -14.07 -24.82 -13.84
N ASN E 163 -14.84 -23.75 -14.00
CA ASN E 163 -16.07 -23.84 -14.76
C ASN E 163 -16.51 -22.50 -15.29
N THR E 164 -17.40 -22.51 -16.27
CA THR E 164 -17.95 -21.31 -16.87
C THR E 164 -19.46 -21.43 -16.94
N THR E 165 -20.15 -20.32 -16.69
CA THR E 165 -21.61 -20.30 -16.67
C THR E 165 -22.15 -20.01 -18.07
N SER E 166 -23.47 -19.88 -18.17
CA SER E 166 -24.13 -19.56 -19.42
C SER E 166 -23.93 -18.08 -19.76
N GLN E 167 -24.56 -17.64 -20.85
CA GLN E 167 -24.45 -16.29 -21.34
C GLN E 167 -25.74 -15.52 -21.05
N ILE E 168 -25.60 -14.36 -20.42
CA ILE E 168 -26.72 -13.47 -20.15
C ILE E 168 -26.66 -12.31 -21.15
N GLN E 169 -27.70 -12.17 -21.96
CA GLN E 169 -27.76 -11.16 -23.00
C GLN E 169 -28.58 -9.98 -22.51
N SER E 170 -27.91 -8.85 -22.25
CA SER E 170 -28.61 -7.65 -21.79
C SER E 170 -29.28 -6.93 -22.94
N GLY E 171 -28.49 -6.49 -23.92
CA GLY E 171 -28.99 -5.81 -25.09
C GLY E 171 -28.58 -6.50 -26.37
N ARG E 172 -27.58 -5.93 -27.05
CA ARG E 172 -26.96 -6.54 -28.21
C ARG E 172 -25.70 -7.31 -27.84
N THR E 173 -25.12 -7.05 -26.68
CA THR E 173 -23.89 -7.70 -26.26
C THR E 173 -24.19 -8.84 -25.28
N TYR E 174 -23.14 -9.52 -24.83
CA TYR E 174 -23.24 -10.69 -23.98
C TYR E 174 -22.21 -10.61 -22.86
N SER E 175 -22.48 -11.35 -21.79
CA SER E 175 -21.56 -11.46 -20.66
C SER E 175 -21.69 -12.86 -20.08
N VAL E 176 -20.63 -13.30 -19.39
CA VAL E 176 -20.63 -14.62 -18.76
C VAL E 176 -19.58 -14.61 -17.67
N TYR E 177 -19.80 -15.43 -16.64
CA TYR E 177 -18.89 -15.56 -15.51
C TYR E 177 -18.19 -16.91 -15.56
N SER E 178 -16.93 -16.93 -15.14
CA SER E 178 -16.16 -18.16 -15.03
C SER E 178 -15.36 -18.12 -13.74
N GLN E 179 -15.12 -19.29 -13.16
CA GLN E 179 -14.49 -19.37 -11.85
C GLN E 179 -13.49 -20.52 -11.80
N LEU E 180 -12.67 -20.48 -10.75
CA LEU E 180 -11.70 -21.50 -10.42
C LEU E 180 -11.70 -21.68 -8.90
N THR E 181 -11.77 -22.94 -8.47
CA THR E 181 -11.88 -23.31 -7.07
C THR E 181 -10.78 -24.32 -6.72
N PHE E 182 -10.19 -24.12 -5.54
CA PHE E 182 -9.19 -25.03 -5.00
C PHE E 182 -9.11 -24.80 -3.50
N SER E 183 -8.26 -25.57 -2.84
CA SER E 183 -8.17 -25.53 -1.38
C SER E 183 -7.54 -24.22 -0.92
N ASN E 184 -7.71 -23.92 0.37
CA ASN E 184 -7.22 -22.67 0.94
C ASN E 184 -5.75 -22.75 1.30
N ASP E 185 -5.17 -23.94 1.34
CA ASP E 185 -3.78 -24.05 1.75
C ASP E 185 -2.87 -23.63 0.62
N LEU E 186 -3.22 -24.02 -0.61
CA LEU E 186 -2.45 -23.53 -1.76
C LEU E 186 -2.53 -22.01 -1.78
N TRP E 187 -3.69 -21.47 -1.44
CA TRP E 187 -3.89 -20.03 -1.51
C TRP E 187 -2.97 -19.32 -0.55
N LYS E 188 -3.02 -19.69 0.73
CA LYS E 188 -2.21 -19.00 1.73
C LYS E 188 -0.72 -19.25 1.52
N ASN E 189 -0.33 -20.49 1.29
CA ASN E 189 1.08 -20.87 1.31
C ASN E 189 1.63 -21.08 -0.10
N GLU E 190 1.66 -20.01 -0.89
CA GLU E 190 2.27 -20.05 -2.21
C GLU E 190 2.57 -18.62 -2.67
N GLU E 191 3.19 -18.53 -3.84
CA GLU E 191 3.49 -17.27 -4.51
C GLU E 191 3.18 -17.38 -5.99
N VAL E 192 2.15 -18.15 -6.32
CA VAL E 192 1.71 -18.35 -7.70
C VAL E 192 0.79 -17.22 -8.11
N VAL E 193 0.87 -16.84 -9.39
CA VAL E 193 -0.01 -15.83 -9.96
C VAL E 193 -0.96 -16.52 -10.93
N TYR E 194 -2.24 -16.52 -10.59
CA TYR E 194 -3.27 -17.19 -11.38
C TYR E 194 -3.76 -16.26 -12.47
N SER E 195 -4.05 -16.81 -13.65
CA SER E 195 -4.43 -15.98 -14.77
C SER E 195 -5.58 -16.60 -15.55
N CYS E 196 -6.52 -15.76 -15.97
CA CYS E 196 -7.65 -16.17 -16.77
C CYS E 196 -7.46 -15.67 -18.20
N VAL E 197 -7.63 -16.57 -19.16
CA VAL E 197 -7.40 -16.32 -20.57
C VAL E 197 -8.73 -16.42 -21.28
N VAL E 198 -8.98 -15.49 -22.20
CA VAL E 198 -10.26 -15.37 -22.89
C VAL E 198 -10.01 -15.35 -24.38
N TYR E 199 -10.38 -16.44 -25.06
CA TYR E 199 -10.39 -16.48 -26.51
C TYR E 199 -11.69 -15.87 -27.02
N HIS E 200 -11.59 -15.08 -28.09
CA HIS E 200 -12.74 -14.41 -28.68
C HIS E 200 -12.41 -14.07 -30.13
N GLU E 201 -13.47 -13.89 -30.92
CA GLU E 201 -13.30 -13.70 -32.36
C GLU E 201 -12.79 -12.30 -32.72
N SER E 202 -13.27 -11.27 -32.02
CA SER E 202 -12.88 -9.91 -32.35
C SER E 202 -11.37 -9.73 -32.20
N MET E 203 -10.80 -10.22 -31.11
CA MET E 203 -9.37 -10.13 -30.87
C MET E 203 -8.70 -11.30 -31.58
N ILE E 204 -8.59 -11.18 -32.90
CA ILE E 204 -8.07 -12.26 -33.74
C ILE E 204 -6.89 -11.80 -34.59
N LYS E 205 -6.83 -10.49 -34.89
CA LYS E 205 -5.84 -10.02 -35.85
C LYS E 205 -4.42 -10.23 -35.34
N SER E 206 -4.14 -9.80 -34.11
CA SER E 206 -2.80 -9.92 -33.56
C SER E 206 -2.64 -11.18 -32.72
N THR E 207 -3.41 -11.29 -31.64
CA THR E 207 -3.43 -12.48 -30.80
C THR E 207 -4.88 -12.88 -30.60
N ASN E 208 -5.08 -14.15 -30.31
CA ASN E 208 -6.43 -14.71 -30.21
C ASN E 208 -7.01 -14.61 -28.80
N ILE E 209 -6.27 -14.07 -27.84
CA ILE E 209 -6.64 -14.19 -26.43
C ILE E 209 -6.44 -12.85 -25.72
N ILE E 210 -7.02 -12.78 -24.52
CA ILE E 210 -6.79 -11.69 -23.58
C ILE E 210 -6.49 -12.33 -22.23
N MET E 211 -5.74 -11.63 -21.38
CA MET E 211 -5.27 -12.20 -20.13
C MET E 211 -5.44 -11.22 -18.97
N ARG E 212 -5.52 -11.79 -17.77
CA ARG E 212 -5.53 -11.02 -16.53
C ARG E 212 -4.78 -11.82 -15.47
N THR E 213 -4.53 -11.18 -14.33
CA THR E 213 -3.72 -11.80 -13.28
C THR E 213 -4.20 -11.34 -11.91
N ILE E 214 -3.90 -12.16 -10.89
CA ILE E 214 -4.28 -11.87 -9.51
C ILE E 214 -3.30 -12.60 -8.60
N ASP E 215 -3.13 -12.07 -7.39
CA ASP E 215 -2.21 -12.64 -6.42
C ASP E 215 -2.69 -12.32 -5.02
N ARG E 216 -2.40 -13.21 -4.08
CA ARG E 216 -2.93 -13.07 -2.73
C ARG E 216 -2.60 -11.71 -2.12
N THR E 217 -1.38 -11.21 -2.35
CA THR E 217 -0.93 -9.96 -1.74
C THR E 217 -1.04 -8.85 -2.78
N SER E 218 -2.27 -8.40 -3.02
CA SER E 218 -2.54 -7.33 -3.97
C SER E 218 -3.05 -6.09 -3.27
N ASN E 219 -4.29 -6.11 -2.76
CA ASN E 219 -4.91 -4.95 -2.12
C ASN E 219 -5.06 -5.25 -0.62
N GLN E 220 -4.28 -4.56 0.19
CA GLN E 220 -4.33 -4.72 1.63
C GLN E 220 -4.32 -3.35 2.29
N PRO E 221 -4.69 -3.27 3.57
CA PRO E 221 -4.72 -1.97 4.25
C PRO E 221 -3.43 -1.72 5.02
N ASN E 222 -3.17 -0.48 5.39
CA ASN E 222 -2.00 -0.16 6.20
C ASN E 222 -2.36 -0.21 7.67
N LEU E 223 -1.40 -0.62 8.49
CA LEU E 223 -1.61 -0.68 9.94
C LEU E 223 -0.32 -0.33 10.65
N VAL E 224 -0.40 0.59 11.60
CA VAL E 224 0.75 0.99 12.41
C VAL E 224 0.33 0.91 13.87
N ASN E 225 1.07 0.14 14.66
CA ASN E 225 0.74 -0.04 16.07
C ASN E 225 2.00 0.07 16.88
N LEU E 226 2.10 1.10 17.71
CA LEU E 226 3.32 1.32 18.47
C LEU E 226 3.05 1.77 19.88
N SER E 227 4.01 1.58 20.76
CA SER E 227 3.86 1.98 22.15
C SER E 227 5.17 2.53 22.63
N LEU E 228 5.14 3.51 23.52
CA LEU E 228 6.37 4.14 23.96
C LEU E 228 6.31 4.52 25.42
N ASN E 229 7.46 4.53 26.08
CA ASN E 229 7.52 4.94 27.47
C ASN E 229 8.82 5.67 27.68
N VAL E 230 8.75 6.97 27.91
CA VAL E 230 9.95 7.77 28.06
C VAL E 230 10.02 8.47 29.42
N PRO E 231 10.75 7.87 30.35
CA PRO E 231 10.78 8.43 31.70
C PRO E 231 11.60 9.68 31.79
N GLN E 232 10.96 10.83 31.73
CA GLN E 232 11.69 12.06 31.90
C GLN E 232 12.01 12.20 33.36
N ARG E 233 12.53 13.35 33.76
CA ARG E 233 12.94 13.54 35.13
C ARG E 233 12.95 15.00 35.52
N CYS E 234 12.49 15.32 36.71
CA CYS E 234 12.44 16.70 37.16
C CYS E 234 12.65 16.78 38.67
N THR F 14 -48.70 -28.88 -23.61
CA THR F 14 -49.03 -28.47 -22.25
C THR F 14 -47.76 -28.25 -21.44
N ILE F 15 -47.66 -27.07 -20.81
CA ILE F 15 -46.49 -26.67 -20.05
C ILE F 15 -46.92 -26.24 -18.66
N ILE F 16 -46.08 -26.55 -17.66
CA ILE F 16 -46.34 -26.23 -16.28
C ILE F 16 -45.29 -25.24 -15.81
N GLU F 17 -45.65 -24.47 -14.77
CA GLU F 17 -44.76 -23.45 -14.22
C GLU F 17 -44.59 -23.71 -12.72
N PRO F 18 -43.36 -23.82 -12.22
CA PRO F 18 -43.17 -24.07 -10.80
C PRO F 18 -43.68 -22.91 -9.96
N SER F 19 -44.18 -23.23 -8.77
CA SER F 19 -44.69 -22.19 -7.88
C SER F 19 -43.58 -21.23 -7.49
N LEU F 20 -43.92 -19.95 -7.37
CA LEU F 20 -42.94 -18.94 -7.00
C LEU F 20 -42.43 -19.20 -5.58
N GLU F 21 -41.11 -19.11 -5.41
CA GLU F 21 -40.52 -19.34 -4.10
C GLU F 21 -40.88 -18.24 -3.11
N ASP F 22 -40.92 -16.99 -3.57
CA ASP F 22 -41.20 -15.88 -2.66
C ASP F 22 -42.55 -16.07 -1.98
N MET F 23 -43.53 -16.57 -2.73
CA MET F 23 -44.86 -16.75 -2.14
C MET F 23 -44.89 -18.00 -1.27
N LEU F 24 -44.23 -19.06 -1.71
CA LEU F 24 -44.15 -20.29 -0.92
C LEU F 24 -43.41 -20.07 0.39
N MET F 25 -42.67 -18.97 0.53
CA MET F 25 -42.19 -18.56 1.84
C MET F 25 -43.30 -17.96 2.71
N ASN F 26 -44.55 -18.03 2.25
CA ASN F 26 -45.72 -17.80 3.08
C ASN F 26 -46.55 -19.05 3.26
N LYS F 27 -46.01 -20.21 2.87
CA LYS F 27 -46.66 -21.52 2.97
C LYS F 27 -47.87 -21.66 2.06
N LYS F 28 -47.97 -20.84 1.01
CA LYS F 28 -49.03 -20.96 0.03
C LYS F 28 -48.47 -20.59 -1.34
N ALA F 29 -49.13 -21.05 -2.39
CA ALA F 29 -48.73 -20.68 -3.74
C ALA F 29 -49.76 -21.23 -4.72
N GLN F 30 -49.53 -20.95 -6.01
CA GLN F 30 -50.44 -21.32 -7.09
C GLN F 30 -49.64 -22.05 -8.16
N LEU F 31 -50.13 -23.23 -8.52
CA LEU F 31 -49.54 -24.06 -9.56
C LEU F 31 -50.42 -23.94 -10.80
N VAL F 32 -49.93 -23.22 -11.80
CA VAL F 32 -50.69 -22.98 -13.02
C VAL F 32 -50.29 -24.01 -14.07
N CYS F 33 -51.27 -24.40 -14.88
CA CYS F 33 -51.09 -25.37 -15.95
C CYS F 33 -51.56 -24.73 -17.25
N ASP F 34 -50.63 -24.51 -18.16
CA ASP F 34 -50.90 -23.95 -19.47
C ASP F 34 -50.92 -25.06 -20.51
N VAL F 35 -51.69 -24.85 -21.57
CA VAL F 35 -51.89 -25.83 -22.63
C VAL F 35 -51.22 -25.32 -23.90
N ASN F 36 -50.43 -26.18 -24.55
CA ASN F 36 -49.73 -25.81 -25.76
C ASN F 36 -50.30 -26.45 -27.02
N GLU F 37 -51.09 -27.50 -26.89
CA GLU F 37 -51.67 -28.16 -28.06
C GLU F 37 -52.80 -27.29 -28.62
N LEU F 38 -52.44 -26.12 -29.14
CA LEU F 38 -53.42 -25.18 -29.67
C LEU F 38 -53.71 -25.38 -31.15
N VAL F 39 -52.95 -26.24 -31.84
CA VAL F 39 -53.22 -26.47 -33.27
C VAL F 39 -54.62 -26.99 -33.50
N PRO F 40 -55.10 -28.03 -32.79
CA PRO F 40 -56.51 -28.39 -32.88
C PRO F 40 -57.34 -27.63 -31.85
N GLY F 41 -58.63 -27.91 -31.79
CA GLY F 41 -59.48 -27.27 -30.80
C GLY F 41 -59.13 -27.75 -29.39
N PHE F 42 -59.85 -27.20 -28.42
CA PHE F 42 -59.68 -27.57 -27.03
C PHE F 42 -61.03 -27.67 -26.36
N LEU F 43 -61.12 -28.53 -25.34
CA LEU F 43 -62.38 -28.75 -24.63
C LEU F 43 -62.29 -28.33 -23.16
N SER F 44 -61.41 -28.93 -22.37
CA SER F 44 -61.34 -28.60 -20.96
C SER F 44 -60.04 -29.09 -20.36
N VAL F 45 -59.61 -28.43 -19.28
CA VAL F 45 -58.43 -28.82 -18.54
C VAL F 45 -58.87 -29.63 -17.32
N LYS F 46 -57.93 -30.36 -16.72
CA LYS F 46 -58.24 -31.13 -15.53
C LYS F 46 -56.99 -31.25 -14.67
N TRP F 47 -57.19 -31.21 -13.34
CA TRP F 47 -56.11 -31.40 -12.38
C TRP F 47 -56.47 -32.57 -11.48
N GLU F 48 -55.66 -33.63 -11.52
CA GLU F 48 -55.93 -34.87 -10.82
C GLU F 48 -54.77 -35.20 -9.88
N ASN F 49 -54.93 -36.31 -9.17
CA ASN F 49 -53.93 -36.83 -8.26
C ASN F 49 -53.11 -37.93 -8.95
N ASP F 50 -52.11 -38.43 -8.24
CA ASP F 50 -51.32 -39.55 -8.77
C ASP F 50 -52.20 -40.77 -9.03
N ASN F 51 -53.13 -41.07 -8.12
CA ASN F 51 -54.03 -42.19 -8.29
C ASN F 51 -55.14 -41.92 -9.29
N GLY F 52 -55.18 -40.72 -9.87
CA GLY F 52 -56.26 -40.34 -10.77
C GLY F 52 -57.51 -39.82 -10.10
N LYS F 53 -57.51 -39.68 -8.78
CA LYS F 53 -58.69 -39.22 -8.07
C LYS F 53 -59.03 -37.79 -8.50
N THR F 54 -60.28 -37.40 -8.24
CA THR F 54 -60.74 -36.06 -8.59
C THR F 54 -60.13 -35.05 -7.62
N LEU F 55 -59.22 -34.22 -8.11
CA LEU F 55 -58.53 -33.23 -7.31
C LEU F 55 -59.09 -31.85 -7.63
N THR F 56 -59.63 -31.18 -6.61
CA THR F 56 -60.26 -29.89 -6.80
C THR F 56 -59.27 -28.89 -7.38
N SER F 57 -59.74 -28.04 -8.28
CA SER F 57 -58.90 -27.08 -8.97
C SER F 57 -59.70 -25.80 -9.18
N ARG F 58 -59.16 -24.90 -9.99
CA ARG F 58 -59.81 -23.64 -10.32
C ARG F 58 -59.57 -23.31 -11.78
N LYS F 59 -60.13 -22.20 -12.23
CA LYS F 59 -60.06 -21.77 -13.61
C LYS F 59 -59.42 -20.40 -13.68
N GLY F 60 -58.53 -20.21 -14.66
CA GLY F 60 -57.78 -18.98 -14.83
C GLY F 60 -58.47 -18.00 -15.75
N VAL F 61 -57.67 -17.13 -16.37
CA VAL F 61 -58.23 -16.12 -17.28
C VAL F 61 -58.90 -16.81 -18.46
N THR F 62 -58.21 -17.79 -19.04
CA THR F 62 -58.70 -18.54 -20.19
C THR F 62 -58.96 -19.98 -19.77
N ASP F 63 -59.85 -20.64 -20.51
CA ASP F 63 -60.19 -22.03 -20.21
C ASP F 63 -59.00 -22.96 -20.33
N LYS F 64 -57.99 -22.59 -21.11
CA LYS F 64 -56.79 -23.40 -21.28
C LYS F 64 -55.80 -23.26 -20.12
N ILE F 65 -56.15 -22.47 -19.09
CA ILE F 65 -55.27 -22.21 -17.95
C ILE F 65 -55.95 -22.78 -16.71
N ALA F 66 -55.26 -23.66 -16.00
CA ALA F 66 -55.78 -24.26 -14.77
C ALA F 66 -54.94 -23.84 -13.57
N ILE F 67 -55.59 -23.29 -12.54
CA ILE F 67 -54.91 -22.88 -11.31
C ILE F 67 -55.20 -23.89 -10.22
N LEU F 68 -54.18 -24.21 -9.42
CA LEU F 68 -54.33 -25.14 -8.30
C LEU F 68 -53.61 -24.56 -7.09
N ASP F 69 -54.31 -24.45 -5.97
CA ASP F 69 -53.70 -23.89 -4.78
C ASP F 69 -52.91 -24.96 -4.06
N ILE F 70 -51.63 -24.69 -3.78
CA ILE F 70 -50.74 -25.66 -3.16
C ILE F 70 -50.08 -25.04 -1.93
N THR F 71 -50.08 -25.81 -0.83
CA THR F 71 -49.44 -25.41 0.41
C THR F 71 -48.01 -25.94 0.46
N TYR F 72 -47.23 -25.42 1.41
CA TYR F 72 -45.84 -25.86 1.55
C TYR F 72 -45.75 -27.34 1.92
N GLU F 73 -46.72 -27.85 2.67
CA GLU F 73 -46.69 -29.25 3.09
C GLU F 73 -46.50 -30.17 1.89
N ASP F 74 -47.41 -30.10 0.93
CA ASP F 74 -47.35 -31.00 -0.22
C ASP F 74 -46.07 -30.76 -1.03
N TRP F 75 -45.74 -29.49 -1.27
CA TRP F 75 -44.59 -29.16 -2.11
C TRP F 75 -43.32 -29.74 -1.53
N SER F 76 -43.12 -29.59 -0.21
CA SER F 76 -41.91 -30.14 0.41
C SER F 76 -41.97 -31.66 0.50
N ASN F 77 -43.15 -32.21 0.76
CA ASN F 77 -43.26 -33.66 0.93
C ASN F 77 -42.93 -34.40 -0.36
N GLY F 78 -43.11 -33.76 -1.51
CA GLY F 78 -42.86 -34.39 -2.79
C GLY F 78 -44.08 -34.96 -3.48
N THR F 79 -45.29 -34.64 -3.01
CA THR F 79 -46.48 -35.14 -3.66
C THR F 79 -46.53 -34.66 -5.11
N VAL F 80 -47.06 -35.52 -5.98
CA VAL F 80 -47.18 -35.22 -7.40
C VAL F 80 -48.64 -34.99 -7.75
N PHE F 81 -48.85 -34.25 -8.84
CA PHE F 81 -50.17 -33.87 -9.32
C PHE F 81 -50.12 -33.93 -10.84
N TYR F 82 -51.23 -34.35 -11.45
CA TYR F 82 -51.27 -34.60 -12.90
C TYR F 82 -52.23 -33.63 -13.57
N CYS F 83 -51.72 -32.84 -14.51
CA CYS F 83 -52.57 -31.95 -15.30
C CYS F 83 -52.82 -32.60 -16.65
N ALA F 84 -54.10 -32.69 -17.03
CA ALA F 84 -54.50 -33.40 -18.24
C ALA F 84 -55.38 -32.51 -19.10
N VAL F 85 -55.33 -32.79 -20.41
CA VAL F 85 -56.13 -32.09 -21.40
C VAL F 85 -57.11 -33.10 -22.00
N ASP F 86 -58.37 -32.68 -22.14
CA ASP F 86 -59.43 -33.59 -22.56
C ASP F 86 -60.14 -33.08 -23.81
N HIS F 87 -59.37 -32.67 -24.82
CA HIS F 87 -59.96 -32.21 -26.06
C HIS F 87 -60.81 -33.30 -26.70
N MET F 88 -61.94 -32.89 -27.28
CA MET F 88 -62.83 -33.84 -27.94
C MET F 88 -62.11 -34.70 -28.97
N GLU F 89 -61.13 -34.13 -29.67
CA GLU F 89 -60.43 -34.88 -30.71
C GLU F 89 -59.28 -35.70 -30.13
N ASN F 90 -58.62 -35.21 -29.10
CA ASN F 90 -57.47 -35.89 -28.50
C ASN F 90 -57.85 -36.87 -27.41
N LEU F 91 -59.15 -37.09 -27.18
CA LEU F 91 -59.56 -38.01 -26.12
C LEU F 91 -59.11 -39.44 -26.40
N GLY F 92 -58.73 -39.76 -27.63
CA GLY F 92 -58.20 -41.09 -27.91
C GLY F 92 -57.00 -41.41 -27.04
N ASP F 93 -56.13 -40.44 -26.81
CA ASP F 93 -55.01 -40.54 -25.89
C ASP F 93 -55.22 -39.53 -24.76
N LEU F 94 -54.32 -39.56 -23.79
CA LEU F 94 -54.36 -38.63 -22.66
C LEU F 94 -52.95 -38.15 -22.37
N VAL F 95 -52.71 -36.85 -22.54
CA VAL F 95 -51.42 -36.25 -22.20
C VAL F 95 -51.51 -35.87 -20.73
N LYS F 96 -51.26 -36.85 -19.86
CA LYS F 96 -51.39 -36.68 -18.42
C LYS F 96 -50.04 -36.31 -17.84
N LYS F 97 -49.66 -35.05 -18.04
CA LYS F 97 -48.37 -34.57 -17.55
C LYS F 97 -48.30 -34.69 -16.03
N ALA F 98 -47.08 -34.51 -15.51
CA ALA F 98 -46.80 -34.66 -14.09
C ALA F 98 -45.91 -33.51 -13.64
N TYR F 99 -46.00 -33.18 -12.35
CA TYR F 99 -45.13 -32.18 -11.73
C TYR F 99 -44.23 -32.92 -10.75
N LYS F 100 -43.04 -33.28 -11.22
CA LYS F 100 -42.07 -34.02 -10.43
C LYS F 100 -40.98 -33.07 -9.94
N ARG F 101 -40.88 -32.94 -8.62
CA ARG F 101 -39.86 -32.12 -7.98
C ARG F 101 -38.92 -33.04 -7.22
N GLU F 102 -37.67 -33.12 -7.66
CA GLU F 102 -36.69 -33.98 -7.02
C GLU F 102 -36.62 -33.65 -5.53
N THR F 103 -36.58 -34.69 -4.71
CA THR F 103 -36.42 -34.53 -3.27
C THR F 103 -35.45 -35.58 -2.75
N GLY F 104 -34.81 -35.25 -1.62
CA GLY F 104 -33.88 -36.16 -1.00
C GLY F 104 -32.88 -35.37 -0.16
N GLY F 105 -31.78 -36.04 0.16
CA GLY F 105 -30.71 -35.40 0.90
C GLY F 105 -31.21 -34.61 2.09
N VAL F 106 -30.43 -33.61 2.50
CA VAL F 106 -30.81 -32.74 3.61
C VAL F 106 -30.34 -31.33 3.27
N PRO F 107 -31.16 -30.30 3.45
CA PRO F 107 -30.78 -28.97 3.00
C PRO F 107 -29.38 -28.59 3.45
N GLN F 108 -28.68 -27.83 2.62
CA GLN F 108 -27.42 -27.22 2.97
C GLN F 108 -27.53 -25.71 2.84
N ARG F 109 -27.13 -24.99 3.86
CA ARG F 109 -27.24 -23.54 3.86
C ARG F 109 -26.18 -22.94 2.93
N PRO F 110 -26.55 -22.06 2.01
CA PRO F 110 -25.55 -21.48 1.11
C PRO F 110 -24.67 -20.45 1.80
N SER F 111 -23.60 -20.09 1.13
CA SER F 111 -22.75 -18.98 1.52
C SER F 111 -22.85 -17.88 0.47
N VAL F 112 -23.03 -16.64 0.93
CA VAL F 112 -23.27 -15.50 0.05
C VAL F 112 -22.04 -14.59 0.12
N PHE F 113 -21.53 -14.21 -1.05
CA PHE F 113 -20.43 -13.27 -1.16
C PHE F 113 -20.87 -12.10 -2.01
N LEU F 114 -20.72 -10.88 -1.50
CA LEU F 114 -21.07 -9.67 -2.24
C LEU F 114 -19.79 -9.00 -2.72
N LEU F 115 -19.55 -9.07 -4.02
CA LEU F 115 -18.32 -8.59 -4.63
C LEU F 115 -18.53 -7.18 -5.18
N ALA F 116 -17.65 -6.28 -4.76
CA ALA F 116 -17.68 -4.89 -5.15
C ALA F 116 -17.28 -4.72 -6.61
N PRO F 117 -17.67 -3.61 -7.24
N PRO F 117 -17.67 -3.61 -7.24
CA PRO F 117 -17.33 -3.43 -8.65
CA PRO F 117 -17.33 -3.43 -8.65
C PRO F 117 -15.83 -3.37 -8.86
C PRO F 117 -15.83 -3.37 -8.86
N ALA F 118 -15.38 -3.94 -9.98
CA ALA F 118 -13.98 -3.92 -10.35
C ALA F 118 -13.65 -2.79 -11.32
N GLU F 119 -14.65 -2.07 -11.79
CA GLU F 119 -14.44 -1.04 -12.79
C GLU F 119 -13.75 0.18 -12.19
N GLN F 120 -13.34 1.09 -13.05
CA GLN F 120 -12.57 2.26 -12.68
C GLN F 120 -13.32 3.52 -13.08
N THR F 121 -12.80 4.67 -12.67
CA THR F 121 -13.49 5.94 -12.85
C THR F 121 -13.66 6.33 -14.32
N SER F 122 -13.16 5.54 -15.27
CA SER F 122 -13.25 5.89 -16.68
C SER F 122 -14.56 5.43 -17.31
N ASP F 123 -14.83 4.12 -17.27
CA ASP F 123 -16.02 3.59 -17.91
C ASP F 123 -17.27 4.12 -17.22
N ASN F 124 -18.37 4.16 -17.96
CA ASN F 124 -19.59 4.85 -17.56
C ASN F 124 -20.64 3.90 -16.99
N THR F 125 -20.28 2.66 -16.69
CA THR F 125 -21.19 1.72 -16.07
C THR F 125 -20.47 0.93 -14.99
N VAL F 126 -21.23 0.53 -13.97
CA VAL F 126 -20.70 -0.19 -12.82
C VAL F 126 -21.61 -1.37 -12.54
N THR F 127 -21.03 -2.39 -11.90
CA THR F 127 -21.72 -3.64 -11.64
C THR F 127 -21.37 -4.17 -10.25
N LEU F 128 -22.40 -4.63 -9.53
CA LEU F 128 -22.26 -5.32 -8.26
C LEU F 128 -22.56 -6.79 -8.48
N THR F 129 -21.83 -7.68 -7.78
CA THR F 129 -21.98 -9.12 -8.00
C THR F 129 -22.34 -9.82 -6.69
N CYS F 130 -23.28 -10.77 -6.78
CA CYS F 130 -23.71 -11.57 -5.65
C CYS F 130 -23.48 -13.03 -6.01
N TYR F 131 -22.57 -13.70 -5.32
CA TYR F 131 -22.20 -15.09 -5.56
C TYR F 131 -22.77 -15.97 -4.45
N VAL F 132 -23.82 -16.74 -4.77
CA VAL F 132 -24.42 -17.67 -3.82
C VAL F 132 -23.88 -19.07 -4.12
N LYS F 133 -23.42 -19.79 -3.09
CA LYS F 133 -22.74 -21.04 -3.32
C LYS F 133 -23.16 -22.13 -2.34
N ASP F 134 -23.15 -23.38 -2.85
CA ASP F 134 -23.46 -24.60 -2.10
C ASP F 134 -24.85 -24.62 -1.48
N PHE F 135 -25.87 -24.50 -2.32
CA PHE F 135 -27.27 -24.65 -1.90
C PHE F 135 -27.80 -25.94 -2.52
N TYR F 136 -28.09 -26.94 -1.68
CA TYR F 136 -28.49 -28.25 -2.21
C TYR F 136 -29.91 -28.25 -2.78
N PRO F 137 -30.93 -27.78 -2.07
CA PRO F 137 -32.31 -27.90 -2.58
C PRO F 137 -32.49 -27.43 -4.02
N LYS F 138 -31.65 -26.52 -4.50
CA LYS F 138 -31.67 -26.11 -5.90
C LYS F 138 -32.96 -25.33 -6.21
N ASP F 139 -33.28 -24.38 -5.32
CA ASP F 139 -34.41 -23.48 -5.52
C ASP F 139 -34.08 -22.20 -4.77
N VAL F 140 -33.59 -21.20 -5.50
CA VAL F 140 -33.13 -19.96 -4.91
C VAL F 140 -33.73 -18.79 -5.69
N LEU F 141 -33.75 -17.62 -5.04
CA LEU F 141 -34.16 -16.40 -5.70
C LEU F 141 -33.28 -15.26 -5.19
N VAL F 142 -32.84 -14.39 -6.08
CA VAL F 142 -31.95 -13.30 -5.73
C VAL F 142 -32.60 -11.98 -6.09
N ALA F 143 -32.68 -11.08 -5.13
CA ALA F 143 -33.19 -9.73 -5.33
C ALA F 143 -32.15 -8.72 -4.87
N TRP F 144 -32.40 -7.46 -5.18
CA TRP F 144 -31.51 -6.37 -4.80
C TRP F 144 -32.32 -5.25 -4.16
N LEU F 145 -31.69 -4.56 -3.22
CA LEU F 145 -32.29 -3.42 -2.54
C LEU F 145 -31.35 -2.24 -2.66
N VAL F 146 -31.87 -1.08 -3.07
CA VAL F 146 -31.05 0.10 -3.21
C VAL F 146 -30.91 0.83 -1.88
N ASP F 147 -32.03 1.27 -1.32
CA ASP F 147 -32.07 1.73 0.08
C ASP F 147 -33.31 1.10 0.72
N ASP F 148 -33.15 -0.11 1.25
CA ASP F 148 -34.23 -0.84 1.89
C ASP F 148 -35.52 -0.74 1.07
N GLU F 149 -35.41 -0.81 -0.25
CA GLU F 149 -36.55 -0.71 -1.13
C GLU F 149 -36.32 -1.60 -2.35
N PRO F 150 -37.30 -2.41 -2.76
CA PRO F 150 -37.11 -3.24 -3.95
C PRO F 150 -36.72 -2.39 -5.15
N VAL F 151 -35.77 -2.90 -5.93
CA VAL F 151 -35.29 -2.16 -7.10
C VAL F 151 -36.40 -2.01 -8.13
N GLU F 152 -37.36 -2.94 -8.14
CA GLU F 152 -38.44 -2.92 -9.12
C GLU F 152 -39.63 -2.08 -8.69
N ARG F 153 -39.64 -1.57 -7.46
CA ARG F 153 -40.74 -0.78 -6.94
C ARG F 153 -40.27 0.54 -6.32
N THR F 154 -39.16 1.08 -6.83
CA THR F 154 -38.63 2.35 -6.36
C THR F 154 -38.91 3.43 -7.42
N SER F 155 -38.36 4.62 -7.19
CA SER F 155 -38.62 5.75 -8.07
C SER F 155 -37.71 5.77 -9.30
N SER F 156 -36.81 4.80 -9.43
CA SER F 156 -35.94 4.68 -10.61
C SER F 156 -35.87 3.21 -11.00
N SER F 157 -36.74 2.80 -11.91
CA SER F 157 -36.77 1.42 -12.39
C SER F 157 -35.96 1.24 -13.67
N ALA F 158 -36.17 2.11 -14.66
CA ALA F 158 -35.39 2.03 -15.89
C ALA F 158 -33.91 2.27 -15.64
N LEU F 159 -33.57 2.93 -14.53
CA LEU F 159 -32.18 3.25 -14.20
C LEU F 159 -31.40 2.07 -13.66
N TYR F 160 -32.05 0.94 -13.39
CA TYR F 160 -31.38 -0.23 -12.81
C TYR F 160 -31.80 -1.48 -13.57
N GLN F 161 -30.82 -2.32 -13.90
CA GLN F 161 -31.07 -3.58 -14.59
C GLN F 161 -30.37 -4.71 -13.84
N PHE F 162 -30.92 -5.92 -13.92
CA PHE F 162 -30.31 -7.02 -13.20
C PHE F 162 -30.81 -8.41 -13.58
N ASN F 163 -29.88 -9.30 -13.90
CA ASN F 163 -30.22 -10.66 -14.25
C ASN F 163 -29.25 -11.64 -13.63
N THR F 164 -29.73 -12.79 -13.20
CA THR F 164 -28.90 -13.85 -12.63
C THR F 164 -28.64 -14.93 -13.66
N THR F 165 -27.53 -15.63 -13.48
CA THR F 165 -27.10 -16.66 -14.42
C THR F 165 -27.76 -18.00 -14.07
N SER F 166 -27.28 -19.06 -14.69
CA SER F 166 -27.81 -20.41 -14.49
C SER F 166 -26.94 -21.18 -13.51
N GLN F 167 -27.54 -22.20 -12.89
CA GLN F 167 -26.85 -22.99 -11.90
C GLN F 167 -25.69 -23.75 -12.52
N ILE F 168 -24.63 -23.93 -11.73
CA ILE F 168 -23.50 -24.77 -12.10
C ILE F 168 -23.31 -25.80 -10.99
N GLN F 169 -23.30 -27.08 -11.36
CA GLN F 169 -23.27 -28.16 -10.40
C GLN F 169 -21.90 -28.82 -10.40
N SER F 170 -21.38 -29.09 -9.20
CA SER F 170 -20.11 -29.80 -9.02
C SER F 170 -20.30 -31.19 -8.45
N GLY F 171 -20.98 -31.31 -7.32
CA GLY F 171 -21.33 -32.60 -6.76
C GLY F 171 -22.83 -32.74 -6.61
N ARG F 172 -23.31 -32.71 -5.38
CA ARG F 172 -24.74 -32.62 -5.11
C ARG F 172 -25.20 -31.20 -4.85
N THR F 173 -24.29 -30.23 -4.89
CA THR F 173 -24.59 -28.84 -4.59
C THR F 173 -24.72 -28.03 -5.88
N TYR F 174 -24.89 -26.72 -5.76
CA TYR F 174 -25.00 -25.84 -6.90
C TYR F 174 -24.37 -24.50 -6.54
N SER F 175 -24.56 -23.51 -7.41
CA SER F 175 -24.05 -22.16 -7.18
C SER F 175 -24.57 -21.26 -8.30
N VAL F 176 -24.70 -19.97 -7.99
CA VAL F 176 -25.21 -19.00 -8.94
C VAL F 176 -24.50 -17.66 -8.76
N TYR F 177 -24.67 -16.81 -9.76
CA TYR F 177 -24.21 -15.43 -9.78
C TYR F 177 -25.38 -14.52 -10.12
N SER F 178 -25.40 -13.34 -9.52
CA SER F 178 -26.38 -12.30 -9.80
C SER F 178 -25.66 -10.98 -9.95
N GLN F 179 -26.13 -10.15 -10.87
CA GLN F 179 -25.45 -8.90 -11.17
C GLN F 179 -26.46 -7.75 -11.15
N LEU F 180 -26.02 -6.61 -10.63
CA LEU F 180 -26.82 -5.39 -10.68
C LEU F 180 -25.99 -4.31 -11.32
N THR F 181 -26.50 -3.69 -12.37
CA THR F 181 -25.74 -2.75 -13.18
C THR F 181 -26.42 -1.40 -13.19
N PHE F 182 -25.60 -0.34 -13.14
CA PHE F 182 -26.14 1.01 -13.22
C PHE F 182 -25.03 1.96 -13.67
N SER F 183 -25.39 3.21 -13.89
CA SER F 183 -24.44 4.18 -14.39
C SER F 183 -23.38 4.48 -13.33
N ASN F 184 -22.21 4.93 -13.80
CA ASN F 184 -21.13 5.27 -12.88
C ASN F 184 -21.39 6.58 -12.15
N ASP F 185 -22.24 7.45 -12.71
CA ASP F 185 -22.57 8.70 -12.02
C ASP F 185 -23.25 8.45 -10.69
N LEU F 186 -24.21 7.52 -10.66
CA LEU F 186 -24.89 7.20 -9.42
C LEU F 186 -23.94 6.62 -8.39
N TRP F 187 -23.00 5.76 -8.83
CA TRP F 187 -22.12 5.09 -7.89
C TRP F 187 -21.30 6.07 -7.06
N LYS F 188 -21.14 7.30 -7.52
CA LYS F 188 -20.31 8.28 -6.85
C LYS F 188 -21.08 9.31 -6.04
N ASN F 189 -22.40 9.37 -6.15
CA ASN F 189 -23.17 10.49 -5.61
C ASN F 189 -24.13 10.09 -4.50
N GLU F 190 -25.06 9.16 -4.74
CA GLU F 190 -26.23 9.08 -3.85
C GLU F 190 -25.85 8.70 -2.42
N GLU F 191 -24.78 7.93 -2.23
CA GLU F 191 -24.36 7.49 -0.90
C GLU F 191 -25.49 6.71 -0.21
N VAL F 192 -25.78 5.55 -0.79
CA VAL F 192 -26.85 4.68 -0.31
C VAL F 192 -26.26 3.35 0.14
N VAL F 193 -27.12 2.45 0.59
CA VAL F 193 -26.70 1.15 1.13
C VAL F 193 -27.33 0.09 0.25
N TYR F 194 -26.53 -0.49 -0.64
CA TYR F 194 -27.02 -1.55 -1.51
C TYR F 194 -26.97 -2.90 -0.79
N SER F 195 -27.90 -3.78 -1.13
CA SER F 195 -27.90 -5.10 -0.51
C SER F 195 -28.42 -6.15 -1.50
N CYS F 196 -27.98 -7.38 -1.27
CA CYS F 196 -28.37 -8.56 -2.05
C CYS F 196 -29.11 -9.50 -1.12
N VAL F 197 -30.35 -9.83 -1.50
CA VAL F 197 -31.24 -10.69 -0.71
C VAL F 197 -31.34 -12.03 -1.42
N VAL F 198 -31.14 -13.11 -0.67
CA VAL F 198 -31.17 -14.47 -1.21
C VAL F 198 -32.26 -15.23 -0.48
N TYR F 199 -33.30 -15.62 -1.22
CA TYR F 199 -34.38 -16.45 -0.73
C TYR F 199 -34.03 -17.91 -0.97
N HIS F 200 -34.06 -18.70 0.10
CA HIS F 200 -33.79 -20.12 0.06
C HIS F 200 -34.52 -20.80 1.22
N GLU F 201 -34.71 -22.11 1.09
CA GLU F 201 -35.50 -22.86 2.05
C GLU F 201 -34.65 -23.48 3.16
N SER F 202 -33.34 -23.27 3.15
CA SER F 202 -32.49 -23.86 4.17
C SER F 202 -32.73 -23.27 5.55
N MET F 203 -33.38 -22.11 5.63
CA MET F 203 -33.60 -21.43 6.91
C MET F 203 -35.04 -20.93 6.99
N ILE F 204 -36.00 -21.84 6.71
CA ILE F 204 -37.39 -21.47 6.89
C ILE F 204 -37.71 -21.23 8.36
N LYS F 205 -37.06 -21.96 9.26
CA LYS F 205 -37.35 -21.81 10.69
C LYS F 205 -37.08 -20.38 11.14
N SER F 206 -35.91 -19.85 10.77
CA SER F 206 -35.53 -18.48 11.10
C SER F 206 -35.99 -17.56 9.97
N THR F 207 -35.43 -16.35 9.90
CA THR F 207 -35.70 -15.47 8.77
C THR F 207 -35.45 -16.22 7.46
N ASN F 208 -36.38 -16.06 6.52
CA ASN F 208 -36.38 -16.84 5.30
C ASN F 208 -35.40 -16.34 4.25
N ILE F 209 -34.45 -15.46 4.62
CA ILE F 209 -33.58 -14.81 3.65
C ILE F 209 -32.18 -14.67 4.23
N ILE F 210 -31.22 -14.46 3.33
CA ILE F 210 -29.85 -14.12 3.69
C ILE F 210 -29.50 -12.83 2.96
N MET F 211 -28.94 -11.87 3.68
CA MET F 211 -28.61 -10.56 3.09
C MET F 211 -27.12 -10.28 3.20
N ARG F 212 -26.59 -9.62 2.19
CA ARG F 212 -25.25 -9.05 2.25
C ARG F 212 -25.31 -7.62 1.73
N THR F 213 -24.67 -6.70 2.45
CA THR F 213 -24.84 -5.28 2.18
C THR F 213 -23.49 -4.59 1.98
N ILE F 214 -23.53 -3.55 1.14
CA ILE F 214 -22.43 -2.62 0.97
C ILE F 214 -22.95 -1.23 1.37
N ASP F 215 -22.27 -0.62 2.33
CA ASP F 215 -22.67 0.67 2.91
C ASP F 215 -21.82 1.78 2.31
N ARG F 216 -22.49 2.85 1.87
CA ARG F 216 -21.81 3.98 1.23
C ARG F 216 -22.37 5.30 1.72
N THR F 217 -22.81 5.35 2.98
CA THR F 217 -23.37 6.55 3.58
C THR F 217 -22.31 7.44 4.22
N SER F 218 -21.04 7.03 4.17
CA SER F 218 -19.94 7.84 4.68
C SER F 218 -18.68 7.38 3.98
N ASN F 219 -17.61 8.18 4.12
CA ASN F 219 -16.33 7.83 3.51
C ASN F 219 -15.21 8.37 4.40
N GLN F 220 -14.80 7.55 5.37
CA GLN F 220 -13.72 7.86 6.29
C GLN F 220 -12.66 6.80 6.08
N PRO F 221 -11.87 6.90 5.00
CA PRO F 221 -10.92 5.83 4.68
C PRO F 221 -9.77 5.70 5.67
N ASN F 222 -9.53 6.70 6.52
CA ASN F 222 -8.40 6.69 7.43
C ASN F 222 -8.87 7.07 8.83
N LEU F 223 -8.35 6.36 9.83
CA LEU F 223 -8.70 6.58 11.22
C LEU F 223 -7.46 6.44 12.08
N VAL F 224 -7.21 7.43 12.94
CA VAL F 224 -6.04 7.44 13.80
C VAL F 224 -6.44 7.50 15.25
N ASN F 225 -5.78 6.73 16.10
CA ASN F 225 -6.08 6.71 17.51
C ASN F 225 -4.83 7.03 18.28
N LEU F 226 -4.91 8.02 19.17
CA LEU F 226 -3.76 8.42 19.97
C LEU F 226 -4.10 8.46 21.42
N SER F 227 -3.10 8.32 22.28
CA SER F 227 -3.33 8.44 23.70
C SER F 227 -2.07 8.89 24.41
N LEU F 228 -2.20 9.87 25.28
CA LEU F 228 -1.05 10.39 25.99
C LEU F 228 -1.29 10.29 27.46
N ASN F 229 -0.22 10.19 28.23
CA ASN F 229 -0.34 10.12 29.67
C ASN F 229 0.97 10.55 30.25
N VAL F 230 1.00 11.71 30.88
CA VAL F 230 2.21 12.21 31.50
C VAL F 230 1.98 12.23 32.99
N PRO F 231 1.95 11.05 33.60
CA PRO F 231 1.65 11.02 35.03
C PRO F 231 2.55 11.97 35.77
N GLN F 232 2.01 12.68 36.75
CA GLN F 232 2.79 13.65 37.50
C GLN F 232 3.13 13.12 38.87
N ARG F 233 3.21 11.80 39.00
CA ARG F 233 3.49 11.18 40.29
C ARG F 233 4.63 10.18 40.18
N CYS F 234 5.78 10.51 40.76
CA CYS F 234 6.95 9.65 40.67
C CYS F 234 6.58 8.19 40.90
N THR G 14 -53.61 -7.13 37.75
CA THR G 14 -53.73 -7.76 36.44
C THR G 14 -52.77 -7.10 35.46
N ILE G 15 -51.99 -7.93 34.77
CA ILE G 15 -50.96 -7.46 33.84
C ILE G 15 -51.15 -8.14 32.50
N ILE G 16 -50.91 -7.39 31.42
CA ILE G 16 -51.05 -7.89 30.06
C ILE G 16 -49.69 -7.83 29.39
N GLU G 17 -49.53 -8.65 28.35
CA GLU G 17 -48.28 -8.74 27.59
C GLU G 17 -48.59 -8.50 26.12
N PRO G 18 -47.89 -7.58 25.46
CA PRO G 18 -48.19 -7.32 24.05
C PRO G 18 -47.86 -8.53 23.18
N SER G 19 -48.64 -8.68 22.11
CA SER G 19 -48.43 -9.80 21.20
C SER G 19 -47.05 -9.75 20.57
N LEU G 20 -46.45 -10.91 20.37
CA LEU G 20 -45.13 -10.98 19.77
C LEU G 20 -45.16 -10.47 18.34
N GLU G 21 -44.14 -9.69 17.97
CA GLU G 21 -44.09 -9.12 16.63
C GLU G 21 -43.66 -10.16 15.61
N ASP G 22 -42.58 -10.89 15.90
CA ASP G 22 -42.04 -11.87 14.96
C ASP G 22 -43.18 -12.69 14.39
N MET G 23 -44.14 -13.06 15.24
CA MET G 23 -45.25 -13.88 14.79
C MET G 23 -46.33 -13.03 14.14
N LEU G 24 -46.39 -11.74 14.48
CA LEU G 24 -47.31 -10.84 13.79
C LEU G 24 -46.89 -10.61 12.35
N MET G 25 -45.65 -10.97 12.01
CA MET G 25 -45.19 -10.94 10.64
C MET G 25 -45.63 -12.19 9.88
N ASN G 26 -46.45 -13.04 10.50
CA ASN G 26 -47.20 -14.09 9.82
C ASN G 26 -48.70 -13.82 9.83
N LYS G 27 -49.10 -12.61 10.21
CA LYS G 27 -50.50 -12.19 10.27
C LYS G 27 -51.28 -12.91 11.36
N LYS G 28 -50.61 -13.46 12.36
CA LYS G 28 -51.28 -14.10 13.48
C LYS G 28 -50.47 -13.86 14.74
N ALA G 29 -51.14 -13.97 15.89
CA ALA G 29 -50.47 -13.85 17.18
C ALA G 29 -51.44 -14.13 18.32
N GLN G 30 -50.94 -14.08 19.56
CA GLN G 30 -51.76 -14.36 20.73
C GLN G 30 -51.56 -13.27 21.76
N LEU G 31 -52.66 -12.68 22.20
CA LEU G 31 -52.68 -11.63 23.22
C LEU G 31 -53.17 -12.27 24.52
N VAL G 32 -52.25 -12.50 25.44
CA VAL G 32 -52.56 -13.14 26.72
C VAL G 32 -52.65 -12.07 27.79
N CYS G 33 -53.60 -12.24 28.71
CA CYS G 33 -53.74 -11.36 29.87
C CYS G 33 -53.62 -12.21 31.12
N ASP G 34 -52.65 -11.84 31.97
CA ASP G 34 -52.37 -12.53 33.22
C ASP G 34 -52.93 -11.71 34.37
N VAL G 35 -53.26 -12.38 35.46
CA VAL G 35 -53.92 -11.76 36.61
C VAL G 35 -52.94 -11.68 37.76
N ASN G 36 -52.87 -10.51 38.40
CA ASN G 36 -51.97 -10.27 39.51
C ASN G 36 -52.66 -10.18 40.85
N GLU G 37 -53.98 -9.99 40.88
CA GLU G 37 -54.71 -9.88 42.14
C GLU G 37 -54.83 -11.25 42.78
N LEU G 38 -53.70 -11.81 43.21
CA LEU G 38 -53.66 -13.14 43.80
C LEU G 38 -53.84 -13.13 45.32
N VAL G 39 -53.86 -11.95 45.95
CA VAL G 39 -54.04 -11.91 47.40
C VAL G 39 -55.37 -12.53 47.81
N PRO G 40 -56.51 -12.17 47.20
CA PRO G 40 -57.74 -12.93 47.47
C PRO G 40 -57.87 -14.10 46.50
N GLY G 41 -58.97 -14.84 46.58
CA GLY G 41 -59.22 -15.93 45.66
C GLY G 41 -59.46 -15.42 44.26
N PHE G 42 -59.67 -16.36 43.34
CA PHE G 42 -59.97 -16.02 41.96
C PHE G 42 -61.05 -16.96 41.44
N LEU G 43 -61.85 -16.47 40.49
CA LEU G 43 -62.95 -17.24 39.94
C LEU G 43 -62.75 -17.55 38.46
N SER G 44 -62.68 -16.54 37.59
CA SER G 44 -62.55 -16.80 36.16
C SER G 44 -62.08 -15.54 35.45
N VAL G 45 -61.45 -15.74 34.29
CA VAL G 45 -61.01 -14.67 33.42
C VAL G 45 -62.06 -14.49 32.33
N LYS G 46 -62.02 -13.34 31.65
CA LYS G 46 -62.96 -13.09 30.57
C LYS G 46 -62.33 -12.13 29.57
N TRP G 47 -62.63 -12.35 28.29
CA TRP G 47 -62.18 -11.47 27.21
C TRP G 47 -63.40 -10.93 26.47
N GLU G 48 -63.57 -9.62 26.50
CA GLU G 48 -64.75 -8.94 25.95
C GLU G 48 -64.31 -7.93 24.90
N ASN G 49 -65.32 -7.29 24.28
CA ASN G 49 -65.13 -6.25 23.29
C ASN G 49 -65.26 -4.88 23.92
N ASP G 50 -65.04 -3.85 23.11
CA ASP G 50 -65.26 -2.48 23.57
C ASP G 50 -66.71 -2.27 23.97
N ASN G 51 -67.65 -2.78 23.16
CA ASN G 51 -69.07 -2.66 23.45
C ASN G 51 -69.53 -3.64 24.52
N GLY G 52 -68.66 -4.50 25.05
CA GLY G 52 -69.06 -5.50 26.00
C GLY G 52 -69.59 -6.79 25.41
N LYS G 53 -69.55 -6.94 24.09
CA LYS G 53 -70.08 -8.15 23.45
C LYS G 53 -69.23 -9.36 23.81
N THR G 54 -69.82 -10.54 23.63
CA THR G 54 -69.17 -11.81 23.94
C THR G 54 -68.07 -12.10 22.93
N LEU G 55 -66.81 -11.98 23.36
CA LEU G 55 -65.67 -12.24 22.50
C LEU G 55 -65.10 -13.63 22.82
N THR G 56 -65.09 -14.52 21.84
CA THR G 56 -64.60 -15.87 22.05
C THR G 56 -63.14 -15.84 22.46
N SER G 57 -62.77 -16.73 23.37
CA SER G 57 -61.41 -16.76 23.91
C SER G 57 -61.01 -18.20 24.17
N ARG G 58 -59.81 -18.37 24.72
CA ARG G 58 -59.24 -19.67 25.04
C ARG G 58 -58.70 -19.62 26.46
N LYS G 59 -58.34 -20.80 26.98
CA LYS G 59 -57.79 -20.93 28.32
C LYS G 59 -56.34 -21.40 28.23
N GLY G 60 -55.49 -20.81 29.07
CA GLY G 60 -54.08 -21.11 29.08
C GLY G 60 -53.72 -22.20 30.07
N VAL G 61 -52.47 -22.18 30.53
CA VAL G 61 -52.01 -23.19 31.47
C VAL G 61 -52.79 -23.08 32.78
N THR G 62 -52.94 -21.87 33.29
CA THR G 62 -53.63 -21.61 34.54
C THR G 62 -54.92 -20.84 34.27
N ASP G 63 -55.88 -21.00 35.19
CA ASP G 63 -57.16 -20.32 35.07
C ASP G 63 -57.02 -18.80 35.12
N LYS G 64 -55.96 -18.29 35.74
CA LYS G 64 -55.73 -16.85 35.83
C LYS G 64 -55.15 -16.26 34.56
N ILE G 65 -54.94 -17.06 33.52
CA ILE G 65 -54.33 -16.62 32.27
C ILE G 65 -55.35 -16.80 31.15
N ALA G 66 -55.67 -15.72 30.44
CA ALA G 66 -56.61 -15.78 29.32
C ALA G 66 -55.88 -15.45 28.02
N ILE G 67 -55.98 -16.35 27.04
CA ILE G 67 -55.33 -16.19 25.74
C ILE G 67 -56.38 -15.84 24.71
N LEU G 68 -56.04 -14.92 23.81
CA LEU G 68 -56.95 -14.50 22.74
C LEU G 68 -56.17 -14.44 21.43
N ASP G 69 -56.66 -15.12 20.40
CA ASP G 69 -55.96 -15.13 19.12
C ASP G 69 -56.30 -13.87 18.34
N ILE G 70 -55.28 -13.16 17.87
CA ILE G 70 -55.44 -11.88 17.20
C ILE G 70 -54.73 -11.94 15.84
N THR G 71 -55.41 -11.47 14.80
CA THR G 71 -54.85 -11.39 13.47
C THR G 71 -54.23 -10.01 13.27
N TYR G 72 -53.48 -9.85 12.17
CA TYR G 72 -52.80 -8.59 11.94
C TYR G 72 -53.75 -7.51 11.40
N GLU G 73 -54.83 -7.91 10.73
CA GLU G 73 -55.82 -6.92 10.29
C GLU G 73 -56.33 -6.12 11.48
N ASP G 74 -56.92 -6.81 12.46
CA ASP G 74 -57.49 -6.13 13.60
C ASP G 74 -56.41 -5.40 14.40
N TRP G 75 -55.27 -6.07 14.62
CA TRP G 75 -54.20 -5.47 15.41
C TRP G 75 -53.77 -4.14 14.80
N SER G 76 -53.62 -4.10 13.48
CA SER G 76 -53.23 -2.86 12.80
C SER G 76 -54.36 -1.84 12.85
N ASN G 77 -55.61 -2.29 12.75
CA ASN G 77 -56.71 -1.34 12.69
C ASN G 77 -56.82 -0.52 13.97
N GLY G 78 -56.36 -1.05 15.10
CA GLY G 78 -56.39 -0.35 16.36
C GLY G 78 -57.55 -0.65 17.27
N THR G 79 -58.35 -1.68 16.98
CA THR G 79 -59.46 -2.02 17.87
C THR G 79 -58.94 -2.37 19.25
N VAL G 80 -59.69 -1.98 20.27
CA VAL G 80 -59.30 -2.17 21.67
C VAL G 80 -60.16 -3.26 22.27
N PHE G 81 -59.52 -4.22 22.92
CA PHE G 81 -60.17 -5.34 23.59
C PHE G 81 -60.09 -5.14 25.10
N TYR G 82 -60.93 -5.88 25.82
CA TYR G 82 -60.99 -5.75 27.27
C TYR G 82 -60.82 -7.11 27.93
N CYS G 83 -59.91 -7.20 28.89
CA CYS G 83 -59.75 -8.43 29.68
C CYS G 83 -60.18 -8.12 31.12
N ALA G 84 -61.08 -8.95 31.64
CA ALA G 84 -61.70 -8.70 32.94
C ALA G 84 -61.57 -9.90 33.86
N VAL G 85 -61.55 -9.62 35.16
CA VAL G 85 -61.49 -10.62 36.21
C VAL G 85 -62.81 -10.58 36.97
N ASP G 86 -63.38 -11.75 37.25
CA ASP G 86 -64.71 -11.84 37.86
C ASP G 86 -64.68 -12.64 39.14
N HIS G 87 -63.76 -12.33 40.05
CA HIS G 87 -63.69 -13.03 41.33
C HIS G 87 -64.99 -12.88 42.10
N MET G 88 -65.37 -13.95 42.79
CA MET G 88 -66.61 -13.94 43.56
C MET G 88 -66.65 -12.82 44.59
N GLU G 89 -65.50 -12.47 45.18
CA GLU G 89 -65.46 -11.40 46.16
C GLU G 89 -65.28 -10.02 45.52
N ASN G 90 -64.60 -9.95 44.38
CA ASN G 90 -64.36 -8.69 43.70
C ASN G 90 -65.45 -8.33 42.70
N LEU G 91 -66.53 -9.12 42.63
CA LEU G 91 -67.59 -8.83 41.68
C LEU G 91 -68.27 -7.49 41.95
N GLY G 92 -68.09 -6.93 43.14
CA GLY G 92 -68.65 -5.61 43.41
C GLY G 92 -68.13 -4.57 42.43
N ASP G 93 -66.86 -4.66 42.06
CA ASP G 93 -66.26 -3.84 41.01
C ASP G 93 -65.81 -4.75 39.88
N LEU G 94 -65.31 -4.14 38.81
CA LEU G 94 -64.82 -4.88 37.65
C LEU G 94 -63.52 -4.24 37.18
N VAL G 95 -62.42 -4.98 37.27
CA VAL G 95 -61.13 -4.50 36.77
C VAL G 95 -61.07 -4.93 35.30
N LYS G 96 -61.68 -4.12 34.45
CA LYS G 96 -61.80 -4.41 33.02
C LYS G 96 -60.65 -3.76 32.28
N LYS G 97 -59.47 -4.37 32.39
CA LYS G 97 -58.28 -3.80 31.74
C LYS G 97 -58.49 -3.72 30.24
N ALA G 98 -57.62 -2.95 29.58
CA ALA G 98 -57.72 -2.68 28.16
C ALA G 98 -56.35 -2.80 27.51
N TYR G 99 -56.36 -3.13 26.22
CA TYR G 99 -55.16 -3.17 25.39
C TYR G 99 -55.28 -2.08 24.34
N LYS G 100 -54.69 -0.92 24.64
CA LYS G 100 -54.75 0.25 23.77
C LYS G 100 -53.42 0.39 23.02
N ARG G 101 -53.48 0.41 21.70
CA ARG G 101 -52.30 0.57 20.85
C ARG G 101 -52.28 1.97 20.26
N GLU G 102 -51.14 2.65 20.41
CA GLU G 102 -50.96 3.99 19.85
C GLU G 102 -50.81 3.91 18.34
N THR G 103 -51.83 4.40 17.62
CA THR G 103 -51.86 4.37 16.15
C THR G 103 -52.21 5.79 15.69
N GLY G 104 -51.20 6.63 15.51
CA GLY G 104 -51.42 8.01 15.18
C GLY G 104 -50.53 8.59 14.09
N GLY G 105 -50.36 7.86 13.00
CA GLY G 105 -49.63 8.40 11.87
C GLY G 105 -49.07 7.32 10.98
N VAL G 106 -48.58 7.75 9.83
CA VAL G 106 -47.98 6.84 8.85
C VAL G 106 -46.63 6.37 9.36
N PRO G 107 -46.30 5.08 9.26
CA PRO G 107 -45.00 4.60 9.75
C PRO G 107 -43.85 5.21 8.95
N GLN G 108 -42.73 5.39 9.64
CA GLN G 108 -41.50 5.91 9.04
C GLN G 108 -40.42 4.86 9.14
N ARG G 109 -39.75 4.59 8.02
CA ARG G 109 -38.72 3.56 8.01
C ARG G 109 -37.49 4.04 8.77
N PRO G 110 -36.93 3.21 9.65
CA PRO G 110 -35.71 3.60 10.37
C PRO G 110 -34.47 3.56 9.48
N SER G 111 -33.39 4.10 10.03
CA SER G 111 -32.07 3.99 9.42
C SER G 111 -31.15 3.32 10.43
N VAL G 112 -30.65 2.13 10.08
CA VAL G 112 -29.86 1.31 10.98
C VAL G 112 -28.40 1.43 10.62
N PHE G 113 -27.55 1.62 11.63
CA PHE G 113 -26.10 1.71 11.47
C PHE G 113 -25.44 0.63 12.32
N LEU G 114 -24.52 -0.13 11.72
CA LEU G 114 -23.76 -1.14 12.43
C LEU G 114 -22.36 -0.62 12.69
N LEU G 115 -21.96 -0.57 13.95
CA LEU G 115 -20.71 0.05 14.36
C LEU G 115 -19.72 -1.01 14.82
N ALA G 116 -18.49 -0.95 14.30
CA ALA G 116 -17.48 -1.92 14.65
C ALA G 116 -16.97 -1.68 16.06
N PRO G 117 -16.34 -2.69 16.67
CA PRO G 117 -15.84 -2.52 18.04
C PRO G 117 -14.74 -1.48 18.10
N ALA G 118 -14.65 -0.81 19.25
CA ALA G 118 -13.61 0.18 19.49
C ALA G 118 -12.49 -0.33 20.39
N GLU G 119 -12.62 -1.54 20.93
CA GLU G 119 -11.56 -2.10 21.75
C GLU G 119 -10.30 -2.30 20.92
N GLN G 120 -9.15 -1.94 21.50
CA GLN G 120 -7.89 -2.00 20.74
C GLN G 120 -7.31 -3.41 20.78
N THR G 121 -6.91 -3.87 21.97
CA THR G 121 -6.34 -5.19 22.13
C THR G 121 -6.14 -5.45 23.62
N SER G 122 -6.16 -6.72 24.00
CA SER G 122 -5.98 -7.14 25.38
C SER G 122 -7.12 -6.72 26.28
N ASP G 123 -8.25 -6.33 25.70
CA ASP G 123 -9.39 -5.86 26.49
C ASP G 123 -10.25 -6.99 27.02
N ASN G 124 -10.02 -8.23 26.56
CA ASN G 124 -10.70 -9.44 27.02
C ASN G 124 -12.16 -9.49 26.57
N THR G 125 -12.66 -8.47 25.88
CA THR G 125 -14.04 -8.46 25.45
C THR G 125 -14.18 -7.52 24.26
N VAL G 126 -15.14 -7.85 23.39
CA VAL G 126 -15.43 -7.07 22.20
C VAL G 126 -16.94 -6.92 22.08
N THR G 127 -17.38 -5.72 21.67
CA THR G 127 -18.78 -5.39 21.56
C THR G 127 -19.11 -4.91 20.15
N LEU G 128 -20.26 -5.35 19.65
CA LEU G 128 -20.81 -4.92 18.37
C LEU G 128 -22.13 -4.22 18.63
N THR G 129 -22.29 -3.04 18.05
CA THR G 129 -23.46 -2.19 18.28
C THR G 129 -24.27 -2.03 17.00
N CYS G 130 -25.59 -2.05 17.15
CA CYS G 130 -26.51 -1.78 16.05
C CYS G 130 -27.42 -0.65 16.54
N TYR G 131 -27.40 0.49 15.86
CA TYR G 131 -28.16 1.66 16.26
C TYR G 131 -29.27 1.93 15.25
N VAL G 132 -30.53 1.86 15.71
CA VAL G 132 -31.66 2.20 14.87
C VAL G 132 -32.05 3.64 15.13
N LYS G 133 -32.41 4.36 14.06
CA LYS G 133 -32.66 5.79 14.09
C LYS G 133 -34.00 6.13 13.44
N ASP G 134 -34.85 6.86 14.17
CA ASP G 134 -36.00 7.59 13.61
C ASP G 134 -36.98 6.65 12.91
N PHE G 135 -37.59 5.78 13.72
CA PHE G 135 -38.76 5.01 13.31
C PHE G 135 -39.96 5.47 14.13
N TYR G 136 -41.09 5.73 13.46
CA TYR G 136 -42.24 6.28 14.17
C TYR G 136 -42.88 5.25 15.09
N PRO G 137 -43.42 4.13 14.60
CA PRO G 137 -44.07 3.18 15.51
C PRO G 137 -43.13 2.72 16.60
N LYS G 138 -43.67 2.62 17.82
CA LYS G 138 -42.83 2.32 18.97
C LYS G 138 -42.37 0.87 19.00
N ASP G 139 -43.08 -0.03 18.31
CA ASP G 139 -42.80 -1.46 18.39
C ASP G 139 -41.71 -1.82 17.37
N VAL G 140 -40.64 -2.44 17.85
CA VAL G 140 -39.53 -2.85 17.01
C VAL G 140 -38.79 -3.95 17.75
N LEU G 141 -38.16 -4.86 17.00
CA LEU G 141 -37.39 -5.92 17.61
C LEU G 141 -36.03 -6.02 16.93
N VAL G 142 -35.00 -6.37 17.70
CA VAL G 142 -33.65 -6.51 17.18
C VAL G 142 -33.11 -7.87 17.56
N ALA G 143 -32.58 -8.60 16.58
CA ALA G 143 -32.00 -9.92 16.76
C ALA G 143 -30.63 -9.95 16.09
N TRP G 144 -29.86 -10.97 16.42
CA TRP G 144 -28.48 -11.08 15.94
C TRP G 144 -28.24 -12.45 15.35
N LEU G 145 -27.43 -12.51 14.29
CA LEU G 145 -27.14 -13.74 13.60
C LEU G 145 -25.64 -13.89 13.46
N VAL G 146 -25.17 -15.13 13.64
CA VAL G 146 -23.77 -15.51 13.49
C VAL G 146 -23.68 -16.53 12.36
N ASP G 147 -22.91 -16.21 11.32
CA ASP G 147 -22.85 -17.04 10.12
C ASP G 147 -24.25 -17.47 9.66
N ASP G 148 -25.24 -16.60 9.85
CA ASP G 148 -26.59 -16.79 9.35
C ASP G 148 -27.39 -17.80 10.18
N GLU G 149 -27.04 -17.99 11.45
CA GLU G 149 -27.87 -18.81 12.32
C GLU G 149 -28.13 -18.05 13.62
N PRO G 150 -29.37 -18.04 14.12
CA PRO G 150 -29.67 -17.21 15.29
C PRO G 150 -28.72 -17.51 16.44
N VAL G 151 -28.50 -16.50 17.29
CA VAL G 151 -27.55 -16.69 18.38
C VAL G 151 -28.11 -17.64 19.43
N GLU G 152 -29.44 -17.60 19.64
CA GLU G 152 -30.03 -18.39 20.71
C GLU G 152 -29.81 -19.88 20.49
N ARG G 153 -29.97 -20.35 19.26
CA ARG G 153 -29.92 -21.77 18.93
C ARG G 153 -28.66 -22.12 18.14
N THR G 154 -27.54 -21.50 18.48
CA THR G 154 -26.26 -21.81 17.88
C THR G 154 -25.44 -22.69 18.83
N SER G 155 -24.48 -23.41 18.25
CA SER G 155 -23.63 -24.29 19.06
C SER G 155 -22.84 -23.51 20.10
N SER G 156 -22.47 -22.26 19.78
CA SER G 156 -21.70 -21.40 20.67
C SER G 156 -22.57 -20.37 21.38
N SER G 157 -23.81 -20.75 21.73
CA SER G 157 -24.72 -19.79 22.35
C SER G 157 -24.15 -19.25 23.67
N ALA G 158 -23.56 -20.12 24.47
CA ALA G 158 -23.03 -19.70 25.77
C ALA G 158 -21.88 -18.71 25.65
N LEU G 159 -21.27 -18.57 24.48
CA LEU G 159 -20.14 -17.68 24.29
C LEU G 159 -20.54 -16.28 23.85
N TYR G 160 -21.82 -16.01 23.68
CA TYR G 160 -22.30 -14.73 23.17
C TYR G 160 -23.35 -14.16 24.12
N GLN G 161 -23.33 -12.84 24.27
CA GLN G 161 -24.32 -12.14 25.07
C GLN G 161 -24.89 -11.00 24.24
N PHE G 162 -26.19 -10.74 24.34
CA PHE G 162 -26.80 -9.65 23.59
C PHE G 162 -27.89 -8.99 24.41
N ASN G 163 -28.04 -7.68 24.23
CA ASN G 163 -29.03 -6.93 24.98
C ASN G 163 -29.51 -5.72 24.20
N THR G 164 -30.68 -5.21 24.53
CA THR G 164 -31.25 -4.04 23.89
C THR G 164 -31.60 -3.00 24.94
N THR G 165 -31.22 -1.75 24.70
CA THR G 165 -31.44 -0.67 25.66
C THR G 165 -32.87 -0.17 25.54
N SER G 166 -33.19 0.91 26.26
CA SER G 166 -34.51 1.51 26.20
C SER G 166 -34.61 2.41 24.98
N GLN G 167 -35.79 3.01 24.80
CA GLN G 167 -36.07 3.86 23.64
C GLN G 167 -35.98 5.33 24.06
N ILE G 168 -35.29 6.13 23.27
CA ILE G 168 -35.18 7.57 23.49
C ILE G 168 -35.93 8.27 22.37
N GLN G 169 -36.93 9.07 22.75
CA GLN G 169 -37.79 9.77 21.80
C GLN G 169 -37.38 11.24 21.74
N SER G 170 -37.05 11.71 20.53
CA SER G 170 -36.70 13.11 20.33
C SER G 170 -37.91 13.94 19.93
N GLY G 171 -38.51 13.62 18.79
CA GLY G 171 -39.72 14.28 18.35
C GLY G 171 -40.89 13.32 18.29
N ARG G 172 -41.31 12.98 17.07
CA ARG G 172 -42.37 11.99 16.87
C ARG G 172 -41.81 10.58 16.67
N THR G 173 -40.49 10.43 16.53
CA THR G 173 -39.86 9.15 16.23
C THR G 173 -39.10 8.65 17.45
N TYR G 174 -38.43 7.51 17.27
CA TYR G 174 -37.72 6.85 18.36
C TYR G 174 -36.38 6.34 17.84
N SER G 175 -35.53 5.89 18.76
CA SER G 175 -34.25 5.32 18.38
C SER G 175 -33.82 4.34 19.46
N VAL G 176 -32.97 3.39 19.08
CA VAL G 176 -32.50 2.38 20.03
C VAL G 176 -31.06 1.99 19.73
N TYR G 177 -30.45 1.35 20.71
CA TYR G 177 -29.11 0.76 20.57
C TYR G 177 -29.18 -0.69 21.02
N SER G 178 -28.69 -1.59 20.19
CA SER G 178 -28.59 -3.01 20.53
C SER G 178 -27.12 -3.39 20.59
N GLN G 179 -26.84 -4.45 21.35
CA GLN G 179 -25.48 -4.80 21.73
C GLN G 179 -25.29 -6.30 21.63
N LEU G 180 -24.05 -6.69 21.32
CA LEU G 180 -23.62 -8.08 21.30
C LEU G 180 -22.17 -8.13 21.72
N THR G 181 -21.88 -8.86 22.80
CA THR G 181 -20.56 -8.91 23.39
C THR G 181 -20.07 -10.35 23.45
N PHE G 182 -18.79 -10.52 23.16
CA PHE G 182 -18.15 -11.84 23.21
C PHE G 182 -16.65 -11.65 23.41
N SER G 183 -15.95 -12.77 23.60
CA SER G 183 -14.53 -12.70 23.92
C SER G 183 -13.72 -12.16 22.75
N ASN G 184 -12.61 -11.49 23.08
CA ASN G 184 -11.76 -10.89 22.05
C ASN G 184 -11.05 -11.95 21.22
N ASP G 185 -10.62 -13.05 21.86
CA ASP G 185 -9.95 -14.10 21.11
C ASP G 185 -10.87 -14.68 20.06
N LEU G 186 -12.13 -14.92 20.40
CA LEU G 186 -13.10 -15.38 19.42
C LEU G 186 -13.24 -14.36 18.29
N TRP G 187 -13.19 -13.07 18.63
CA TRP G 187 -13.28 -12.04 17.60
C TRP G 187 -12.09 -12.10 16.64
N LYS G 188 -10.92 -12.47 17.15
CA LYS G 188 -9.69 -12.44 16.36
C LYS G 188 -9.30 -13.79 15.79
N ASN G 189 -10.07 -14.86 16.05
CA ASN G 189 -9.66 -16.19 15.63
C ASN G 189 -10.83 -17.02 15.10
N GLU G 190 -11.80 -16.38 14.46
CA GLU G 190 -12.93 -17.13 13.91
C GLU G 190 -13.22 -16.82 12.45
N GLU G 191 -13.09 -15.56 12.03
CA GLU G 191 -13.32 -15.17 10.66
C GLU G 191 -14.72 -15.58 10.20
N VAL G 192 -15.72 -15.01 10.88
CA VAL G 192 -17.12 -15.22 10.53
C VAL G 192 -17.76 -13.87 10.28
N VAL G 193 -19.03 -13.88 9.88
CA VAL G 193 -19.75 -12.66 9.53
C VAL G 193 -20.98 -12.56 10.43
N TYR G 194 -21.09 -11.47 11.17
CA TYR G 194 -22.20 -11.22 12.08
C TYR G 194 -23.20 -10.29 11.41
N SER G 195 -24.40 -10.21 11.99
CA SER G 195 -25.41 -9.37 11.36
C SER G 195 -26.53 -9.05 12.35
N CYS G 196 -26.96 -7.79 12.35
CA CYS G 196 -28.09 -7.35 13.16
C CYS G 196 -29.32 -7.21 12.28
N VAL G 197 -30.41 -7.83 12.70
CA VAL G 197 -31.67 -7.87 11.97
C VAL G 197 -32.72 -7.14 12.78
N VAL G 198 -33.37 -6.16 12.18
CA VAL G 198 -34.40 -5.37 12.86
C VAL G 198 -35.75 -5.66 12.20
N TYR G 199 -36.71 -6.04 13.04
CA TYR G 199 -38.09 -6.27 12.64
C TYR G 199 -38.89 -5.02 12.96
N HIS G 200 -39.57 -4.48 11.95
CA HIS G 200 -40.37 -3.29 12.08
C HIS G 200 -41.53 -3.38 11.10
N GLU G 201 -42.50 -2.49 11.24
CA GLU G 201 -43.73 -2.59 10.46
C GLU G 201 -43.64 -1.89 9.12
N SER G 202 -42.78 -0.86 8.99
CA SER G 202 -42.72 -0.15 7.73
C SER G 202 -42.27 -1.04 6.58
N MET G 203 -41.68 -2.19 6.89
CA MET G 203 -41.11 -3.08 5.90
C MET G 203 -42.02 -4.27 5.59
N ILE G 204 -43.30 -4.19 6.00
CA ILE G 204 -44.21 -5.31 5.76
C ILE G 204 -44.37 -5.58 4.27
N LYS G 205 -44.14 -4.57 3.44
CA LYS G 205 -44.30 -4.76 2.01
C LYS G 205 -43.30 -5.78 1.45
N SER G 206 -42.06 -5.73 1.93
CA SER G 206 -40.99 -6.55 1.36
C SER G 206 -40.07 -7.03 2.47
N THR G 207 -40.08 -8.34 2.72
CA THR G 207 -39.11 -9.02 3.58
C THR G 207 -39.33 -8.75 5.06
N ASN G 208 -40.17 -7.78 5.41
CA ASN G 208 -40.59 -7.58 6.79
C ASN G 208 -39.44 -7.23 7.74
N ILE G 209 -38.22 -7.05 7.25
CA ILE G 209 -37.07 -6.81 8.12
C ILE G 209 -36.01 -6.01 7.37
N ILE G 210 -35.11 -5.40 8.14
CA ILE G 210 -33.91 -4.77 7.62
C ILE G 210 -32.72 -5.46 8.28
N MET G 211 -31.59 -5.48 7.57
CA MET G 211 -30.47 -6.30 8.03
C MET G 211 -29.15 -5.66 7.65
N ARG G 212 -28.21 -5.67 8.59
CA ARG G 212 -26.86 -5.17 8.35
C ARG G 212 -25.86 -6.25 8.75
N THR G 213 -24.71 -6.25 8.08
CA THR G 213 -23.69 -7.28 8.26
C THR G 213 -22.34 -6.64 8.55
N ILE G 214 -21.47 -7.43 9.19
CA ILE G 214 -20.15 -6.96 9.57
C ILE G 214 -19.20 -8.15 9.60
N ASP G 215 -17.93 -7.88 9.24
CA ASP G 215 -16.88 -8.88 9.25
C ASP G 215 -15.57 -8.19 9.62
N ARG G 216 -14.73 -8.88 10.40
CA ARG G 216 -13.50 -8.28 10.88
C ARG G 216 -12.53 -8.00 9.73
N THR G 217 -12.28 -9.00 8.89
CA THR G 217 -11.28 -8.85 7.84
C THR G 217 -11.78 -7.96 6.70
N SER G 218 -13.03 -8.16 6.28
CA SER G 218 -13.56 -7.39 5.17
C SER G 218 -13.60 -5.89 5.48
N ASN G 219 -14.00 -5.54 6.69
CA ASN G 219 -14.05 -4.14 7.13
C ASN G 219 -12.76 -3.82 7.88
N GLN G 220 -11.80 -3.20 7.20
CA GLN G 220 -10.51 -2.86 7.79
C GLN G 220 -9.95 -1.66 7.04
N PRO G 221 -10.38 -0.45 7.40
CA PRO G 221 -9.75 0.76 6.85
C PRO G 221 -8.32 0.90 7.36
N ASN G 222 -7.59 1.82 6.74
CA ASN G 222 -6.24 2.11 7.18
C ASN G 222 -6.30 2.78 8.55
N LEU G 223 -5.44 2.35 9.46
CA LEU G 223 -5.40 2.99 10.76
C LEU G 223 -3.99 3.01 11.32
N VAL G 224 -3.75 3.99 12.19
CA VAL G 224 -2.51 4.14 12.93
C VAL G 224 -2.86 4.23 14.41
N ASN G 225 -2.16 3.48 15.25
CA ASN G 225 -2.45 3.44 16.67
C ASN G 225 -1.13 3.62 17.41
N LEU G 226 -1.07 4.64 18.25
CA LEU G 226 0.14 4.96 19.00
C LEU G 226 -0.22 5.44 20.39
N SER G 227 0.68 5.17 21.34
CA SER G 227 0.51 5.58 22.72
C SER G 227 1.83 6.12 23.21
N LEU G 228 1.80 6.88 24.31
CA LEU G 228 3.03 7.51 24.79
C LEU G 228 2.87 7.80 26.29
N ASN G 229 3.52 6.99 27.11
CA ASN G 229 3.55 7.24 28.55
C ASN G 229 4.82 8.00 28.88
N VAL G 230 4.72 8.95 29.81
CA VAL G 230 5.89 9.72 30.23
C VAL G 230 6.10 9.61 31.73
N PRO G 231 6.44 8.42 32.21
CA PRO G 231 6.55 8.26 33.67
C PRO G 231 7.49 9.30 34.27
N GLN G 232 6.93 10.29 34.96
CA GLN G 232 7.75 11.34 35.55
C GLN G 232 8.38 10.85 36.82
N ARG G 233 9.34 9.95 36.70
CA ARG G 233 9.99 9.36 37.87
C ARG G 233 11.04 10.29 38.44
N CYS G 234 10.80 10.80 39.65
CA CYS G 234 11.76 11.69 40.27
C CYS G 234 12.31 12.69 39.27
N THR H 14 -45.36 10.06 47.32
CA THR H 14 -44.12 10.72 47.72
C THR H 14 -42.96 10.21 46.88
N ILE H 15 -42.20 11.13 46.29
CA ILE H 15 -41.10 10.83 45.39
C ILE H 15 -39.85 11.55 45.88
N ILE H 16 -38.70 10.89 45.76
CA ILE H 16 -37.42 11.44 46.19
C ILE H 16 -36.53 11.55 44.96
N GLU H 17 -35.52 12.42 45.07
CA GLU H 17 -34.59 12.68 43.98
C GLU H 17 -33.17 12.46 44.45
N PRO H 18 -32.38 11.64 43.76
CA PRO H 18 -30.99 11.40 44.21
C PRO H 18 -30.16 12.66 44.15
N SER H 19 -29.21 12.76 45.07
CA SER H 19 -28.34 13.93 45.12
C SER H 19 -27.53 14.05 43.83
N LEU H 20 -27.29 15.29 43.41
CA LEU H 20 -26.53 15.54 42.19
C LEU H 20 -25.11 15.04 42.34
N GLU H 21 -24.63 14.31 41.31
CA GLU H 21 -23.26 13.80 41.35
C GLU H 21 -22.24 14.93 41.22
N ASP H 22 -22.50 15.90 40.33
CA ASP H 22 -21.55 16.98 40.14
C ASP H 22 -21.36 17.75 41.44
N MET H 23 -22.45 18.05 42.13
CA MET H 23 -22.35 18.74 43.42
C MET H 23 -21.57 17.87 44.40
N LEU H 24 -21.90 16.58 44.46
CA LEU H 24 -21.23 15.67 45.38
C LEU H 24 -19.75 15.50 45.06
N MET H 25 -19.30 15.92 43.89
CA MET H 25 -17.87 16.06 43.63
C MET H 25 -17.25 17.25 44.36
N ASN H 26 -18.02 17.93 45.21
CA ASN H 26 -17.49 18.87 46.18
C ASN H 26 -17.70 18.40 47.62
N LYS H 27 -18.07 17.13 47.81
CA LYS H 27 -18.29 16.50 49.10
C LYS H 27 -19.52 17.04 49.83
N LYS H 28 -20.46 17.66 49.12
CA LYS H 28 -21.70 18.11 49.72
C LYS H 28 -22.81 17.96 48.70
N ALA H 29 -24.05 17.91 49.20
CA ALA H 29 -25.21 17.87 48.31
C ALA H 29 -26.47 17.96 49.15
N GLN H 30 -27.62 17.96 48.47
CA GLN H 30 -28.92 18.10 49.09
C GLN H 30 -29.85 17.03 48.56
N LEU H 31 -30.50 16.31 49.48
CA LEU H 31 -31.47 15.27 49.16
C LEU H 31 -32.86 15.85 49.40
N VAL H 32 -33.58 16.10 48.32
CA VAL H 32 -34.91 16.70 48.40
C VAL H 32 -35.95 15.59 48.42
N CYS H 33 -37.02 15.81 49.16
CA CYS H 33 -38.13 14.87 49.32
C CYS H 33 -39.42 15.59 48.92
N ASP H 34 -40.02 15.13 47.82
CA ASP H 34 -41.27 15.67 47.32
C ASP H 34 -42.42 14.73 47.70
N VAL H 35 -43.60 15.31 47.85
CA VAL H 35 -44.80 14.58 48.29
C VAL H 35 -45.76 14.50 47.11
N ASN H 36 -46.28 13.29 46.86
CA ASN H 36 -47.21 13.06 45.76
C ASN H 36 -48.65 12.84 46.22
N GLU H 37 -48.88 12.54 47.49
CA GLU H 37 -50.23 12.32 47.97
C GLU H 37 -50.94 13.66 48.10
N LEU H 38 -51.20 14.31 46.96
CA LEU H 38 -51.84 15.62 46.93
C LEU H 38 -53.35 15.56 46.86
N VAL H 39 -53.94 14.37 46.65
CA VAL H 39 -55.39 14.27 46.58
C VAL H 39 -56.04 14.75 47.88
N PRO H 40 -55.62 14.29 49.06
CA PRO H 40 -56.10 14.91 50.30
C PRO H 40 -55.23 16.09 50.72
N GLY H 41 -55.53 16.70 51.85
CA GLY H 41 -54.73 17.79 52.36
C GLY H 41 -53.35 17.31 52.80
N PHE H 42 -52.54 18.26 53.25
CA PHE H 42 -51.21 17.96 53.75
C PHE H 42 -50.92 18.79 54.98
N LEU H 43 -50.08 18.26 55.87
CA LEU H 43 -49.74 18.95 57.12
C LEU H 43 -48.28 19.35 57.18
N SER H 44 -47.35 18.40 57.14
CA SER H 44 -45.94 18.72 57.28
C SER H 44 -45.09 17.54 56.82
N VAL H 45 -43.87 17.85 56.40
CA VAL H 45 -42.89 16.86 56.00
C VAL H 45 -41.96 16.61 57.19
N LYS H 46 -41.23 15.49 57.14
CA LYS H 46 -40.28 15.17 58.20
C LYS H 46 -39.15 14.35 57.63
N TRP H 47 -37.94 14.59 58.11
CA TRP H 47 -36.76 13.82 57.74
C TRP H 47 -36.13 13.22 58.99
N GLU H 48 -36.11 11.89 59.06
CA GLU H 48 -35.67 11.15 60.24
C GLU H 48 -34.53 10.21 59.87
N ASN H 49 -34.03 9.52 60.89
CA ASN H 49 -32.98 8.52 60.77
C ASN H 49 -33.59 7.13 60.70
N ASP H 50 -32.74 6.13 60.50
CA ASP H 50 -33.21 4.75 60.51
C ASP H 50 -33.84 4.38 61.84
N ASN H 51 -33.24 4.81 62.95
CA ASN H 51 -33.80 4.52 64.26
C ASN H 51 -35.00 5.39 64.61
N GLY H 52 -35.39 6.32 63.73
CA GLY H 52 -36.47 7.23 64.02
C GLY H 52 -36.08 8.47 64.79
N LYS H 53 -34.80 8.66 65.08
CA LYS H 53 -34.37 9.82 65.84
C LYS H 53 -34.62 11.12 65.06
N THR H 54 -34.66 12.22 65.80
CA THR H 54 -34.92 13.53 65.21
C THR H 54 -33.72 13.97 64.41
N LEU H 55 -33.84 13.93 63.08
CA LEU H 55 -32.77 14.33 62.18
C LEU H 55 -33.07 15.72 61.63
N THR H 56 -32.18 16.66 61.89
CA THR H 56 -32.39 18.04 61.47
C THR H 56 -32.55 18.12 59.95
N SER H 57 -33.44 18.99 59.50
CA SER H 57 -33.73 19.13 58.08
C SER H 57 -34.02 20.60 57.80
N ARG H 58 -34.46 20.88 56.57
CA ARG H 58 -34.79 22.23 56.14
C ARG H 58 -36.06 22.19 55.31
N LYS H 59 -36.58 23.37 54.97
CA LYS H 59 -37.79 23.51 54.20
C LYS H 59 -37.50 24.23 52.90
N GLY H 60 -38.12 23.76 51.82
CA GLY H 60 -37.93 24.31 50.50
C GLY H 60 -38.91 25.42 50.20
N VAL H 61 -39.18 25.62 48.90
CA VAL H 61 -40.08 26.69 48.49
C VAL H 61 -41.47 26.43 49.07
N THR H 62 -41.96 25.20 48.95
CA THR H 62 -43.27 24.81 49.44
C THR H 62 -43.12 23.85 50.62
N ASP H 63 -44.14 23.82 51.47
CA ASP H 63 -44.11 22.97 52.66
C ASP H 63 -44.03 21.48 52.33
N LYS H 64 -44.48 21.08 51.13
CA LYS H 64 -44.44 19.67 50.75
C LYS H 64 -43.06 19.19 50.30
N ILE H 65 -42.05 20.04 50.35
CA ILE H 65 -40.70 19.71 49.90
C ILE H 65 -39.76 19.82 51.11
N ALA H 66 -39.04 18.74 51.40
CA ALA H 66 -38.08 18.71 52.50
C ALA H 66 -36.67 18.54 51.96
N ILE H 67 -35.77 19.46 52.32
CA ILE H 67 -34.38 19.41 51.88
C ILE H 67 -33.51 18.96 53.03
N LEU H 68 -32.53 18.10 52.74
CA LEU H 68 -31.60 17.61 53.75
C LEU H 68 -30.18 17.67 53.21
N ASP H 69 -29.29 18.35 53.92
CA ASP H 69 -27.91 18.49 53.47
C ASP H 69 -27.09 17.29 53.90
N ILE H 70 -26.40 16.66 52.94
CA ILE H 70 -25.62 15.46 53.18
C ILE H 70 -24.20 15.65 52.67
N THR H 71 -23.23 15.21 53.47
CA THR H 71 -21.83 15.23 53.12
C THR H 71 -21.45 13.92 52.44
N TYR H 72 -20.26 13.90 51.83
CA TYR H 72 -19.82 12.70 51.12
C TYR H 72 -19.66 11.50 52.06
N GLU H 73 -19.29 11.75 53.32
CA GLU H 73 -19.09 10.65 54.26
C GLU H 73 -20.32 9.75 54.33
N ASP H 74 -21.46 10.33 54.70
CA ASP H 74 -22.68 9.54 54.86
C ASP H 74 -23.11 8.91 53.53
N TRP H 75 -23.09 9.71 52.46
CA TRP H 75 -23.56 9.22 51.17
C TRP H 75 -22.76 8.00 50.72
N SER H 76 -21.44 8.06 50.85
CA SER H 76 -20.60 6.93 50.46
C SER H 76 -20.75 5.76 51.43
N ASN H 77 -20.89 6.06 52.73
CA ASN H 77 -20.96 4.99 53.72
C ASN H 77 -22.19 4.11 53.52
N GLY H 78 -23.25 4.65 52.93
CA GLY H 78 -24.48 3.91 52.74
C GLY H 78 -25.54 4.16 53.78
N THR H 79 -25.40 5.18 54.62
CA THR H 79 -26.41 5.47 55.63
C THR H 79 -27.75 5.75 54.95
N VAL H 80 -28.82 5.26 55.57
CA VAL H 80 -30.17 5.35 55.02
C VAL H 80 -30.98 6.34 55.85
N PHE H 81 -31.62 7.28 55.17
CA PHE H 81 -32.49 8.27 55.80
C PHE H 81 -33.93 7.95 55.45
N TYR H 82 -34.86 8.52 56.22
CA TYR H 82 -36.28 8.26 56.06
C TYR H 82 -37.03 9.57 55.92
N CYS H 83 -37.88 9.67 54.90
CA CYS H 83 -38.75 10.84 54.74
C CYS H 83 -40.19 10.45 54.98
N ALA H 84 -40.87 11.20 55.86
CA ALA H 84 -42.22 10.85 56.29
C ALA H 84 -43.17 12.02 56.10
N VAL H 85 -44.43 11.69 55.87
CA VAL H 85 -45.53 12.65 55.72
C VAL H 85 -46.47 12.48 56.89
N ASP H 86 -46.91 13.59 57.48
CA ASP H 86 -47.72 13.55 58.69
C ASP H 86 -49.03 14.30 58.51
N HIS H 87 -49.74 14.02 57.41
CA HIS H 87 -51.03 14.65 57.15
C HIS H 87 -52.02 14.32 58.27
N MET H 88 -52.85 15.32 58.62
CA MET H 88 -53.83 15.14 59.68
C MET H 88 -54.73 13.94 59.42
N GLU H 89 -55.06 13.68 58.16
CA GLU H 89 -55.93 12.56 57.82
C GLU H 89 -55.18 11.25 57.65
N ASN H 90 -53.93 11.31 57.19
CA ASN H 90 -53.13 10.11 56.98
C ASN H 90 -52.33 9.68 58.21
N LEU H 91 -52.50 10.36 59.34
CA LEU H 91 -51.75 10.01 60.53
C LEU H 91 -52.07 8.61 61.03
N GLY H 92 -53.18 8.01 60.59
CA GLY H 92 -53.48 6.65 60.99
C GLY H 92 -52.38 5.68 60.59
N ASP H 93 -51.80 5.87 59.41
CA ASP H 93 -50.64 5.14 58.95
C ASP H 93 -49.48 6.12 58.77
N LEU H 94 -48.31 5.59 58.42
CA LEU H 94 -47.13 6.42 58.17
C LEU H 94 -46.43 5.87 56.94
N VAL H 95 -46.40 6.66 55.87
CA VAL H 95 -45.65 6.28 54.65
C VAL H 95 -44.25 6.83 54.84
N LYS H 96 -43.44 6.08 55.61
CA LYS H 96 -42.08 6.51 55.94
C LYS H 96 -41.12 6.00 54.88
N LYS H 97 -41.03 6.73 53.77
CA LYS H 97 -40.14 6.35 52.69
C LYS H 97 -38.71 6.27 53.20
N ALA H 98 -37.86 5.63 52.39
CA ALA H 98 -36.45 5.46 52.73
C ALA H 98 -35.59 5.76 51.50
N TYR H 99 -34.35 6.17 51.77
CA TYR H 99 -33.34 6.38 50.72
C TYR H 99 -32.25 5.34 50.92
N LYS H 100 -32.31 4.27 50.12
CA LYS H 100 -31.33 3.18 50.15
C LYS H 100 -30.58 3.10 48.82
N ARG H 101 -29.28 3.36 48.86
CA ARG H 101 -28.40 3.19 47.71
C ARG H 101 -27.58 1.91 47.89
N GLU H 102 -27.77 0.95 46.99
CA GLU H 102 -26.97 -0.26 47.03
C GLU H 102 -25.51 0.08 46.77
N THR H 103 -24.63 -0.37 47.67
CA THR H 103 -23.21 -0.01 47.57
C THR H 103 -22.26 -1.11 48.04
N GLY H 104 -22.69 -2.37 48.04
CA GLY H 104 -21.84 -3.44 48.53
C GLY H 104 -20.91 -4.02 47.49
N GLY H 105 -19.79 -3.35 47.25
CA GLY H 105 -18.79 -3.86 46.34
C GLY H 105 -17.66 -2.86 46.20
N VAL H 106 -16.61 -3.30 45.50
CA VAL H 106 -15.45 -2.45 45.25
C VAL H 106 -15.64 -1.68 43.95
N PRO H 107 -15.30 -0.39 43.89
CA PRO H 107 -15.43 0.34 42.62
C PRO H 107 -14.44 -0.16 41.59
N GLN H 108 -14.81 -0.01 40.32
CA GLN H 108 -13.92 -0.30 39.19
C GLN H 108 -13.97 0.83 38.17
N ARG H 109 -12.80 1.16 37.63
CA ARG H 109 -12.69 2.28 36.69
C ARG H 109 -13.57 2.01 35.47
N PRO H 110 -14.35 2.98 35.00
CA PRO H 110 -15.05 2.82 33.73
C PRO H 110 -14.13 3.06 32.55
N SER H 111 -14.42 2.35 31.45
CA SER H 111 -13.73 2.53 30.18
C SER H 111 -14.68 3.21 29.21
N VAL H 112 -14.19 4.27 28.57
CA VAL H 112 -15.00 5.14 27.72
C VAL H 112 -14.54 4.98 26.28
N PHE H 113 -15.49 4.77 25.36
CA PHE H 113 -15.19 4.70 23.95
C PHE H 113 -16.06 5.68 23.18
N LEU H 114 -15.53 6.19 22.08
CA LEU H 114 -16.27 7.06 21.17
C LEU H 114 -16.43 6.33 19.84
N LEU H 115 -17.64 5.83 19.59
CA LEU H 115 -17.90 5.03 18.42
C LEU H 115 -17.95 5.90 17.16
N ALA H 116 -17.95 5.23 16.01
CA ALA H 116 -17.88 5.93 14.74
C ALA H 116 -19.14 6.78 14.55
N PRO H 117 -19.01 7.95 13.92
N PRO H 117 -19.01 7.95 13.92
CA PRO H 117 -20.19 8.80 13.71
CA PRO H 117 -20.19 8.80 13.71
C PRO H 117 -21.20 8.14 12.78
C PRO H 117 -21.20 8.14 12.78
N ALA H 118 -22.47 8.49 12.99
CA ALA H 118 -23.57 7.98 12.18
C ALA H 118 -24.14 9.16 11.39
N GLU H 119 -23.82 9.21 10.10
CA GLU H 119 -24.22 10.28 9.20
C GLU H 119 -25.45 9.89 8.41
N GLN H 120 -26.48 10.72 8.46
CA GLN H 120 -27.74 10.51 7.75
C GLN H 120 -27.90 11.70 6.79
N THR H 121 -27.34 11.54 5.58
CA THR H 121 -27.41 12.59 4.59
C THR H 121 -28.83 12.81 4.08
N SER H 122 -29.72 11.85 4.30
CA SER H 122 -31.12 12.04 3.89
C SER H 122 -31.73 13.22 4.63
N ASP H 123 -31.46 13.33 5.92
CA ASP H 123 -31.93 14.43 6.75
C ASP H 123 -30.84 15.46 7.01
N ASN H 124 -29.61 15.20 6.55
CA ASN H 124 -28.49 16.10 6.77
C ASN H 124 -28.20 16.25 8.26
N THR H 125 -27.96 15.12 8.91
CA THR H 125 -27.68 15.11 10.34
C THR H 125 -26.57 14.11 10.64
N VAL H 126 -25.91 14.30 11.77
CA VAL H 126 -24.86 13.38 12.22
C VAL H 126 -24.99 13.20 13.72
N THR H 127 -24.79 11.97 14.19
CA THR H 127 -24.86 11.64 15.61
C THR H 127 -23.57 10.96 16.04
N LEU H 128 -23.01 11.45 17.14
CA LEU H 128 -21.85 10.87 17.80
C LEU H 128 -22.30 10.10 19.03
N THR H 129 -21.69 8.94 19.25
CA THR H 129 -22.06 8.05 20.35
C THR H 129 -20.90 7.93 21.33
N CYS H 130 -21.23 7.98 22.62
CA CYS H 130 -20.29 7.78 23.70
C CYS H 130 -20.74 6.55 24.46
N TYR H 131 -19.82 5.59 24.66
CA TYR H 131 -20.14 4.29 25.25
C TYR H 131 -19.32 4.02 26.51
N VAL H 132 -19.97 3.93 27.67
CA VAL H 132 -19.28 3.63 28.92
C VAL H 132 -19.42 2.16 29.15
N LYS H 133 -18.32 1.42 29.25
CA LYS H 133 -18.40 -0.04 29.31
C LYS H 133 -18.55 -0.73 30.65
N ASP H 134 -17.90 -0.28 31.71
CA ASP H 134 -17.99 -1.02 32.96
C ASP H 134 -17.75 -0.19 34.20
N PHE H 135 -18.82 0.10 34.92
CA PHE H 135 -18.70 0.87 36.13
C PHE H 135 -19.53 0.18 37.17
N TYR H 136 -18.96 -0.09 38.34
CA TYR H 136 -19.71 -0.86 39.34
C TYR H 136 -20.75 -0.01 40.02
N PRO H 137 -20.39 1.13 40.63
CA PRO H 137 -21.43 2.01 41.19
C PRO H 137 -22.42 2.37 40.10
N LYS H 138 -23.71 2.22 40.41
CA LYS H 138 -24.75 2.42 39.41
C LYS H 138 -25.24 3.87 39.37
N ASP H 139 -24.31 4.80 39.57
CA ASP H 139 -24.57 6.23 39.45
C ASP H 139 -23.44 6.81 38.63
N VAL H 140 -23.78 7.47 37.52
CA VAL H 140 -22.78 8.01 36.59
C VAL H 140 -23.39 9.22 35.92
N LEU H 141 -22.52 10.13 35.48
CA LEU H 141 -22.95 11.32 34.76
C LEU H 141 -22.06 11.51 33.55
N VAL H 142 -22.68 11.83 32.42
CA VAL H 142 -21.96 12.01 31.16
C VAL H 142 -22.36 13.37 30.58
N ALA H 143 -21.36 14.14 30.17
CA ALA H 143 -21.60 15.45 29.58
C ALA H 143 -20.77 15.60 28.31
N TRP H 144 -21.31 16.38 27.38
CA TRP H 144 -20.68 16.67 26.10
C TRP H 144 -20.24 18.11 26.07
N LEU H 145 -19.09 18.38 25.46
CA LEU H 145 -18.61 19.76 25.39
C LEU H 145 -17.85 19.99 24.10
N VAL H 146 -18.04 21.18 23.53
CA VAL H 146 -17.44 21.58 22.27
C VAL H 146 -16.50 22.74 22.53
N ASP H 147 -15.28 22.63 22.02
CA ASP H 147 -14.26 23.67 22.21
C ASP H 147 -14.10 24.01 23.68
N ASP H 148 -14.05 22.98 24.52
CA ASP H 148 -13.84 23.14 25.96
C ASP H 148 -14.93 24.01 26.60
N GLU H 149 -16.12 24.02 26.01
CA GLU H 149 -17.25 24.77 26.56
C GLU H 149 -18.44 23.85 26.69
N PRO H 150 -19.15 23.86 27.82
CA PRO H 150 -20.30 22.95 27.99
C PRO H 150 -21.35 23.18 26.90
N VAL H 151 -22.00 22.09 26.50
CA VAL H 151 -23.03 22.19 25.47
C VAL H 151 -24.14 23.13 25.90
N GLU H 152 -24.36 23.27 27.21
CA GLU H 152 -25.37 24.16 27.75
C GLU H 152 -24.83 25.55 28.04
N ARG H 153 -23.63 25.87 27.52
CA ARG H 153 -23.00 27.17 27.71
C ARG H 153 -22.75 27.75 26.32
N THR H 154 -23.48 28.82 25.98
CA THR H 154 -23.34 29.52 24.70
C THR H 154 -23.41 28.58 23.50
N SER H 155 -23.90 27.35 23.71
CA SER H 155 -24.09 26.40 22.62
C SER H 155 -25.35 25.56 22.82
N SER H 156 -26.29 26.04 23.63
CA SER H 156 -27.46 25.25 24.02
C SER H 156 -28.64 25.42 23.06
N SER H 157 -28.48 26.21 21.99
CA SER H 157 -29.55 26.39 21.03
C SER H 157 -29.80 25.09 20.29
N ALA H 158 -30.79 25.11 19.39
CA ALA H 158 -31.08 23.95 18.55
C ALA H 158 -29.87 23.49 17.75
N LEU H 159 -28.79 24.27 17.73
CA LEU H 159 -27.58 23.86 17.01
C LEU H 159 -27.14 22.46 17.41
N TYR H 160 -27.21 22.13 18.70
CA TYR H 160 -26.76 20.84 19.21
C TYR H 160 -27.83 20.25 20.11
N GLN H 161 -27.95 18.93 20.07
CA GLN H 161 -28.88 18.23 20.95
C GLN H 161 -28.19 17.00 21.53
N PHE H 162 -28.41 16.73 22.82
CA PHE H 162 -27.76 15.61 23.48
C PHE H 162 -28.77 14.84 24.31
N ASN H 163 -28.53 13.54 24.46
CA ASN H 163 -29.38 12.72 25.28
C ASN H 163 -28.61 11.52 25.81
N THR H 164 -29.23 10.74 26.67
CA THR H 164 -28.61 9.58 27.31
C THR H 164 -29.64 8.47 27.44
N THR H 165 -29.17 7.24 27.33
CA THR H 165 -30.05 6.07 27.40
C THR H 165 -30.11 5.57 28.84
N SER H 166 -30.71 4.40 29.03
CA SER H 166 -30.82 3.77 30.34
C SER H 166 -29.56 2.93 30.60
N GLN H 167 -29.59 2.14 31.67
CA GLN H 167 -28.46 1.32 32.10
C GLN H 167 -28.75 -0.15 31.82
N ILE H 168 -27.76 -0.85 31.29
CA ILE H 168 -27.85 -2.29 31.03
C ILE H 168 -26.72 -2.97 31.79
N GLN H 169 -27.05 -4.00 32.57
CA GLN H 169 -26.09 -4.75 33.36
C GLN H 169 -26.11 -6.21 32.95
N SER H 170 -24.92 -6.77 32.74
CA SER H 170 -24.79 -8.20 32.47
C SER H 170 -24.68 -9.00 33.76
N GLY H 171 -23.69 -8.66 34.59
CA GLY H 171 -23.53 -9.30 35.88
C GLY H 171 -23.54 -8.31 37.03
N ARG H 172 -22.36 -8.08 37.61
CA ARG H 172 -22.19 -7.11 38.68
C ARG H 172 -21.93 -5.69 38.16
N THR H 173 -21.64 -5.53 36.87
CA THR H 173 -21.25 -4.27 36.29
C THR H 173 -22.43 -3.63 35.56
N TYR H 174 -22.16 -2.52 34.87
CA TYR H 174 -23.18 -1.76 34.16
C TYR H 174 -22.54 -1.17 32.91
N SER H 175 -23.37 -0.53 32.10
CA SER H 175 -22.88 0.18 30.92
C SER H 175 -23.99 1.09 30.43
N VAL H 176 -23.62 2.14 29.69
CA VAL H 176 -24.58 3.12 29.22
C VAL H 176 -24.11 3.66 27.86
N TYR H 177 -25.03 4.33 27.17
CA TYR H 177 -24.79 4.96 25.88
C TYR H 177 -25.37 6.37 25.91
N SER H 178 -24.68 7.31 25.28
CA SER H 178 -25.15 8.69 25.20
C SER H 178 -24.86 9.20 23.81
N GLN H 179 -25.68 10.14 23.33
CA GLN H 179 -25.58 10.58 21.95
C GLN H 179 -25.65 12.09 21.86
N LEU H 180 -24.97 12.62 20.86
CA LEU H 180 -25.01 14.05 20.52
C LEU H 180 -25.27 14.17 19.03
N THR H 181 -26.29 14.94 18.66
CA THR H 181 -26.76 15.05 17.30
C THR H 181 -26.73 16.51 16.86
N PHE H 182 -26.30 16.73 15.62
CA PHE H 182 -26.29 18.07 15.04
C PHE H 182 -26.21 17.96 13.53
N SER H 183 -26.54 19.06 12.86
CA SER H 183 -26.48 19.09 11.40
C SER H 183 -25.05 18.88 10.91
N ASN H 184 -24.92 18.19 9.79
CA ASN H 184 -23.59 17.87 9.26
C ASN H 184 -22.90 19.08 8.63
N ASP H 185 -23.62 20.18 8.44
CA ASP H 185 -22.96 21.39 7.96
C ASP H 185 -21.85 21.82 8.92
N LEU H 186 -22.13 21.78 10.22
CA LEU H 186 -21.07 22.00 11.20
C LEU H 186 -20.07 20.87 11.19
N TRP H 187 -20.53 19.64 10.93
CA TRP H 187 -19.63 18.49 10.89
C TRP H 187 -18.61 18.60 9.77
N LYS H 188 -18.86 19.47 8.79
CA LYS H 188 -17.93 19.65 7.68
C LYS H 188 -16.83 20.64 7.97
N ASN H 189 -16.95 21.40 9.06
CA ASN H 189 -15.91 22.33 9.45
C ASN H 189 -14.72 21.46 9.78
N GLU H 190 -13.63 21.62 9.06
CA GLU H 190 -12.49 20.71 9.24
C GLU H 190 -11.77 20.75 10.58
N GLU H 191 -12.18 21.58 11.53
CA GLU H 191 -11.50 21.54 12.81
C GLU H 191 -12.37 21.93 13.99
N VAL H 192 -12.87 20.94 14.72
CA VAL H 192 -13.65 21.21 15.91
C VAL H 192 -13.38 20.07 16.85
N VAL H 193 -13.38 20.34 18.14
CA VAL H 193 -13.07 19.32 19.14
C VAL H 193 -14.34 19.03 19.92
N TYR H 194 -14.78 17.76 19.90
CA TYR H 194 -15.94 17.34 20.68
C TYR H 194 -15.48 16.38 21.77
N SER H 195 -15.99 16.53 22.99
CA SER H 195 -15.47 15.77 24.11
C SER H 195 -16.59 15.17 24.94
N CYS H 196 -16.26 14.01 25.53
CA CYS H 196 -17.04 13.35 26.57
C CYS H 196 -16.32 13.48 27.89
N VAL H 197 -17.04 13.93 28.92
CA VAL H 197 -16.55 13.97 30.29
C VAL H 197 -17.51 13.12 31.13
N VAL H 198 -16.94 12.19 31.91
CA VAL H 198 -17.73 11.23 32.68
C VAL H 198 -17.35 11.34 34.14
N TYR H 199 -18.34 11.65 34.98
CA TYR H 199 -18.18 11.67 36.43
C TYR H 199 -18.70 10.35 36.99
N HIS H 200 -17.91 9.75 37.87
CA HIS H 200 -18.27 8.49 38.49
C HIS H 200 -17.52 8.35 39.80
N GLU H 201 -18.07 7.52 40.70
CA GLU H 201 -17.48 7.36 42.03
C GLU H 201 -16.05 6.84 41.94
N SER H 202 -15.84 5.76 41.19
CA SER H 202 -14.55 5.10 41.14
C SER H 202 -13.47 5.97 40.51
N MET H 203 -13.82 7.20 40.13
CA MET H 203 -12.85 8.15 39.61
C MET H 203 -13.36 9.55 39.95
N ILE H 204 -12.91 10.56 39.22
CA ILE H 204 -13.42 11.91 39.40
C ILE H 204 -13.78 12.50 38.04
N LYS H 205 -12.86 12.44 37.09
CA LYS H 205 -13.14 12.92 35.74
C LYS H 205 -12.33 12.11 34.74
N SER H 206 -12.87 12.00 33.53
CA SER H 206 -12.26 11.17 32.48
C SER H 206 -12.74 11.74 31.15
N THR H 207 -11.87 12.50 30.48
CA THR H 207 -12.23 13.15 29.23
C THR H 207 -11.79 12.31 28.04
N ASN H 208 -12.43 12.58 26.90
CA ASN H 208 -12.17 11.81 25.68
C ASN H 208 -12.63 12.65 24.49
N ILE H 209 -11.68 13.12 23.68
CA ILE H 209 -12.01 14.09 22.63
C ILE H 209 -11.90 13.39 21.29
N ILE H 210 -12.65 13.92 20.32
CA ILE H 210 -12.65 13.46 18.94
C ILE H 210 -12.62 14.67 18.03
N MET H 211 -11.87 14.57 16.93
CA MET H 211 -11.71 15.64 15.96
C MET H 211 -11.88 15.10 14.54
N ARG H 212 -12.13 16.02 13.61
CA ARG H 212 -12.37 15.72 12.19
C ARG H 212 -11.40 16.58 11.39
N THR H 213 -10.19 16.07 11.14
CA THR H 213 -9.12 16.83 10.49
C THR H 213 -8.89 16.33 9.08
N ILE H 214 -7.97 16.98 8.36
CA ILE H 214 -7.64 16.63 6.99
C ILE H 214 -6.13 16.55 6.85
N ASP H 215 -5.65 15.53 6.14
CA ASP H 215 -4.22 15.39 5.89
C ASP H 215 -3.70 16.60 5.13
N ARG H 216 -2.61 17.18 5.63
CA ARG H 216 -2.13 18.45 5.07
C ARG H 216 -1.43 18.26 3.73
N THR H 217 -0.57 17.25 3.59
CA THR H 217 0.17 17.08 2.35
C THR H 217 -0.75 16.76 1.19
N SER H 218 -1.63 15.78 1.36
CA SER H 218 -2.62 15.41 0.36
C SER H 218 -3.98 15.40 1.03
N ASN H 219 -5.00 15.94 0.36
CA ASN H 219 -6.30 16.02 0.99
C ASN H 219 -6.87 14.61 1.15
N GLN H 220 -7.16 14.24 2.39
CA GLN H 220 -7.66 12.92 2.76
C GLN H 220 -8.25 13.05 4.17
N PRO H 221 -9.55 13.26 4.31
CA PRO H 221 -10.10 13.45 5.66
C PRO H 221 -9.67 12.33 6.60
N ASN H 222 -9.47 12.68 7.86
CA ASN H 222 -9.16 11.74 8.92
C ASN H 222 -10.00 12.05 10.14
N LEU H 223 -10.22 11.03 10.96
CA LEU H 223 -11.03 11.12 12.16
C LEU H 223 -10.15 10.75 13.35
N VAL H 224 -9.85 11.72 14.21
CA VAL H 224 -8.88 11.50 15.27
C VAL H 224 -9.65 11.32 16.57
N ASN H 225 -9.01 10.63 17.51
CA ASN H 225 -9.62 10.28 18.78
C ASN H 225 -8.53 10.13 19.82
N LEU H 226 -8.64 10.83 20.94
CA LEU H 226 -7.57 10.77 21.93
C LEU H 226 -8.12 11.07 23.32
N SER H 227 -7.31 10.75 24.33
CA SER H 227 -7.67 10.90 25.74
C SER H 227 -6.43 11.43 26.47
N LEU H 228 -6.27 12.75 26.49
CA LEU H 228 -5.09 13.36 27.11
C LEU H 228 -5.24 13.33 28.62
N ASN H 229 -4.59 12.37 29.27
CA ASN H 229 -4.61 12.28 30.72
C ASN H 229 -3.64 13.23 31.38
N VAL H 230 -2.88 13.97 30.57
CA VAL H 230 -1.90 14.90 31.10
C VAL H 230 -2.52 15.67 32.25
N PRO H 231 -1.92 15.58 33.43
CA PRO H 231 -2.44 16.42 34.51
C PRO H 231 -2.34 17.87 34.07
N GLN H 232 -1.15 18.34 33.77
CA GLN H 232 -0.99 19.70 33.24
C GLN H 232 -1.46 20.76 34.23
N ARG H 233 -1.83 20.36 35.43
CA ARG H 233 -2.36 21.31 36.40
C ARG H 233 -1.42 22.50 36.53
N CYS H 234 -1.96 23.71 36.44
CA CYS H 234 -1.14 24.90 36.54
C CYS H 234 -0.87 25.24 37.99
C1 NAG I . 37.62 14.34 19.34
C2 NAG I . 38.59 13.38 19.99
C3 NAG I . 39.84 14.12 20.43
C4 NAG I . 40.44 14.84 19.25
C5 NAG I . 39.40 15.75 18.61
C6 NAG I . 39.98 16.43 17.38
C7 NAG I . 37.23 11.67 21.05
C8 NAG I . 36.67 11.17 22.35
N2 NAG I . 37.98 12.76 21.16
O3 NAG I . 40.80 13.18 20.94
O4 NAG I . 41.55 15.61 19.71
O5 NAG I . 38.24 15.01 18.25
O6 NAG I . 40.48 15.43 16.48
O7 NAG I . 37.00 11.13 19.99
H2 NAG I . 38.88 12.61 19.28
H3 NAG I . 39.58 14.85 21.20
H4 NAG I . 40.78 14.09 18.51
H5 NAG I . 39.14 16.53 19.34
H61 NAG I . 40.78 17.11 17.66
H62 NAG I . 39.20 17.00 16.87
H81 NAG I . 35.98 11.89 22.73
H82 NAG I . 37.45 11.02 23.03
H83 NAG I . 36.15 10.26 22.17
HN2 NAG I . 38.14 13.17 22.07
HO3 NAG I . 41.69 13.56 20.84
HO6 NAG I . 40.45 15.77 15.58
C1 NAG I . 42.68 15.32 18.89
C2 NAG I . 43.67 16.48 18.92
C3 NAG I . 44.81 16.20 17.96
C4 NAG I . 45.46 14.88 18.32
C5 NAG I . 44.41 13.78 18.32
C6 NAG I . 45.02 12.45 18.73
C7 NAG I . 42.44 18.49 19.44
C8 NAG I . 41.79 19.71 18.86
N2 NAG I . 43.02 17.71 18.54
O3 NAG I . 45.78 17.26 18.05
O4 NAG I . 46.45 14.61 17.33
O5 NAG I . 43.34 14.09 19.21
O6 NAG I . 44.00 11.45 18.72
O7 NAG I . 42.41 18.25 20.63
H2 NAG I . 44.08 16.56 19.93
H3 NAG I . 44.41 16.14 16.94
H4 NAG I . 45.90 14.97 19.33
H5 NAG I . 44.01 13.68 17.29
H61 NAG I . 45.44 12.54 19.73
H62 NAG I . 45.81 12.17 18.04
H81 NAG I . 41.04 19.42 18.18
H82 NAG I . 42.51 20.29 18.35
H83 NAG I . 41.36 20.29 19.64
HN2 NAG I . 43.01 17.96 17.57
HO3 NAG I . 46.53 17.05 17.49
HO6 NAG I . 43.18 11.84 18.36
C1 BMA I . 47.74 14.26 17.89
C2 BMA I . 48.64 15.46 18.02
C3 BMA I . 50.03 15.01 18.39
C4 BMA I . 49.95 14.19 19.66
C5 BMA I . 48.99 13.01 19.48
C6 BMA I . 48.84 12.21 20.75
O2 BMA I . 48.14 16.35 19.02
O3 BMA I . 50.87 16.14 18.60
O4 BMA I . 51.26 13.70 19.98
O5 BMA I . 47.71 13.50 19.10
O6 BMA I . 50.07 11.54 21.06
H4 BMA I . 49.58 14.82 20.48
H5 BMA I . 49.39 12.36 18.68
H61 BMA I . 48.56 12.88 21.57
H62 BMA I . 48.05 11.47 20.62
HO4 BMA I . 51.89 14.44 19.93
HO6 BMA I . 50.27 11.65 22.01
C1 NAG J . 32.52 26.86 5.71
C2 NAG J . 32.36 28.24 5.12
C3 NAG J . 33.59 29.06 5.39
C4 NAG J . 33.83 29.10 6.89
C5 NAG J . 33.94 27.69 7.43
C6 NAG J . 34.14 27.71 8.93
C7 NAG J . 30.95 27.99 3.16
C8 NAG J . 30.92 27.88 1.66
N2 NAG J . 32.16 28.14 3.69
O3 NAG J . 33.41 30.40 4.90
O4 NAG J . 35.04 29.82 7.11
O5 NAG J . 32.76 26.94 7.12
O6 NAG J . 35.41 28.29 9.23
O7 NAG J . 29.94 27.95 3.83
H2 NAG J . 31.49 28.73 5.57
H3 NAG J . 34.45 28.60 4.90
H4 NAG J . 32.98 29.59 7.37
H5 NAG J . 34.81 27.21 6.97
H61 NAG J . 34.09 26.70 9.33
H62 NAG J . 33.35 28.30 9.40
H81 NAG J . 31.55 27.08 1.37
H82 NAG J . 31.25 28.79 1.24
H83 NAG J . 29.93 27.68 1.34
HN2 NAG J . 32.96 28.18 3.08
HO3 NAG J . 34.03 30.99 5.35
HO6 NAG J . 35.33 28.90 9.99
C1 NAG J . 34.77 30.93 7.97
C2 NAG J . 36.06 31.69 8.24
C3 NAG J . 35.81 32.79 9.25
C4 NAG J . 34.75 33.70 8.68
C5 NAG J . 33.50 32.88 8.40
C6 NAG J . 32.37 33.75 7.86
C7 NAG J . 37.94 30.16 7.95
C8 NAG J . 38.90 29.26 8.66
N2 NAG J . 37.08 30.79 8.75
O3 NAG J . 37.04 33.48 9.47
O4 NAG J . 34.42 34.74 9.60
O5 NAG J . 33.80 31.84 7.47
O6 NAG J . 32.78 34.35 6.63
O7 NAG J . 37.94 30.31 6.74
H2 NAG J . 36.41 32.15 7.30
H3 NAG J . 35.45 32.34 10.18
H4 NAG J . 35.12 34.13 7.73
H5 NAG J . 33.18 32.41 9.33
H61 NAG J . 32.13 34.51 8.59
H62 NAG J . 31.48 33.12 7.70
H81 NAG J . 38.37 28.52 9.17
H82 NAG J . 39.48 29.83 9.34
H83 NAG J . 39.54 28.80 7.94
HN2 NAG J . 37.13 30.65 9.75
HO3 NAG J . 37.18 34.13 8.76
HO6 NAG J . 32.10 34.97 6.34
C1 BMA J . 35.32 35.85 9.38
C2 BMA J . 34.56 37.16 9.40
C3 BMA J . 35.52 38.30 9.15
C4 BMA J . 36.62 38.27 10.19
C5 BMA J . 37.30 36.91 10.16
C6 BMA J . 38.38 36.81 11.24
O2 BMA J . 33.92 37.33 10.67
O3 BMA J . 34.82 39.55 9.23
O4 BMA J . 37.56 39.31 9.95
O5 BMA J . 36.36 35.87 10.37
O6 BMA J . 38.98 35.51 11.15
H4 BMA J . 36.17 38.40 11.19
H5 BMA J . 37.78 36.79 9.18
H61 BMA J . 37.93 36.95 12.22
H62 BMA J . 39.13 37.58 11.09
HO4 BMA J . 37.11 40.16 9.92
HO6 BMA J . 38.41 34.93 10.63
C1 NAG K . 28.17 -12.35 -22.60
C2 NAG K . 28.84 -13.70 -22.45
C3 NAG K . 29.69 -14.02 -23.66
C4 NAG K . 28.79 -13.96 -24.87
C5 NAG K . 28.13 -12.60 -24.95
C6 NAG K . 27.21 -12.56 -26.17
C7 NAG K . 30.64 -13.04 -20.84
C8 NAG K . 31.17 -11.98 -21.77
N2 NAG K . 29.60 -13.80 -21.21
O3 NAG K . 30.29 -15.31 -23.53
O4 NAG K . 29.57 -14.17 -26.05
O5 NAG K . 27.37 -12.35 -23.78
O6 NAG K . 26.30 -13.65 -26.08
O7 NAG K . 31.16 -13.22 -19.76
H2 NAG K . 28.04 -14.46 -22.40
H3 NAG K . 30.47 -13.26 -23.77
H4 NAG K . 28.03 -14.74 -24.77
H5 NAG K . 28.91 -11.83 -25.07
H61 NAG K . 27.81 -12.63 -27.09
H62 NAG K . 26.66 -11.61 -26.17
H81 NAG K . 31.56 -11.19 -21.18
H82 NAG K . 30.42 -11.60 -22.39
H83 NAG K . 31.95 -12.39 -22.35
HN2 NAG K . 29.29 -14.50 -20.55
HO3 NAG K . 30.63 -15.59 -24.39
HO6 NAG K . 25.53 -13.47 -26.65
C1 NAG K . 29.13 -15.38 -26.68
C2 NAG K . 29.74 -15.47 -28.07
C3 NAG K . 29.28 -16.73 -28.75
C4 NAG K . 29.66 -17.92 -27.89
C5 NAG K . 29.05 -17.75 -26.51
C6 NAG K . 29.40 -18.91 -25.59
C7 NAG K . 30.05 -13.20 -28.90
C8 NAG K . 29.47 -12.11 -29.73
N2 NAG K . 29.34 -14.32 -28.86
O3 NAG K . 29.89 -16.81 -30.04
O4 NAG K . 29.18 -19.13 -28.47
O5 NAG K . 29.50 -16.52 -25.92
O6 NAG K . 30.83 -19.01 -25.49
O7 NAG K . 31.11 -13.06 -28.29
H2 NAG K . 30.83 -15.49 -27.98
H3 NAG K . 28.18 -16.70 -28.85
H4 NAG K . 30.76 -17.94 -27.79
H5 NAG K . 27.95 -17.71 -26.61
H61 NAG K . 28.99 -19.84 -26.00
H62 NAG K . 28.97 -18.75 -24.61
H81 NAG K . 28.57 -11.77 -29.28
H82 NAG K . 29.26 -12.48 -30.69
H83 NAG K . 30.15 -11.30 -29.79
HN2 NAG K . 28.49 -14.39 -29.39
HO3 NAG K . 29.45 -17.49 -30.56
HO6 NAG K . 31.06 -19.88 -25.16
C1 BMA K . 30.21 -19.65 -29.34
C2 BMA K . 30.37 -21.13 -29.07
C3 BMA K . 31.43 -21.71 -30.00
C4 BMA K . 31.04 -21.41 -31.43
C5 BMA K . 30.86 -19.91 -31.63
C6 BMA K . 30.41 -19.60 -33.04
O2 BMA K . 29.12 -21.80 -29.30
O3 BMA K . 31.52 -23.12 -29.83
O4 BMA K . 32.05 -21.88 -32.32
O5 BMA K . 29.87 -19.43 -30.70
O6 BMA K . 30.30 -18.18 -33.22
H4 BMA K . 30.09 -21.91 -31.66
H5 BMA K . 31.81 -19.41 -31.43
H61 BMA K . 29.45 -20.07 -33.24
H62 BMA K . 31.14 -20.00 -33.75
HO4 BMA K . 32.22 -22.81 -32.14
HO6 BMA K . 29.53 -17.87 -32.72
C1 NAG L . 16.57 -0.81 -32.53
C2 NAG L . 16.19 0.19 -33.61
C3 NAG L . 16.85 -0.19 -34.92
C4 NAG L . 18.34 -0.26 -34.68
C5 NAG L . 18.65 -1.25 -33.57
C6 NAG L . 20.16 -1.29 -33.33
C7 NAG L . 14.13 1.31 -34.18
C8 NAG L . 12.63 1.19 -34.26
N2 NAG L . 14.75 0.22 -33.75
O3 NAG L . 16.56 0.79 -35.91
O4 NAG L . 18.96 -0.70 -35.89
O5 NAG L . 17.99 -0.86 -32.37
O6 NAG L . 20.65 0.03 -33.07
O7 NAG L . 14.71 2.34 -34.46
H2 NAG L . 16.56 1.17 -33.31
H3 NAG L . 16.49 -1.18 -35.23
H4 NAG L . 18.70 0.74 -34.40
H5 NAG L . 18.32 -2.25 -33.88
H61 NAG L . 20.66 -1.70 -34.21
H62 NAG L . 20.37 -1.94 -32.49
H81 NAG L . 12.25 0.90 -33.32
H82 NAG L . 12.39 0.46 -34.98
H83 NAG L . 12.22 2.12 -34.54
HN2 NAG L . 14.22 -0.60 -33.53
HO3 NAG L . 17.25 0.77 -36.59
HO6 NAG L . 21.36 -0.01 -32.41
C1 NAG L . 19.90 0.30 -36.28
C2 NAG L . 20.77 -0.24 -37.41
C3 NAG L . 21.81 0.78 -37.80
C4 NAG L . 21.09 2.06 -38.18
C5 NAG L . 20.21 2.53 -37.03
C6 NAG L . 19.43 3.78 -37.38
C7 NAG L . 20.86 -2.66 -37.18
C8 NAG L . 21.65 -3.82 -36.68
N2 NAG L . 21.42 -1.47 -37.00
O3 NAG L . 22.59 0.25 -38.87
O4 NAG L . 22.05 3.08 -38.49
O5 NAG L . 19.28 1.51 -36.69
O6 NAG L . 20.30 4.85 -37.75
O7 NAG L . 19.77 -2.80 -37.72
H2 NAG L . 20.13 -0.44 -38.28
H3 NAG L . 22.45 0.98 -36.93
H4 NAG L . 20.46 1.87 -39.06
H5 NAG L . 20.86 2.73 -36.17
H61 NAG L . 18.83 4.08 -36.52
H62 NAG L . 18.75 3.56 -38.20
H81 NAG L . 21.76 -3.74 -35.63
H82 NAG L . 22.61 -3.81 -37.12
H83 NAG L . 21.15 -4.73 -36.92
HN2 NAG L . 22.33 -1.41 -36.56
HO3 NAG L . 23.50 0.56 -38.80
HO6 NAG L . 21.20 4.65 -37.45
C1 BMA L . 22.60 2.85 -39.80
C2 BMA L . 22.54 4.12 -40.62
C3 BMA L . 23.11 3.86 -42.01
C4 BMA L . 24.52 3.31 -41.87
C5 BMA L . 24.51 2.07 -41.00
C6 BMA L . 25.92 1.52 -40.78
O2 BMA L . 23.31 5.15 -39.98
O3 BMA L . 23.14 5.06 -42.76
O4 BMA L . 25.03 3.00 -43.16
O5 BMA L . 23.94 2.37 -39.73
O6 BMA L . 26.44 1.01 -42.00
H4 BMA L . 25.16 4.07 -41.38
H5 BMA L . 23.90 1.29 -41.50
H61 BMA L . 25.89 0.74 -40.03
H62 BMA L . 26.56 2.32 -40.41
HO4 BMA L . 24.87 3.74 -43.76
HO6 BMA L . 27.38 0.81 -41.90
C1 NAG M . -19.93 -26.80 -14.72
C2 NAG M . -19.64 -28.24 -14.35
C3 NAG M . -20.44 -29.18 -15.23
C4 NAG M . -21.90 -28.83 -15.09
C5 NAG M . -22.13 -27.37 -15.44
C6 NAG M . -23.61 -27.01 -15.30
C7 NAG M . -17.60 -29.40 -13.75
C8 NAG M . -16.13 -29.53 -14.03
N2 NAG M . -18.23 -28.50 -14.50
O3 NAG M . -20.23 -30.53 -14.83
O4 NAG M . -22.65 -29.65 -15.98
O5 NAG M . -21.32 -26.53 -14.59
O6 NAG M . -24.12 -27.51 -14.06
O7 NAG M . -18.16 -30.06 -12.89
H2 NAG M . -19.93 -28.40 -13.31
H3 NAG M . -20.14 -29.04 -16.28
H4 NAG M . -22.21 -29.01 -14.04
H5 NAG M . -21.83 -27.22 -16.48
H61 NAG M . -24.16 -27.45 -16.13
H62 NAG M . -23.72 -25.92 -15.32
H81 NAG M . -15.67 -28.58 -13.98
H82 NAG M . -15.99 -29.93 -15.00
H83 NAG M . -15.69 -30.18 -13.31
HN2 NAG M . -17.71 -27.98 -15.20
HO3 NAG M . -21.00 -31.06 -15.10
HO6 NAG M . -24.87 -26.97 -13.78
C1 NAG M . -23.71 -30.29 -15.26
C2 NAG M . -24.64 -30.98 -16.25
C3 NAG M . -25.80 -31.61 -15.52
C4 NAG M . -25.23 -32.60 -14.52
C5 NAG M . -24.29 -31.87 -13.57
C6 NAG M . -23.72 -32.81 -12.53
C7 NAG M . -24.51 -29.76 -18.35
C8 NAG M . -25.18 -28.72 -19.20
N2 NAG M . -25.14 -30.02 -17.21
O3 NAG M . -26.66 -32.26 -16.45
O4 NAG M . -26.31 -33.19 -13.78
O5 NAG M . -23.23 -31.26 -14.32
O6 NAG M . -22.96 -33.82 -13.20
O7 NAG M . -23.48 -30.31 -18.68
H2 NAG M . -24.08 -31.76 -16.78
H3 NAG M . -26.34 -30.83 -14.98
H4 NAG M . -24.65 -33.36 -15.05
H5 NAG M . -24.87 -31.08 -13.05
H61 NAG M . -24.53 -33.26 -11.95
H62 NAG M . -23.08 -32.25 -11.85
H81 NAG M . -25.22 -27.81 -18.66
H82 NAG M . -26.17 -29.04 -19.43
H83 NAG M . -24.63 -28.60 -20.09
HN2 NAG M . -26.00 -29.54 -16.99
HO3 NAG M . -27.35 -32.74 -15.98
HO6 NAG M . -22.66 -34.47 -12.54
C1 BMA M . -26.55 -34.55 -14.20
C2 BMA M . -27.95 -34.93 -13.72
C3 BMA M . -28.26 -36.36 -14.12
C4 BMA M . -28.12 -36.49 -15.62
C5 BMA M . -26.72 -36.06 -16.04
C6 BMA M . -26.55 -36.14 -17.55
O2 BMA M . -28.90 -34.04 -14.32
O3 BMA M . -29.59 -36.69 -13.73
O4 BMA M . -28.35 -37.84 -16.01
O5 BMA M . -26.47 -34.72 -15.61
O6 BMA M . -27.50 -35.28 -18.20
H4 BMA M . -28.84 -35.83 -16.10
H5 BMA M . -25.99 -36.73 -15.57
H61 BMA M . -26.71 -37.18 -17.88
H62 BMA M . -25.54 -35.85 -17.83
HO4 BMA M . -29.21 -38.13 -15.66
HO6 BMA M . -28.34 -35.74 -18.31
C1 NAG N . -30.41 -11.80 -18.92
C2 NAG N . -31.44 -10.91 -19.60
C3 NAG N . -32.57 -11.76 -20.13
C4 NAG N . -31.97 -12.79 -21.08
C5 NAG N . -30.93 -13.62 -20.35
C6 NAG N . -30.33 -14.67 -21.28
C7 NAG N . -31.29 -8.82 -18.37
C8 NAG N . -31.96 -7.92 -17.38
N2 NAG N . -31.96 -9.94 -18.65
O3 NAG N . -33.52 -10.96 -20.82
O4 NAG N . -32.98 -13.63 -21.62
O5 NAG N . -29.91 -12.75 -19.85
O6 NAG N . -29.92 -14.06 -22.49
O7 NAG N . -30.22 -8.54 -18.87
H2 NAG N . -30.97 -10.38 -20.43
H3 NAG N . -33.05 -12.29 -19.28
H4 NAG N . -31.47 -12.24 -21.89
H5 NAG N . -31.42 -14.13 -19.51
H61 NAG N . -31.08 -15.44 -21.48
H62 NAG N . -29.48 -15.14 -20.80
H81 NAG N . -31.97 -8.38 -16.42
H82 NAG N . -32.96 -7.73 -17.68
H83 NAG N . -31.43 -6.99 -17.32
HN2 NAG N . -32.84 -10.12 -18.21
HO3 NAG N . -33.86 -11.45 -21.58
HO6 NAG N . -29.74 -14.74 -23.15
C1 NAG N . -32.74 -13.74 -23.02
C2 NAG N . -33.46 -14.93 -23.62
C3 NAG N . -33.10 -15.05 -25.07
C4 NAG N . -33.51 -13.76 -25.76
C5 NAG N . -32.77 -12.61 -25.11
C6 NAG N . -33.09 -11.29 -25.78
C7 NAG N . -33.80 -16.68 -21.96
C8 NAG N . -33.21 -17.92 -21.37
N2 NAG N . -33.08 -16.15 -22.93
O3 NAG N . -33.77 -16.17 -25.66
O4 NAG N . -33.22 -13.84 -27.17
O5 NAG N . -33.13 -12.55 -23.72
O6 NAG N . -34.49 -11.05 -25.74
O7 NAG N . -34.85 -16.20 -21.57
H2 NAG N . -34.55 -14.77 -23.53
H3 NAG N . -32.01 -15.17 -25.16
H4 NAG N . -34.58 -13.62 -25.61
H5 NAG N . -31.69 -12.80 -25.19
H61 NAG N . -32.74 -11.30 -26.82
H62 NAG N . -32.56 -10.48 -25.28
H81 NAG N . -32.25 -17.71 -21.01
H82 NAG N . -33.15 -18.67 -22.12
H83 NAG N . -33.83 -18.26 -20.58
HN2 NAG N . -32.22 -16.60 -23.22
HO3 NAG N . -33.26 -16.47 -26.42
HO6 NAG N . -34.72 -10.35 -26.36
C1 BMA N . -34.42 -13.46 -27.85
C2 BMA N . -34.16 -12.79 -29.20
C3 BMA N . -34.22 -13.76 -30.38
C4 BMA N . -35.39 -14.75 -30.28
C5 BMA N . -35.61 -15.35 -28.89
C6 BMA N . -34.66 -16.53 -28.65
O2 BMA N . -32.87 -12.17 -29.20
O3 BMA N . -32.99 -14.49 -30.48
O4 BMA N . -36.59 -14.07 -30.65
O5 BMA N . -35.50 -14.38 -27.82
O6 BMA N . -33.31 -16.09 -28.44
H4 BMA N . -35.20 -15.57 -30.98
H5 BMA N . -36.63 -15.76 -28.88
H61 BMA N . -34.69 -17.20 -29.50
H62 BMA N . -34.99 -17.09 -27.77
HO4 BMA N . -36.44 -13.60 -31.49
HO6 BMA N . -32.87 -15.99 -29.30
C1 NAG O . -29.97 -6.51 29.76
C2 NAG O . -29.78 -7.69 30.71
C3 NAG O . -30.88 -7.75 31.73
C4 NAG O . -30.95 -6.42 32.47
C5 NAG O . -31.09 -5.29 31.48
C6 NAG O . -31.07 -3.95 32.20
C7 NAG O . -30.66 -9.31 29.13
C8 NAG O . -30.41 -10.61 28.43
N2 NAG O . -29.71 -8.94 29.97
O3 NAG O . -30.62 -8.81 32.65
O4 NAG O . -32.08 -6.42 33.34
O5 NAG O . -30.04 -5.30 30.50
O6 NAG O . -29.93 -3.90 33.06
O7 NAG O . -31.67 -8.66 28.92
H2 NAG O . -28.83 -7.55 31.23
H3 NAG O . -31.85 -7.91 31.24
H4 NAG O . -30.02 -6.30 33.05
H5 NAG O . -32.07 -5.40 30.97
H61 NAG O . -31.98 -3.84 32.80
H62 NAG O . -31.02 -3.14 31.48
H81 NAG O . -30.18 -11.36 29.15
H82 NAG O . -29.60 -10.51 27.77
H83 NAG O . -31.28 -10.90 27.90
HN2 NAG O . -28.91 -9.53 30.11
HO3 NAG O . -31.26 -8.77 33.38
HO6 NAG O . -29.75 -2.98 33.30
C1 NAG O . -31.66 -6.52 34.72
C2 NAG O . -32.73 -5.92 35.61
C3 NAG O . -32.39 -6.06 37.09
C4 NAG O . -32.02 -7.49 37.41
C5 NAG O . -30.97 -8.03 36.46
C6 NAG O . -30.80 -9.53 36.70
C7 NAG O . -33.91 -4.12 34.49
C8 NAG O . -33.95 -2.64 34.24
N2 NAG O . -32.93 -4.52 35.30
O3 NAG O . -33.52 -5.65 37.85
O4 NAG O . -31.47 -7.52 38.73
O5 NAG O . -31.34 -7.85 35.10
O6 NAG O . -29.73 -10.02 35.87
O7 NAG O . -34.73 -4.88 34.00
H2 NAG O . -33.67 -6.47 35.44
H3 NAG O . -31.55 -5.39 37.32
H4 NAG O . -32.92 -8.12 37.36
H5 NAG O . -30.00 -7.57 36.67
H61 NAG O . -31.73 -10.04 36.46
H62 NAG O . -30.56 -9.70 37.75
H81 NAG O . -32.98 -2.30 33.98
H82 NAG O . -34.27 -2.14 35.12
H83 NAG O . -34.63 -2.43 33.46
HN2 NAG O . -32.29 -3.85 35.68
HO3 NAG O . -33.30 -5.65 38.79
HO6 NAG O . -29.50 -10.92 36.15
C1 BMA O . -32.41 -8.11 39.64
C2 BMA O . -31.67 -8.55 40.88
C3 BMA O . -32.63 -9.13 41.90
C4 BMA O . -33.71 -8.11 42.20
C5 BMA O . -34.39 -7.67 40.91
C6 BMA O . -35.42 -6.58 41.18
O2 BMA O . -31.00 -7.43 41.45
O3 BMA O . -31.95 -9.48 43.09
O4 BMA O . -34.67 -8.67 43.09
O5 BMA O . -33.43 -7.17 40.00
O6 BMA O . -35.95 -6.13 39.93
H4 BMA O . -33.24 -7.23 42.66
H5 BMA O . -34.90 -8.54 40.48
H61 BMA O . -34.94 -5.76 41.71
H62 BMA O . -36.22 -6.98 41.82
HO4 BMA O . -34.25 -8.85 43.95
HO6 BMA O . -35.39 -6.45 39.22
C1 NAG P . -34.17 12.11 25.59
C2 NAG P . -35.19 13.20 25.31
C3 NAG P . -36.30 13.14 26.35
C4 NAG P . -36.90 11.75 26.35
C5 NAG P . -35.82 10.71 26.59
C6 NAG P . -36.41 9.32 26.52
C7 NAG P . -33.97 15.01 24.25
C8 NAG P . -33.34 16.36 24.44
N2 NAG P . -34.56 14.50 25.34
O3 NAG P . -37.30 14.10 26.03
O4 NAG P . -37.87 11.69 27.39
O5 NAG P . -34.79 10.83 25.61
O6 NAG P . -37.26 9.11 27.66
O7 NAG P . -33.94 14.42 23.19
H2 NAG P . -35.64 13.02 24.32
H3 NAG P . -35.87 13.35 27.34
H4 NAG P . -37.37 11.56 25.38
H5 NAG P . -35.40 10.86 27.60
H61 NAG P . -35.61 8.57 26.52
H62 NAG P . -36.99 9.21 25.60
H81 NAG P . -32.57 16.29 25.17
H82 NAG P . -34.08 17.04 24.77
H83 NAG P . -32.93 16.68 23.52
HN2 NAG P . -34.56 15.02 26.19
HO3 NAG P . -38.10 13.91 26.54
HO6 NAG P . -37.97 8.50 27.42
C1 NAG P . -39.16 11.45 26.83
C2 NAG P . -40.16 11.26 27.94
C3 NAG P . -41.53 10.97 27.36
C4 NAG P . -41.92 12.12 26.44
C5 NAG P . -40.84 12.28 25.37
C6 NAG P . -41.15 13.44 24.43
C7 NAG P . -39.03 10.32 29.87
C8 NAG P . -38.74 9.07 30.64
N2 NAG P . -39.80 10.15 28.80
O3 NAG P . -42.46 10.83 28.45
O4 NAG P . -43.16 11.84 25.81
O5 NAG P . -39.57 12.51 25.98
O6 NAG P . -42.35 13.20 23.70
O7 NAG P . -38.60 11.41 30.21
H2 NAG P . -40.22 12.19 28.53
H3 NAG P . -41.49 10.05 26.77
H4 NAG P . -41.98 13.04 27.02
H5 NAG P . -40.81 11.36 24.77
H61 NAG P . -40.32 13.57 23.73
H62 NAG P . -41.25 14.36 25.01
H81 NAG P . -38.29 8.36 29.98
H82 NAG P . -39.64 8.67 31.00
H83 NAG P . -38.09 9.28 31.44
HN2 NAG P . -40.12 9.24 28.55
HO3 NAG P . -43.19 10.26 28.17
HO6 NAG P . -42.37 13.76 22.91
C1 BMA P . -44.25 12.23 26.67
C2 BMA P . -45.34 12.87 25.83
C3 BMA P . -46.52 13.26 26.71
C4 BMA P . -47.01 12.04 27.44
C5 BMA P . -45.87 11.42 28.23
C6 BMA P . -46.33 10.15 28.94
O2 BMA P . -45.78 11.95 24.83
O3 BMA P . -47.57 13.81 25.91
O4 BMA P . -48.08 12.39 28.32
O5 BMA P . -44.78 11.10 27.35
O6 BMA P . -45.21 9.57 29.63
H4 BMA P . -47.36 11.29 26.70
H5 BMA P . -45.53 12.14 28.98
H61 BMA P . -46.72 9.44 28.20
H62 BMA P . -47.12 10.38 29.65
HO4 BMA P . -48.77 12.84 27.81
HO6 BMA P . -45.50 8.74 30.05
#